data_9MW5
#
_entry.id   9MW5
#
_cell.length_a   1.00
_cell.length_b   1.00
_cell.length_c   1.00
_cell.angle_alpha   90.00
_cell.angle_beta   90.00
_cell.angle_gamma   90.00
#
_symmetry.space_group_name_H-M   'P 1'
#
loop_
_entity.id
_entity.type
_entity.pdbx_description
1 polymer 'Envelope glycoprotein B'
2 polymer 'D1 Neutralizing Nanobody'
3 non-polymer 'SODIUM ION'
4 water water
#
loop_
_entity_poly.entity_id
_entity_poly.type
_entity_poly.pdbx_seq_one_letter_code
_entity_poly.pdbx_strand_id
1 'polypeptide(L)'
;APAAPAAPRASGGVAATVAANGGPASRPPPVPSPATTKARKRKTKKPPKRPEATPPPDANATVAAGHATLRAHLREIKVE
NADAQFYVCPPPTGATVVQFEQPRRCPTRPEGQNYTEGIAVVFKENIAPYKFKATMYYKDVTVSQVWFGHRYSQFMGIFE
DRAPVPFEEVIDKINAKGVCRSTAKYVRNNMETTAFHRDDHETDMELKPAKVATRTSRGWHTTDLKYNPSRVEAFHRYGT
TVNCIVEEVDARSVYPYDEFVLATGDFVYMSPFYGYREGSHTEHTSYAADRFKQVDGFYARDLTTKARATSPTTRNLLTT
PKFTVAWDWVPKRPAVCTMTKWQEVDEMLRAEYGGSFRFSSDAISTTFTTNLTEYSLSRVDLGDCIGRDAREAIDRMFAR
KYNATHIKVGQPQYYLATGGFLIAYQPLLSNTLAELYVREYMREQDRKPRNATPAPLREAPSANASVERIKTTSSIEFAR
LQFTYNHIQRHVNDMLGRIAVAWCELQNHELTLWNEARKLNPNAIASATVGRRVSARMLGDVMAVSTCVPVAPDNVIVQN
SMRVSSRPGTCYSRPLVSFRYEDQGPLIEGQLGENNELRLTRDALEPCTVGHRRYFIFGGGYVYFEEYAYSHQLSRADVT
TVSTFIDLNITMLEDHEFVPLEVYTRHEIKDSGLLDYTEVQRRNQLHDLRFADIDTVIRADANAAGGGSHHHHHHHHGSD
YKDDDDK
;
A,B,C
2 'polypeptide(L)'
;EVQLLESGGGLVQPGGSLRLSCAASGRGFSMLNVGWFRQAPGKGREFVATISWTGERTYYGDSVKGRFTISRDNSKNTAY
LQMNSLRAEDTAVYYCAAVGPKTWDYGLASEYDYWGQGTQVTVSSHHHHHH
;
D,E,F
#
# COMPACT_ATOMS: atom_id res chain seq x y z
N ASP A 83 12.12 40.56 17.50
CA ASP A 83 11.66 41.30 18.66
C ASP A 83 12.56 42.53 18.90
N ALA A 84 12.01 43.71 18.66
CA ALA A 84 12.76 44.96 18.83
C ALA A 84 12.60 45.56 20.22
N GLN A 85 11.76 44.97 21.08
CA GLN A 85 11.52 45.52 22.41
C GLN A 85 12.78 45.45 23.26
N PHE A 86 12.99 46.48 24.07
CA PHE A 86 14.07 46.47 25.04
C PHE A 86 13.58 45.88 26.35
N TYR A 87 14.52 45.54 27.23
CA TYR A 87 14.16 44.92 28.51
C TYR A 87 15.06 45.44 29.60
N VAL A 88 14.47 45.78 30.74
CA VAL A 88 15.22 46.14 31.95
C VAL A 88 15.13 44.96 32.90
N CYS A 89 16.28 44.45 33.30
CA CYS A 89 16.35 43.21 34.08
C CYS A 89 16.89 43.49 35.48
N PRO A 90 16.05 43.45 36.52
CA PRO A 90 16.55 43.63 37.88
C PRO A 90 17.32 42.40 38.34
N PRO A 91 18.17 42.54 39.36
CA PRO A 91 18.95 41.39 39.83
C PRO A 91 18.05 40.25 40.26
N PRO A 92 18.40 39.01 39.90
CA PRO A 92 17.55 37.86 40.24
C PRO A 92 17.80 37.40 41.66
N THR A 93 16.81 37.61 42.53
CA THR A 93 16.87 37.07 43.87
C THR A 93 16.47 35.60 43.87
N GLY A 94 16.68 34.94 45.01
CA GLY A 94 16.35 33.53 45.13
C GLY A 94 14.88 33.28 45.36
N ALA A 95 14.03 34.24 45.00
CA ALA A 95 12.59 34.08 45.17
C ALA A 95 12.06 32.93 44.32
N THR A 96 12.51 32.84 43.07
CA THR A 96 12.15 31.72 42.20
C THR A 96 13.41 31.19 41.53
N VAL A 97 13.67 29.90 41.70
CA VAL A 97 14.82 29.22 41.14
C VAL A 97 14.32 28.10 40.24
N VAL A 98 15.14 27.76 39.24
CA VAL A 98 14.81 26.69 38.30
C VAL A 98 16.02 25.78 38.15
N GLN A 99 15.72 24.56 37.71
CA GLN A 99 16.72 23.55 37.40
C GLN A 99 16.42 23.00 36.01
N PHE A 100 17.44 22.41 35.39
CA PHE A 100 17.23 21.74 34.11
C PHE A 100 16.69 20.34 34.33
N GLU A 101 15.82 19.89 33.44
CA GLU A 101 15.30 18.54 33.52
C GLU A 101 16.42 17.53 33.29
N GLN A 102 16.45 16.50 34.13
CA GLN A 102 17.47 15.48 34.03
C GLN A 102 17.18 14.58 32.83
N PRO A 103 18.18 13.84 32.35
CA PRO A 103 18.00 13.03 31.13
C PRO A 103 16.82 12.08 31.26
N ARG A 104 16.02 12.03 30.19
CA ARG A 104 14.85 11.17 30.15
C ARG A 104 15.26 9.73 29.84
N ARG A 105 14.37 8.80 30.19
CA ARG A 105 14.57 7.41 29.81
C ARG A 105 14.26 7.25 28.33
N CYS A 106 15.25 6.89 27.54
CA CYS A 106 15.06 6.77 26.11
C CYS A 106 14.26 5.50 25.78
N PRO A 107 13.45 5.53 24.72
CA PRO A 107 12.72 4.33 24.32
C PRO A 107 13.67 3.23 23.89
N THR A 108 13.11 2.03 23.73
CA THR A 108 13.87 0.84 23.39
C THR A 108 13.41 0.33 22.02
N ARG A 109 14.37 -0.05 21.20
CA ARG A 109 14.03 -0.64 19.90
C ARG A 109 13.28 -1.94 20.11
N PRO A 110 12.23 -2.20 19.33
CA PRO A 110 11.47 -3.45 19.49
C PRO A 110 12.35 -4.68 19.26
N GLU A 111 11.97 -5.77 19.94
CA GLU A 111 12.74 -7.00 19.85
C GLU A 111 12.82 -7.53 18.42
N GLY A 112 11.81 -7.24 17.60
CA GLY A 112 11.77 -7.75 16.24
C GLY A 112 11.01 -9.05 16.15
N GLN A 113 10.14 -9.17 15.15
CA GLN A 113 9.30 -10.35 15.02
C GLN A 113 10.16 -11.57 14.71
N ASN A 114 9.93 -12.65 15.47
CA ASN A 114 10.60 -13.92 15.22
C ASN A 114 9.88 -14.66 14.10
N TYR A 115 10.64 -15.12 13.12
CA TYR A 115 10.09 -15.76 11.94
C TYR A 115 10.57 -17.21 11.87
N THR A 116 9.63 -18.13 11.68
CA THR A 116 9.96 -19.52 11.39
C THR A 116 10.02 -19.70 9.88
N GLU A 117 11.16 -20.17 9.38
CA GLU A 117 11.27 -20.51 7.98
C GLU A 117 10.61 -21.86 7.72
N GLY A 118 10.13 -22.04 6.49
CA GLY A 118 9.48 -23.29 6.16
C GLY A 118 9.03 -23.30 4.71
N ILE A 119 8.53 -24.46 4.31
CA ILE A 119 7.99 -24.68 2.97
C ILE A 119 6.48 -24.81 3.10
N ALA A 120 5.75 -24.33 2.10
CA ALA A 120 4.30 -24.35 2.19
C ALA A 120 3.66 -24.74 0.86
N VAL A 121 2.49 -25.35 0.95
CA VAL A 121 1.62 -25.61 -0.19
C VAL A 121 0.24 -25.07 0.16
N VAL A 122 -0.25 -24.13 -0.64
CA VAL A 122 -1.54 -23.51 -0.43
C VAL A 122 -2.55 -24.18 -1.36
N PHE A 123 -3.62 -24.72 -0.76
CA PHE A 123 -4.69 -25.41 -1.44
C PHE A 123 -5.94 -24.55 -1.43
N LYS A 124 -6.69 -24.59 -2.52
CA LYS A 124 -7.95 -23.88 -2.69
C LYS A 124 -9.08 -24.88 -2.89
N GLU A 125 -10.31 -24.39 -2.78
CA GLU A 125 -11.47 -25.20 -3.07
C GLU A 125 -11.44 -25.66 -4.52
N ASN A 126 -11.69 -26.95 -4.73
CA ASN A 126 -11.71 -27.50 -6.08
C ASN A 126 -13.03 -27.16 -6.75
N ILE A 127 -12.95 -26.46 -7.89
CA ILE A 127 -14.12 -26.17 -8.70
C ILE A 127 -14.08 -26.86 -10.04
N ALA A 128 -12.98 -27.52 -10.39
CA ALA A 128 -12.86 -28.23 -11.65
C ALA A 128 -13.61 -29.56 -11.56
N PRO A 129 -14.48 -29.87 -12.52
CA PRO A 129 -15.17 -31.16 -12.50
C PRO A 129 -14.20 -32.31 -12.68
N TYR A 130 -14.52 -33.44 -12.05
CA TYR A 130 -13.81 -34.68 -12.29
C TYR A 130 -14.04 -35.14 -13.72
N LYS A 131 -12.96 -35.46 -14.42
CA LYS A 131 -13.02 -35.80 -15.84
C LYS A 131 -12.51 -37.22 -16.06
N PHE A 132 -13.19 -37.95 -16.94
CA PHE A 132 -12.74 -39.28 -17.31
C PHE A 132 -13.20 -39.57 -18.74
N LYS A 133 -12.84 -40.74 -19.24
CA LYS A 133 -13.10 -41.13 -20.62
C LYS A 133 -14.21 -42.17 -20.65
N ALA A 134 -15.17 -42.01 -21.55
CA ALA A 134 -16.26 -42.96 -21.72
C ALA A 134 -16.40 -43.30 -23.19
N THR A 135 -17.19 -44.33 -23.47
CA THR A 135 -17.50 -44.73 -24.84
C THR A 135 -18.98 -45.01 -24.94
N MET A 136 -19.64 -44.37 -25.91
CA MET A 136 -21.06 -44.56 -26.15
C MET A 136 -21.26 -45.48 -27.33
N TYR A 137 -22.05 -46.54 -27.13
CA TYR A 137 -22.47 -47.46 -28.17
C TYR A 137 -23.97 -47.29 -28.33
N TYR A 138 -24.39 -46.84 -29.49
CA TYR A 138 -25.83 -46.74 -29.76
C TYR A 138 -26.08 -46.99 -31.23
N LYS A 139 -27.33 -46.86 -31.64
CA LYS A 139 -27.71 -47.09 -33.02
C LYS A 139 -28.73 -46.03 -33.43
N ASP A 140 -28.39 -45.27 -34.46
CA ASP A 140 -29.35 -44.36 -35.06
C ASP A 140 -30.34 -45.17 -35.89
N VAL A 141 -31.61 -45.12 -35.51
CA VAL A 141 -32.67 -45.82 -36.21
C VAL A 141 -33.56 -44.75 -36.85
N THR A 142 -33.69 -44.82 -38.17
CA THR A 142 -34.48 -43.85 -38.93
C THR A 142 -35.52 -44.60 -39.73
N VAL A 143 -36.78 -44.26 -39.54
CA VAL A 143 -37.88 -44.79 -40.34
C VAL A 143 -38.45 -43.64 -41.15
N SER A 144 -38.30 -43.72 -42.46
CA SER A 144 -38.79 -42.69 -43.37
C SER A 144 -40.06 -43.17 -44.04
N GLN A 145 -41.14 -42.42 -43.87
CA GLN A 145 -42.36 -42.61 -44.63
C GLN A 145 -42.35 -41.62 -45.79
N VAL A 146 -42.38 -42.15 -47.01
CA VAL A 146 -42.28 -41.37 -48.23
C VAL A 146 -43.54 -41.62 -49.06
N TRP A 147 -44.18 -40.54 -49.50
CA TRP A 147 -45.28 -40.62 -50.44
C TRP A 147 -44.75 -40.43 -51.85
N PHE A 148 -45.10 -41.34 -52.75
CA PHE A 148 -44.61 -41.28 -54.13
C PHE A 148 -45.74 -40.74 -55.01
N GLY A 149 -45.68 -39.43 -55.28
CA GLY A 149 -46.59 -38.82 -56.24
C GLY A 149 -46.07 -38.93 -57.66
N HIS A 150 -46.80 -38.29 -58.57
CA HIS A 150 -46.41 -38.28 -59.97
C HIS A 150 -45.34 -37.21 -60.18
N ARG A 151 -44.16 -37.64 -60.61
CA ARG A 151 -42.98 -36.80 -60.91
C ARG A 151 -42.36 -36.18 -59.67
N TYR A 152 -42.72 -36.63 -58.47
CA TYR A 152 -42.10 -36.10 -57.26
C TYR A 152 -42.33 -37.06 -56.10
N SER A 153 -41.41 -37.01 -55.13
CA SER A 153 -41.50 -37.78 -53.90
C SER A 153 -41.35 -36.85 -52.71
N GLN A 154 -42.10 -37.11 -51.65
CA GLN A 154 -42.08 -36.26 -50.47
C GLN A 154 -42.03 -37.10 -49.21
N PHE A 155 -41.20 -36.67 -48.26
CA PHE A 155 -41.18 -37.29 -46.93
C PHE A 155 -42.46 -36.92 -46.20
N MET A 156 -43.35 -37.90 -46.03
CA MET A 156 -44.47 -37.73 -45.11
C MET A 156 -43.97 -37.71 -43.67
N GLY A 157 -42.92 -38.47 -43.36
CA GLY A 157 -42.39 -38.44 -42.01
C GLY A 157 -41.00 -39.04 -41.87
N ILE A 158 -40.25 -38.58 -40.86
CA ILE A 158 -38.95 -39.15 -40.56
C ILE A 158 -38.84 -39.36 -39.05
N PHE A 159 -39.05 -40.60 -38.61
CA PHE A 159 -38.94 -40.96 -37.21
C PHE A 159 -37.50 -41.31 -36.89
N GLU A 160 -36.88 -40.54 -35.99
CA GLU A 160 -35.47 -40.69 -35.65
C GLU A 160 -35.35 -41.08 -34.18
N ASP A 161 -34.63 -42.15 -33.91
CA ASP A 161 -34.49 -42.68 -32.56
C ASP A 161 -33.04 -43.11 -32.33
N ARG A 162 -32.65 -43.13 -31.06
CA ARG A 162 -31.34 -43.63 -30.65
C ARG A 162 -31.55 -44.83 -29.75
N ALA A 163 -31.01 -45.97 -30.15
CA ALA A 163 -31.25 -47.22 -29.44
C ALA A 163 -29.96 -47.70 -28.76
N PRO A 164 -30.04 -48.13 -27.50
CA PRO A 164 -28.83 -48.66 -26.85
C PRO A 164 -28.40 -49.98 -27.46
N VAL A 165 -27.09 -50.22 -27.42
CA VAL A 165 -26.51 -51.48 -27.87
C VAL A 165 -26.39 -52.39 -26.66
N PRO A 166 -27.01 -53.57 -26.65
CA PRO A 166 -26.97 -54.43 -25.47
C PRO A 166 -25.55 -54.85 -25.10
N PHE A 167 -25.38 -55.23 -23.83
CA PHE A 167 -24.06 -55.59 -23.33
C PHE A 167 -23.45 -56.73 -24.13
N GLU A 168 -24.25 -57.75 -24.45
CA GLU A 168 -23.72 -58.89 -25.18
C GLU A 168 -23.22 -58.50 -26.55
N GLU A 169 -23.85 -57.51 -27.20
CA GLU A 169 -23.36 -57.06 -28.48
C GLU A 169 -22.10 -56.21 -28.33
N VAL A 170 -22.02 -55.41 -27.27
CA VAL A 170 -20.82 -54.62 -27.02
C VAL A 170 -19.62 -55.52 -26.79
N ILE A 171 -19.82 -56.61 -26.05
CA ILE A 171 -18.70 -57.50 -25.71
C ILE A 171 -18.39 -58.44 -26.87
N ASP A 172 -19.39 -59.19 -27.33
CA ASP A 172 -19.14 -60.27 -28.28
C ASP A 172 -18.86 -59.74 -29.68
N LYS A 173 -19.55 -58.68 -30.09
CA LYS A 173 -19.45 -58.20 -31.47
C LYS A 173 -18.51 -57.00 -31.61
N ILE A 174 -18.78 -55.92 -30.89
CA ILE A 174 -18.02 -54.68 -31.10
C ILE A 174 -16.60 -54.83 -30.56
N ASN A 175 -16.47 -55.29 -29.32
CA ASN A 175 -15.13 -55.35 -28.72
C ASN A 175 -14.32 -56.53 -29.23
N ALA A 176 -14.96 -57.64 -29.56
CA ALA A 176 -14.23 -58.83 -29.98
C ALA A 176 -13.94 -58.85 -31.48
N LYS A 177 -14.87 -58.37 -32.30
CA LYS A 177 -14.73 -58.45 -33.75
C LYS A 177 -14.82 -57.10 -34.45
N GLY A 178 -15.12 -56.02 -33.74
CA GLY A 178 -15.27 -54.73 -34.38
C GLY A 178 -16.44 -54.64 -35.34
N VAL A 179 -17.53 -55.34 -35.06
CA VAL A 179 -18.70 -55.36 -35.92
C VAL A 179 -19.94 -55.08 -35.09
N CYS A 180 -21.00 -54.65 -35.77
CA CYS A 180 -22.30 -54.44 -35.17
C CYS A 180 -23.35 -55.25 -35.92
N ARG A 181 -24.39 -55.66 -35.21
CA ARG A 181 -25.55 -56.23 -35.87
C ARG A 181 -26.29 -55.15 -36.65
N SER A 182 -26.84 -55.54 -37.79
CA SER A 182 -27.60 -54.61 -38.62
C SER A 182 -29.00 -54.37 -38.07
N THR A 183 -29.36 -55.00 -36.97
CA THR A 183 -30.67 -54.86 -36.36
C THR A 183 -30.56 -54.18 -35.00
N ALA A 184 -31.58 -53.40 -34.66
CA ALA A 184 -31.68 -52.74 -33.36
C ALA A 184 -32.90 -53.28 -32.65
N LYS A 185 -32.68 -53.99 -31.54
CA LYS A 185 -33.75 -54.57 -30.73
C LYS A 185 -33.67 -53.97 -29.34
N TYR A 186 -34.68 -53.21 -28.95
CA TYR A 186 -34.59 -52.41 -27.74
C TYR A 186 -35.99 -52.08 -27.25
N VAL A 187 -36.06 -51.65 -25.98
CA VAL A 187 -37.33 -51.30 -25.35
C VAL A 187 -37.53 -49.81 -25.46
N ARG A 188 -38.60 -49.41 -26.15
CA ARG A 188 -38.99 -48.01 -26.28
C ARG A 188 -40.48 -47.89 -25.96
N ASN A 189 -40.82 -46.96 -25.08
CA ASN A 189 -42.21 -46.67 -24.74
C ASN A 189 -42.93 -47.92 -24.25
N ASN A 190 -42.25 -48.70 -23.40
CA ASN A 190 -42.78 -49.93 -22.81
C ASN A 190 -43.13 -50.99 -23.85
N MET A 191 -42.43 -51.00 -24.98
CA MET A 191 -42.61 -52.00 -26.01
C MET A 191 -41.25 -52.41 -26.55
N GLU A 192 -41.07 -53.70 -26.80
CA GLU A 192 -39.86 -54.15 -27.47
C GLU A 192 -40.03 -53.93 -28.97
N THR A 193 -39.12 -53.17 -29.57
CA THR A 193 -39.17 -52.83 -30.97
C THR A 193 -37.90 -53.31 -31.66
N THR A 194 -38.07 -53.85 -32.87
CA THR A 194 -36.97 -54.37 -33.66
C THR A 194 -36.95 -53.67 -35.01
N ALA A 195 -35.80 -53.11 -35.37
CA ALA A 195 -35.61 -52.42 -36.64
C ALA A 195 -34.50 -53.11 -37.42
N PHE A 196 -34.78 -53.40 -38.69
CA PHE A 196 -33.84 -54.07 -39.58
C PHE A 196 -33.29 -53.05 -40.57
N HIS A 197 -31.97 -52.96 -40.66
CA HIS A 197 -31.36 -52.06 -41.63
C HIS A 197 -31.78 -52.42 -43.05
N ARG A 198 -32.24 -51.42 -43.79
CA ARG A 198 -32.75 -51.59 -45.15
C ARG A 198 -33.90 -52.59 -45.23
N ASP A 199 -34.54 -52.88 -44.08
CA ASP A 199 -35.59 -53.87 -43.99
C ASP A 199 -35.15 -55.21 -44.57
N ASP A 200 -33.91 -55.59 -44.27
CA ASP A 200 -33.30 -56.82 -44.73
C ASP A 200 -33.00 -57.73 -43.55
N HIS A 201 -32.49 -58.93 -43.85
CA HIS A 201 -32.13 -59.87 -42.81
C HIS A 201 -30.91 -59.38 -42.03
N GLU A 202 -30.80 -59.86 -40.79
CA GLU A 202 -29.70 -59.43 -39.92
C GLU A 202 -28.36 -59.91 -40.46
N THR A 203 -27.41 -59.00 -40.52
CA THR A 203 -26.04 -59.31 -40.91
C THR A 203 -25.09 -58.55 -39.99
N ASP A 204 -23.81 -58.93 -40.04
CA ASP A 204 -22.77 -58.26 -39.28
C ASP A 204 -22.10 -57.22 -40.17
N MET A 205 -22.01 -55.99 -39.68
CA MET A 205 -21.48 -54.87 -40.44
C MET A 205 -20.24 -54.34 -39.74
N GLU A 206 -19.17 -54.16 -40.51
CA GLU A 206 -17.91 -53.70 -39.96
C GLU A 206 -17.99 -52.24 -39.55
N LEU A 207 -17.45 -51.93 -38.38
CA LEU A 207 -17.37 -50.55 -37.90
C LEU A 207 -16.18 -49.87 -38.56
N LYS A 208 -16.42 -48.76 -39.25
CA LYS A 208 -15.38 -48.00 -39.92
C LYS A 208 -15.26 -46.62 -39.29
N PRO A 209 -14.07 -46.02 -39.33
CA PRO A 209 -13.90 -44.69 -38.72
C PRO A 209 -14.79 -43.65 -39.38
N ALA A 210 -15.31 -42.76 -38.56
CA ALA A 210 -16.14 -41.68 -39.06
C ALA A 210 -15.28 -40.63 -39.77
N LYS A 211 -15.95 -39.78 -40.52
CA LYS A 211 -15.25 -38.68 -41.17
C LYS A 211 -14.69 -37.72 -40.14
N VAL A 212 -13.43 -37.32 -40.36
CA VAL A 212 -12.72 -36.51 -39.40
C VAL A 212 -13.31 -35.11 -39.35
N ALA A 213 -13.41 -34.56 -38.15
CA ALA A 213 -13.80 -33.16 -37.96
C ALA A 213 -12.80 -32.54 -36.98
N THR A 214 -12.70 -31.22 -37.04
CA THR A 214 -11.77 -30.50 -36.18
C THR A 214 -12.22 -30.57 -34.73
N ARG A 215 -11.26 -30.81 -33.83
CA ARG A 215 -11.49 -30.79 -32.38
C ARG A 215 -12.66 -31.68 -31.97
N THR A 216 -12.73 -32.87 -32.55
CA THR A 216 -13.71 -33.87 -32.15
C THR A 216 -12.99 -35.17 -31.85
N SER A 217 -13.62 -35.99 -31.02
CA SER A 217 -13.03 -37.24 -30.59
C SER A 217 -13.29 -38.33 -31.63
N ARG A 218 -12.74 -39.52 -31.38
CA ARG A 218 -12.81 -40.61 -32.33
C ARG A 218 -14.21 -41.20 -32.39
N GLY A 219 -14.64 -41.54 -33.60
CA GLY A 219 -15.94 -42.15 -33.80
C GLY A 219 -15.90 -43.20 -34.88
N TRP A 220 -16.86 -44.12 -34.82
CA TRP A 220 -16.99 -45.19 -35.78
C TRP A 220 -18.47 -45.43 -36.05
N HIS A 221 -18.76 -45.90 -37.27
CA HIS A 221 -20.14 -46.18 -37.67
C HIS A 221 -20.13 -47.22 -38.78
N THR A 222 -21.30 -47.80 -39.02
CA THR A 222 -21.45 -48.89 -39.99
C THR A 222 -22.00 -48.42 -41.33
N THR A 223 -22.96 -47.50 -41.34
CA THR A 223 -23.60 -47.05 -42.57
C THR A 223 -23.54 -45.53 -42.66
N ASP A 224 -23.29 -45.03 -43.87
CA ASP A 224 -23.25 -43.60 -44.12
C ASP A 224 -24.42 -43.08 -44.95
N LEU A 225 -25.24 -43.96 -45.51
CA LEU A 225 -26.36 -43.58 -46.34
C LEU A 225 -27.67 -43.97 -45.68
N LYS A 226 -28.65 -43.07 -45.76
CA LYS A 226 -29.99 -43.35 -45.27
C LYS A 226 -30.75 -44.17 -46.32
N TYR A 227 -31.40 -45.23 -45.88
CA TYR A 227 -32.19 -46.07 -46.78
C TYR A 227 -33.62 -45.54 -46.86
N ASN A 228 -34.06 -45.24 -48.07
CA ASN A 228 -35.43 -44.86 -48.33
C ASN A 228 -36.09 -45.88 -49.25
N PRO A 229 -37.39 -46.10 -49.11
CA PRO A 229 -38.06 -47.12 -49.92
C PRO A 229 -38.05 -46.77 -51.40
N SER A 230 -38.05 -47.81 -52.22
CA SER A 230 -38.04 -47.64 -53.67
C SER A 230 -39.35 -47.05 -54.15
N ARG A 231 -39.30 -46.46 -55.35
CA ARG A 231 -40.45 -45.75 -55.90
C ARG A 231 -41.57 -46.73 -56.26
N VAL A 232 -42.75 -46.50 -55.70
CA VAL A 232 -43.98 -47.16 -56.13
C VAL A 232 -45.05 -46.07 -56.17
N GLU A 233 -45.52 -45.74 -57.37
CA GLU A 233 -46.36 -44.57 -57.55
C GLU A 233 -47.69 -44.72 -56.80
N ALA A 234 -48.18 -43.58 -56.27
CA ALA A 234 -49.45 -43.51 -55.55
C ALA A 234 -49.44 -44.40 -54.31
N PHE A 235 -48.35 -44.37 -53.56
CA PHE A 235 -48.24 -45.18 -52.36
C PHE A 235 -47.40 -44.48 -51.31
N HIS A 236 -47.70 -44.77 -50.05
CA HIS A 236 -46.87 -44.44 -48.91
C HIS A 236 -46.02 -45.66 -48.59
N ARG A 237 -44.70 -45.49 -48.55
CA ARG A 237 -43.80 -46.59 -48.25
C ARG A 237 -42.84 -46.20 -47.15
N TYR A 238 -42.34 -47.20 -46.43
CA TYR A 238 -41.49 -47.00 -45.27
C TYR A 238 -40.13 -47.63 -45.49
N GLY A 239 -39.09 -46.95 -45.02
CA GLY A 239 -37.73 -47.44 -45.11
C GLY A 239 -36.97 -47.28 -43.81
N THR A 240 -36.21 -48.31 -43.42
CA THR A 240 -35.51 -48.32 -42.14
C THR A 240 -34.01 -48.24 -42.37
N THR A 241 -33.35 -47.37 -41.61
CA THR A 241 -31.90 -47.25 -41.58
C THR A 241 -31.42 -47.51 -40.16
N VAL A 242 -30.48 -48.42 -40.00
CA VAL A 242 -29.87 -48.72 -38.71
C VAL A 242 -28.37 -48.46 -38.84
N ASN A 243 -27.87 -47.47 -38.11
CA ASN A 243 -26.46 -47.09 -38.15
C ASN A 243 -25.88 -47.27 -36.75
N CYS A 244 -25.07 -48.30 -36.57
CA CYS A 244 -24.39 -48.52 -35.30
C CYS A 244 -23.26 -47.51 -35.15
N ILE A 245 -23.28 -46.75 -34.05
CA ILE A 245 -22.35 -45.66 -33.81
C ILE A 245 -21.63 -45.90 -32.49
N VAL A 246 -20.31 -45.82 -32.52
CA VAL A 246 -19.46 -45.89 -31.34
C VAL A 246 -18.69 -44.58 -31.24
N GLU A 247 -18.76 -43.93 -30.10
CA GLU A 247 -18.16 -42.62 -29.91
C GLU A 247 -17.37 -42.59 -28.62
N GLU A 248 -16.07 -42.36 -28.71
CA GLU A 248 -15.28 -42.04 -27.52
C GLU A 248 -15.59 -40.62 -27.11
N VAL A 249 -15.95 -40.41 -25.85
CA VAL A 249 -16.38 -39.11 -25.36
C VAL A 249 -15.69 -38.81 -24.04
N ASP A 250 -15.64 -37.52 -23.71
CA ASP A 250 -15.22 -37.08 -22.40
C ASP A 250 -16.44 -37.01 -21.49
N ALA A 251 -16.27 -37.45 -20.25
CA ALA A 251 -17.35 -37.45 -19.26
C ALA A 251 -16.92 -36.63 -18.04
N ARG A 252 -17.83 -35.82 -17.54
CA ARG A 252 -17.55 -34.91 -16.43
C ARG A 252 -18.57 -35.11 -15.32
N SER A 253 -18.07 -35.08 -14.09
CA SER A 253 -18.89 -35.24 -12.90
C SER A 253 -18.50 -34.18 -11.87
N VAL A 254 -19.50 -33.64 -11.18
CA VAL A 254 -19.25 -32.68 -10.12
C VAL A 254 -19.64 -33.32 -8.79
N TYR A 255 -19.10 -32.75 -7.71
CA TYR A 255 -19.42 -33.23 -6.37
C TYR A 255 -20.93 -33.17 -6.15
N PRO A 256 -21.52 -34.16 -5.45
CA PRO A 256 -20.90 -35.32 -4.79
C PRO A 256 -20.64 -36.52 -5.70
N TYR A 257 -20.66 -36.34 -7.02
CA TYR A 257 -20.36 -37.39 -7.99
C TYR A 257 -21.38 -38.53 -7.93
N ASP A 258 -22.66 -38.17 -7.90
CA ASP A 258 -23.75 -39.13 -8.03
C ASP A 258 -24.28 -39.23 -9.45
N GLU A 259 -23.71 -38.49 -10.39
CA GLU A 259 -24.10 -38.53 -11.79
C GLU A 259 -22.94 -37.96 -12.61
N PHE A 260 -23.00 -38.15 -13.91
CA PHE A 260 -22.02 -37.53 -14.79
C PHE A 260 -22.65 -37.26 -16.15
N VAL A 261 -22.03 -36.35 -16.90
CA VAL A 261 -22.50 -35.95 -18.21
C VAL A 261 -21.52 -36.44 -19.26
N LEU A 262 -22.01 -36.58 -20.48
CA LEU A 262 -21.19 -36.93 -21.62
C LEU A 262 -21.02 -35.72 -22.52
N ALA A 263 -20.06 -35.80 -23.44
CA ALA A 263 -19.80 -34.69 -24.35
C ALA A 263 -21.01 -34.37 -25.21
N THR A 264 -21.86 -35.36 -25.47
CA THR A 264 -23.09 -35.17 -26.24
C THR A 264 -24.13 -34.33 -25.49
N GLY A 265 -23.91 -34.05 -24.21
CA GLY A 265 -24.91 -33.41 -23.39
C GLY A 265 -25.86 -34.37 -22.69
N ASP A 266 -25.68 -35.67 -22.86
CA ASP A 266 -26.55 -36.65 -22.22
C ASP A 266 -26.11 -36.88 -20.78
N PHE A 267 -27.06 -36.78 -19.86
CA PHE A 267 -26.81 -37.08 -18.45
C PHE A 267 -26.87 -38.58 -18.23
N VAL A 268 -26.03 -39.06 -17.33
CA VAL A 268 -26.05 -40.44 -16.85
C VAL A 268 -26.25 -40.39 -15.35
N TYR A 269 -27.38 -40.90 -14.88
CA TYR A 269 -27.76 -40.77 -13.47
C TYR A 269 -27.23 -41.93 -12.64
N MET A 270 -25.93 -42.15 -12.79
CA MET A 270 -25.17 -43.11 -12.00
C MET A 270 -23.87 -42.45 -11.58
N SER A 271 -23.41 -42.79 -10.38
CA SER A 271 -22.09 -42.35 -9.95
C SER A 271 -21.04 -42.92 -10.89
N PRO A 272 -20.03 -42.14 -11.28
CA PRO A 272 -18.92 -42.71 -12.05
C PRO A 272 -18.18 -43.81 -11.30
N PHE A 273 -18.28 -43.81 -9.97
CA PHE A 273 -17.56 -44.75 -9.13
C PHE A 273 -18.44 -45.92 -8.66
N TYR A 274 -19.64 -46.04 -9.21
CA TYR A 274 -20.52 -47.15 -8.88
C TYR A 274 -19.89 -48.46 -9.35
N GLY A 275 -20.14 -49.53 -8.60
CA GLY A 275 -19.60 -50.82 -8.95
C GLY A 275 -20.02 -51.93 -8.02
N TYR A 276 -19.20 -52.98 -7.91
CA TYR A 276 -19.52 -54.14 -7.09
C TYR A 276 -18.51 -54.41 -5.98
N ARG A 277 -17.39 -53.71 -5.95
CA ARG A 277 -16.31 -54.02 -5.02
C ARG A 277 -15.89 -52.77 -4.26
N GLU A 278 -15.24 -53.00 -3.11
CA GLU A 278 -14.71 -51.94 -2.25
C GLU A 278 -15.81 -51.00 -1.76
N GLY A 279 -17.02 -51.52 -1.56
CA GLY A 279 -18.11 -50.70 -1.10
C GLY A 279 -18.65 -49.72 -2.11
N SER A 280 -18.28 -49.86 -3.39
CA SER A 280 -18.80 -48.99 -4.42
C SER A 280 -20.25 -49.32 -4.79
N HIS A 281 -20.78 -50.43 -4.28
CA HIS A 281 -22.19 -50.75 -4.51
C HIS A 281 -23.12 -49.80 -3.76
N THR A 282 -22.60 -49.04 -2.80
CA THR A 282 -23.38 -48.04 -2.08
C THR A 282 -23.44 -46.70 -2.81
N GLU A 283 -22.72 -46.56 -3.92
CA GLU A 283 -22.79 -45.33 -4.70
C GLU A 283 -24.15 -45.21 -5.37
N HIS A 284 -24.50 -43.97 -5.74
CA HIS A 284 -25.83 -43.69 -6.25
C HIS A 284 -26.06 -44.34 -7.61
N THR A 285 -27.27 -44.85 -7.81
CA THR A 285 -27.74 -45.29 -9.11
C THR A 285 -29.24 -45.01 -9.20
N SER A 286 -29.67 -44.55 -10.37
CA SER A 286 -31.08 -44.30 -10.65
C SER A 286 -31.68 -45.37 -11.54
N TYR A 287 -30.89 -46.34 -11.99
CA TYR A 287 -31.30 -47.32 -12.98
C TYR A 287 -31.51 -48.69 -12.31
N ALA A 288 -32.25 -49.54 -13.01
CA ALA A 288 -32.46 -50.90 -12.55
C ALA A 288 -31.15 -51.68 -12.59
N ALA A 289 -31.07 -52.74 -11.77
CA ALA A 289 -29.85 -53.51 -11.66
C ALA A 289 -29.48 -54.18 -12.96
N ASP A 290 -30.47 -54.58 -13.77
CA ASP A 290 -30.18 -55.24 -15.04
C ASP A 290 -29.71 -54.29 -16.13
N ARG A 291 -29.78 -52.98 -15.90
CA ARG A 291 -29.20 -52.02 -16.82
C ARG A 291 -27.72 -51.79 -16.60
N PHE A 292 -27.13 -52.40 -15.57
CA PHE A 292 -25.72 -52.22 -15.25
C PHE A 292 -24.99 -53.55 -15.32
N LYS A 293 -23.73 -53.49 -15.75
CA LYS A 293 -22.88 -54.66 -15.85
C LYS A 293 -21.45 -54.23 -15.56
N GLN A 294 -20.69 -55.09 -14.89
CA GLN A 294 -19.29 -54.83 -14.63
C GLN A 294 -18.48 -56.05 -15.05
N VAL A 295 -17.47 -55.82 -15.88
CA VAL A 295 -16.66 -56.89 -16.46
C VAL A 295 -15.25 -56.77 -15.90
N ASP A 296 -14.78 -57.82 -15.25
CA ASP A 296 -13.43 -57.87 -14.69
C ASP A 296 -12.47 -58.46 -15.72
N GLY A 297 -11.25 -57.95 -15.72
CA GLY A 297 -10.26 -58.40 -16.69
C GLY A 297 -10.65 -58.09 -18.12
N PHE A 298 -11.17 -56.89 -18.36
CA PHE A 298 -11.62 -56.48 -19.68
C PHE A 298 -10.46 -55.92 -20.48
N TYR A 299 -10.28 -56.42 -21.70
CA TYR A 299 -9.24 -55.96 -22.60
C TYR A 299 -9.89 -55.23 -23.76
N ALA A 300 -9.62 -53.93 -23.88
CA ALA A 300 -10.25 -53.11 -24.91
C ALA A 300 -9.51 -53.27 -26.23
N ARG A 301 -10.22 -53.69 -27.26
CA ARG A 301 -9.67 -53.84 -28.60
C ARG A 301 -9.99 -52.57 -29.39
N ASP A 302 -8.94 -51.90 -29.87
CA ASP A 302 -9.12 -50.65 -30.58
C ASP A 302 -9.83 -50.91 -31.91
N LEU A 303 -10.80 -50.05 -32.24
CA LEU A 303 -11.60 -50.28 -33.44
C LEU A 303 -10.84 -49.94 -34.72
N THR A 304 -9.91 -48.99 -34.66
CA THR A 304 -9.11 -48.64 -35.83
C THR A 304 -7.83 -49.48 -35.92
N THR A 305 -7.04 -49.50 -34.84
CA THR A 305 -5.78 -50.23 -34.84
C THR A 305 -6.00 -51.74 -34.84
N LYS A 306 -7.15 -52.20 -34.35
CA LYS A 306 -7.47 -53.63 -34.22
C LYS A 306 -6.56 -54.34 -33.23
N ALA A 307 -5.99 -53.60 -32.28
CA ALA A 307 -5.02 -54.14 -31.33
C ALA A 307 -5.66 -54.33 -29.97
N ARG A 308 -5.46 -55.52 -29.39
CA ARG A 308 -5.97 -55.81 -28.07
C ARG A 308 -5.14 -55.11 -27.01
N ALA A 309 -5.81 -54.62 -25.97
CA ALA A 309 -5.14 -53.85 -24.93
C ALA A 309 -4.16 -54.72 -24.15
N THR A 310 -3.02 -54.12 -23.77
CA THR A 310 -2.01 -54.86 -23.01
C THR A 310 -2.48 -55.15 -21.59
N SER A 311 -3.00 -54.13 -20.90
CA SER A 311 -3.38 -54.34 -19.51
C SER A 311 -4.89 -54.39 -19.36
N PRO A 312 -5.40 -55.25 -18.49
CA PRO A 312 -6.85 -55.32 -18.27
C PRO A 312 -7.34 -54.19 -17.39
N THR A 313 -8.63 -53.88 -17.53
CA THR A 313 -9.32 -52.90 -16.70
C THR A 313 -10.62 -53.50 -16.20
N THR A 314 -11.26 -52.79 -15.29
CA THR A 314 -12.60 -53.12 -14.82
C THR A 314 -13.58 -52.26 -15.61
N ARG A 315 -14.36 -52.87 -16.48
CA ARG A 315 -15.21 -52.14 -17.42
C ARG A 315 -16.63 -52.03 -16.87
N ASN A 316 -17.06 -50.82 -16.59
CA ASN A 316 -18.45 -50.53 -16.26
C ASN A 316 -19.23 -50.28 -17.53
N LEU A 317 -20.40 -50.91 -17.65
CA LEU A 317 -21.30 -50.72 -18.77
C LEU A 317 -22.70 -50.44 -18.24
N LEU A 318 -23.32 -49.40 -18.77
CA LEU A 318 -24.68 -49.02 -18.36
C LEU A 318 -25.52 -48.78 -19.60
N THR A 319 -26.66 -49.46 -19.68
CA THR A 319 -27.60 -49.29 -20.78
C THR A 319 -28.69 -48.33 -20.32
N THR A 320 -28.65 -47.12 -20.87
CA THR A 320 -29.73 -46.15 -20.73
C THR A 320 -30.75 -46.38 -21.82
N PRO A 321 -31.94 -45.80 -21.71
CA PRO A 321 -32.95 -45.98 -22.78
C PRO A 321 -32.52 -45.48 -24.14
N LYS A 322 -31.46 -44.67 -24.24
CA LYS A 322 -31.03 -44.12 -25.51
C LYS A 322 -29.69 -44.65 -26.00
N PHE A 323 -28.81 -45.07 -25.09
CA PHE A 323 -27.46 -45.49 -25.47
C PHE A 323 -26.91 -46.41 -24.42
N THR A 324 -25.71 -46.94 -24.69
CA THR A 324 -24.95 -47.70 -23.70
C THR A 324 -23.62 -46.99 -23.49
N VAL A 325 -23.26 -46.76 -22.24
CA VAL A 325 -22.04 -46.03 -21.89
C VAL A 325 -21.11 -46.98 -21.14
N ALA A 326 -19.85 -47.03 -21.56
CA ALA A 326 -18.85 -47.87 -20.94
C ALA A 326 -17.66 -47.02 -20.51
N TRP A 327 -17.16 -47.27 -19.31
CA TRP A 327 -15.98 -46.57 -18.83
C TRP A 327 -15.21 -47.50 -17.90
N ASP A 328 -14.09 -47.00 -17.37
CA ASP A 328 -13.24 -47.79 -16.48
C ASP A 328 -13.56 -47.44 -15.03
N TRP A 329 -13.84 -48.46 -14.24
CA TRP A 329 -14.10 -48.26 -12.82
C TRP A 329 -12.80 -48.04 -12.06
N VAL A 330 -12.77 -46.98 -11.25
CA VAL A 330 -11.64 -46.71 -10.37
C VAL A 330 -12.21 -46.38 -9.00
N PRO A 331 -11.48 -46.61 -7.91
CA PRO A 331 -11.97 -46.19 -6.59
C PRO A 331 -12.12 -44.68 -6.50
N LYS A 332 -13.14 -44.25 -5.77
CA LYS A 332 -13.47 -42.83 -5.71
C LYS A 332 -12.42 -42.04 -4.94
N ARG A 333 -12.02 -42.54 -3.77
CA ARG A 333 -11.18 -41.74 -2.87
C ARG A 333 -9.85 -41.33 -3.48
N PRO A 334 -9.09 -42.21 -4.16
CA PRO A 334 -7.86 -41.76 -4.81
C PRO A 334 -8.09 -40.93 -6.07
N ALA A 335 -9.33 -40.81 -6.54
CA ALA A 335 -9.60 -40.22 -7.85
C ALA A 335 -10.10 -38.78 -7.79
N VAL A 336 -10.79 -38.38 -6.73
CA VAL A 336 -11.39 -37.06 -6.66
C VAL A 336 -10.99 -36.40 -5.34
N CYS A 337 -11.10 -35.07 -5.33
CA CYS A 337 -10.87 -34.31 -4.11
C CYS A 337 -11.61 -32.99 -4.18
N THR A 338 -11.95 -32.47 -3.00
CA THR A 338 -12.60 -31.17 -2.87
C THR A 338 -11.60 -30.03 -2.71
N MET A 339 -10.30 -30.34 -2.72
CA MET A 339 -9.25 -29.34 -2.61
C MET A 339 -8.31 -29.49 -3.79
N THR A 340 -7.74 -28.36 -4.24
CA THR A 340 -6.83 -28.33 -5.37
C THR A 340 -5.57 -27.59 -4.98
N LYS A 341 -4.42 -28.16 -5.31
CA LYS A 341 -3.16 -27.47 -5.05
C LYS A 341 -3.10 -26.19 -5.88
N TRP A 342 -2.81 -25.08 -5.21
CA TRP A 342 -2.80 -23.77 -5.85
C TRP A 342 -1.40 -23.16 -5.91
N GLN A 343 -0.70 -23.08 -4.79
CA GLN A 343 0.61 -22.43 -4.76
C GLN A 343 1.62 -23.30 -4.04
N GLU A 344 2.84 -23.33 -4.57
CA GLU A 344 3.98 -23.95 -3.91
C GLU A 344 4.95 -22.84 -3.52
N VAL A 345 5.15 -22.65 -2.22
CA VAL A 345 5.96 -21.56 -1.69
C VAL A 345 7.18 -22.18 -1.03
N ASP A 346 8.36 -22.01 -1.65
CA ASP A 346 9.57 -22.53 -1.05
C ASP A 346 10.05 -21.70 0.13
N GLU A 347 9.59 -20.45 0.25
CA GLU A 347 9.95 -19.56 1.35
C GLU A 347 8.68 -18.96 1.93
N MET A 348 8.07 -19.66 2.90
CA MET A 348 6.95 -19.11 3.65
C MET A 348 7.38 -18.93 5.10
N LEU A 349 7.26 -17.71 5.59
CA LEU A 349 7.65 -17.37 6.96
C LEU A 349 6.42 -17.35 7.84
N ARG A 350 6.46 -18.07 8.96
CA ARG A 350 5.37 -18.11 9.91
C ARG A 350 5.73 -17.27 11.12
N ALA A 351 4.85 -16.34 11.49
CA ALA A 351 5.03 -15.51 12.66
C ALA A 351 3.80 -15.61 13.56
N GLU A 352 4.03 -15.73 14.86
CA GLU A 352 2.96 -15.88 15.83
C GLU A 352 2.79 -14.57 16.59
N TYR A 353 1.60 -13.99 16.51
CA TYR A 353 1.26 -12.84 17.34
C TYR A 353 -0.25 -12.62 17.30
N GLY A 354 -0.74 -11.90 18.31
CA GLY A 354 -2.17 -11.66 18.42
C GLY A 354 -2.99 -12.91 18.57
N GLY A 355 -2.39 -13.99 19.05
CA GLY A 355 -3.09 -15.27 19.10
C GLY A 355 -3.35 -15.87 17.74
N SER A 356 -2.51 -15.56 16.74
CA SER A 356 -2.72 -16.05 15.39
C SER A 356 -1.38 -16.24 14.70
N PHE A 357 -1.40 -17.08 13.66
CA PHE A 357 -0.26 -17.30 12.79
C PHE A 357 -0.43 -16.48 11.52
N ARG A 358 0.67 -15.87 11.07
CA ARG A 358 0.71 -15.18 9.79
C ARG A 358 1.75 -15.87 8.92
N PHE A 359 1.33 -16.34 7.75
CA PHE A 359 2.19 -17.01 6.78
C PHE A 359 2.44 -16.04 5.64
N SER A 360 3.66 -15.53 5.55
CA SER A 360 4.02 -14.54 4.55
C SER A 360 4.93 -15.16 3.50
N SER A 361 4.59 -14.93 2.23
CA SER A 361 5.40 -15.33 1.10
C SER A 361 5.80 -14.07 0.34
N ASP A 362 7.11 -13.84 0.26
CA ASP A 362 7.64 -12.70 -0.48
C ASP A 362 7.54 -12.91 -1.98
N ALA A 363 7.63 -14.16 -2.43
CA ALA A 363 7.62 -14.45 -3.86
C ALA A 363 6.28 -14.11 -4.50
N ILE A 364 5.17 -14.41 -3.83
CA ILE A 364 3.85 -14.13 -4.36
C ILE A 364 3.19 -12.96 -3.62
N SER A 365 3.92 -12.28 -2.73
CA SER A 365 3.46 -11.06 -2.09
C SER A 365 2.16 -11.29 -1.31
N THR A 366 2.13 -12.36 -0.53
CA THR A 366 0.86 -12.78 0.08
C THR A 366 1.06 -13.07 1.56
N THR A 367 0.10 -12.65 2.38
CA THR A 367 0.11 -12.96 3.80
C THR A 367 -1.22 -13.58 4.19
N PHE A 368 -1.18 -14.84 4.62
CA PHE A 368 -2.35 -15.57 5.08
C PHE A 368 -2.40 -15.51 6.61
N THR A 369 -3.62 -15.55 7.15
CA THR A 369 -3.84 -15.50 8.59
C THR A 369 -4.59 -16.75 9.03
N THR A 370 -4.04 -17.45 10.02
CA THR A 370 -4.64 -18.67 10.54
C THR A 370 -4.70 -18.59 12.06
N ASN A 371 -5.51 -19.46 12.64
CA ASN A 371 -5.47 -19.66 14.08
C ASN A 371 -4.30 -20.55 14.47
N LEU A 372 -3.97 -20.54 15.76
CA LEU A 372 -2.83 -21.31 16.24
C LEU A 372 -3.09 -22.81 16.18
N THR A 373 -4.34 -23.23 16.37
CA THR A 373 -4.64 -24.65 16.35
C THR A 373 -4.56 -25.22 14.93
N GLU A 374 -4.12 -26.47 14.84
CA GLU A 374 -3.95 -27.12 13.56
C GLU A 374 -5.28 -27.66 13.04
N TYR A 375 -5.53 -27.44 11.74
CA TYR A 375 -6.76 -27.89 11.11
C TYR A 375 -6.61 -29.36 10.72
N SER A 376 -7.54 -30.19 11.20
CA SER A 376 -7.49 -31.62 10.96
C SER A 376 -7.95 -31.95 9.55
N LEU A 377 -7.17 -32.76 8.84
CA LEU A 377 -7.53 -33.15 7.48
C LEU A 377 -8.69 -34.14 7.45
N SER A 378 -8.96 -34.83 8.56
CA SER A 378 -10.11 -35.71 8.62
C SER A 378 -11.43 -34.95 8.50
N ARG A 379 -11.42 -33.63 8.74
CA ARG A 379 -12.61 -32.81 8.60
C ARG A 379 -12.96 -32.52 7.14
N VAL A 380 -12.09 -32.86 6.19
CA VAL A 380 -12.30 -32.56 4.79
C VAL A 380 -12.96 -33.77 4.12
N ASP A 381 -14.09 -33.54 3.46
CA ASP A 381 -14.76 -34.59 2.70
C ASP A 381 -13.98 -34.86 1.42
N LEU A 382 -13.53 -36.10 1.26
CA LEU A 382 -12.78 -36.54 0.08
C LEU A 382 -11.56 -35.64 -0.13
N GLY A 383 -10.68 -35.63 0.86
CA GLY A 383 -9.50 -34.80 0.81
C GLY A 383 -8.21 -35.58 0.80
N ASP A 384 -8.20 -36.71 0.09
CA ASP A 384 -7.04 -37.60 0.13
C ASP A 384 -5.84 -37.05 -0.64
N CYS A 385 -6.03 -36.09 -1.56
CA CYS A 385 -4.86 -35.63 -2.29
C CYS A 385 -4.13 -34.52 -1.57
N ILE A 386 -4.71 -33.95 -0.52
CA ILE A 386 -4.08 -32.83 0.18
C ILE A 386 -2.75 -33.29 0.78
N GLY A 387 -2.78 -34.40 1.51
CA GLY A 387 -1.56 -34.91 2.12
C GLY A 387 -0.54 -35.40 1.09
N ARG A 388 -1.00 -36.11 0.06
CA ARG A 388 -0.09 -36.68 -0.91
C ARG A 388 0.54 -35.60 -1.79
N ASP A 389 -0.26 -34.61 -2.21
CA ASP A 389 0.32 -33.49 -2.96
C ASP A 389 1.24 -32.64 -2.08
N ALA A 390 0.87 -32.43 -0.82
CA ALA A 390 1.68 -31.62 0.08
C ALA A 390 3.03 -32.28 0.34
N ARG A 391 3.02 -33.58 0.69
CA ARG A 391 4.27 -34.26 1.00
C ARG A 391 5.18 -34.31 -0.23
N GLU A 392 4.61 -34.57 -1.41
CA GLU A 392 5.43 -34.58 -2.62
C GLU A 392 6.04 -33.20 -2.89
N ALA A 393 5.24 -32.15 -2.74
CA ALA A 393 5.73 -30.80 -3.03
C ALA A 393 6.77 -30.35 -2.02
N ILE A 394 6.51 -30.60 -0.73
CA ILE A 394 7.46 -30.19 0.31
C ILE A 394 8.79 -30.92 0.15
N ASP A 395 8.75 -32.21 -0.16
CA ASP A 395 9.98 -32.97 -0.35
C ASP A 395 10.77 -32.47 -1.55
N ARG A 396 10.08 -32.25 -2.68
CA ARG A 396 10.77 -31.78 -3.88
C ARG A 396 11.33 -30.37 -3.67
N MET A 397 10.59 -29.51 -2.97
CA MET A 397 11.10 -28.18 -2.68
C MET A 397 12.25 -28.22 -1.68
N PHE A 398 12.21 -29.14 -0.72
CA PHE A 398 13.30 -29.27 0.24
C PHE A 398 14.56 -29.82 -0.42
N ALA A 399 14.42 -30.84 -1.26
CA ALA A 399 15.58 -31.42 -1.93
C ALA A 399 16.25 -30.42 -2.86
N ARG A 400 15.47 -29.50 -3.42
CA ARG A 400 15.99 -28.54 -4.39
C ARG A 400 16.62 -27.31 -3.75
N LYS A 401 16.17 -26.90 -2.57
CA LYS A 401 16.57 -25.62 -2.01
C LYS A 401 17.23 -25.71 -0.65
N TYR A 402 16.82 -26.64 0.20
CA TYR A 402 17.23 -26.64 1.60
C TYR A 402 18.05 -27.88 1.99
N ASN A 403 18.41 -28.71 1.02
CA ASN A 403 18.99 -30.02 1.34
C ASN A 403 20.28 -29.91 2.14
N ALA A 404 21.12 -28.93 1.79
CA ALA A 404 22.44 -28.83 2.40
C ALA A 404 22.51 -27.85 3.56
N THR A 405 21.51 -26.98 3.75
CA THR A 405 21.59 -25.93 4.74
C THR A 405 20.53 -25.98 5.84
N HIS A 406 19.44 -26.73 5.64
CA HIS A 406 18.34 -26.74 6.59
C HIS A 406 17.90 -28.17 6.86
N ILE A 407 17.15 -28.34 7.95
CA ILE A 407 16.56 -29.62 8.33
C ILE A 407 15.07 -29.41 8.60
N LYS A 408 14.32 -30.49 8.45
CA LYS A 408 12.89 -30.45 8.68
C LYS A 408 12.59 -30.63 10.17
N VAL A 409 11.59 -29.92 10.65
CA VAL A 409 11.17 -29.99 12.05
C VAL A 409 9.79 -30.61 12.07
N GLY A 410 9.74 -31.92 12.29
CA GLY A 410 8.47 -32.62 12.40
C GLY A 410 7.80 -32.86 11.06
N GLN A 411 6.56 -33.33 11.16
CA GLN A 411 5.74 -33.61 10.00
C GLN A 411 5.04 -32.33 9.51
N PRO A 412 4.56 -32.32 8.27
CA PRO A 412 3.82 -31.16 7.78
C PRO A 412 2.58 -30.87 8.62
N GLN A 413 2.28 -29.59 8.78
CA GLN A 413 1.20 -29.11 9.63
C GLN A 413 0.16 -28.40 8.76
N TYR A 414 -1.11 -28.58 9.08
CA TYR A 414 -2.18 -28.06 8.23
C TYR A 414 -2.94 -26.98 8.97
N TYR A 415 -3.13 -25.84 8.32
CA TYR A 415 -3.79 -24.69 8.92
C TYR A 415 -4.82 -24.12 7.96
N LEU A 416 -5.98 -23.74 8.48
CA LEU A 416 -7.02 -23.12 7.68
C LEU A 416 -6.89 -21.62 7.79
N ALA A 417 -6.77 -20.94 6.64
CA ALA A 417 -6.51 -19.52 6.55
C ALA A 417 -7.73 -18.78 6.04
N THR A 418 -7.90 -17.58 6.59
CA THR A 418 -8.97 -16.67 6.20
C THR A 418 -9.02 -16.52 4.68
N GLY A 419 -10.23 -16.52 4.14
CA GLY A 419 -10.45 -16.64 2.71
C GLY A 419 -10.63 -18.07 2.25
N GLY A 420 -10.43 -19.04 3.14
CA GLY A 420 -10.63 -20.44 2.82
C GLY A 420 -9.46 -21.10 2.14
N PHE A 421 -8.25 -20.89 2.63
CA PHE A 421 -7.06 -21.52 2.04
C PHE A 421 -6.46 -22.52 3.01
N LEU A 422 -6.15 -23.72 2.51
CA LEU A 422 -5.56 -24.76 3.36
C LEU A 422 -4.06 -24.76 3.15
N ILE A 423 -3.31 -24.40 4.19
CA ILE A 423 -1.87 -24.28 4.12
C ILE A 423 -1.24 -25.52 4.74
N ALA A 424 -0.44 -26.23 3.95
CA ALA A 424 0.42 -27.29 4.45
C ALA A 424 1.81 -26.70 4.64
N TYR A 425 2.30 -26.72 5.88
CA TYR A 425 3.50 -26.00 6.27
C TYR A 425 4.48 -26.97 6.90
N GLN A 426 5.65 -27.10 6.30
CA GLN A 426 6.76 -27.85 6.87
C GLN A 426 7.74 -26.86 7.46
N PRO A 427 7.84 -26.76 8.79
CA PRO A 427 8.84 -25.88 9.38
C PRO A 427 10.25 -26.35 9.11
N LEU A 428 11.16 -25.39 8.97
CA LEU A 428 12.57 -25.67 8.71
C LEU A 428 13.42 -25.00 9.77
N LEU A 429 14.54 -25.63 10.10
CA LEU A 429 15.50 -25.08 11.04
C LEU A 429 16.88 -25.10 10.41
N SER A 430 17.62 -24.02 10.59
CA SER A 430 18.95 -23.91 10.00
C SER A 430 19.88 -24.95 10.61
N ASN A 431 20.84 -25.41 9.81
CA ASN A 431 21.78 -26.43 10.27
C ASN A 431 22.62 -25.93 11.43
N THR A 432 23.04 -24.67 11.38
CA THR A 432 23.84 -24.10 12.47
C THR A 432 23.02 -23.89 13.73
N LEU A 433 21.69 -23.86 13.64
CA LEU A 433 20.82 -23.65 14.78
C LEU A 433 20.22 -24.95 15.31
N ALA A 434 20.70 -26.09 14.85
CA ALA A 434 20.20 -27.37 15.32
C ALA A 434 21.06 -27.95 16.43
N SER A 466 -17.05 -35.66 11.51
CA SER A 466 -17.87 -35.14 10.43
C SER A 466 -17.02 -34.42 9.37
N VAL A 467 -17.41 -34.56 8.11
CA VAL A 467 -16.66 -34.00 7.00
C VAL A 467 -17.40 -32.77 6.48
N GLU A 468 -16.64 -31.87 5.84
CA GLU A 468 -17.18 -30.63 5.32
C GLU A 468 -16.36 -30.25 4.09
N ARG A 469 -16.77 -29.15 3.45
CA ARG A 469 -16.07 -28.62 2.28
C ARG A 469 -15.66 -27.18 2.56
N ILE A 470 -14.39 -26.87 2.28
CA ILE A 470 -13.86 -25.54 2.50
C ILE A 470 -14.26 -24.64 1.33
N LYS A 471 -14.80 -23.47 1.64
CA LYS A 471 -15.20 -22.49 0.63
C LYS A 471 -14.10 -21.45 0.50
N THR A 472 -13.61 -21.26 -0.73
CA THR A 472 -12.52 -20.35 -1.01
C THR A 472 -13.03 -19.14 -1.76
N THR A 473 -12.65 -17.95 -1.29
CA THR A 473 -13.00 -16.73 -2.00
C THR A 473 -12.23 -16.63 -3.32
N SER A 474 -12.85 -15.95 -4.29
CA SER A 474 -12.21 -15.76 -5.59
C SER A 474 -11.23 -14.61 -5.60
N SER A 475 -11.12 -13.87 -4.51
CA SER A 475 -10.29 -12.67 -4.42
C SER A 475 -9.16 -12.91 -3.43
N ILE A 476 -7.91 -12.83 -3.92
CA ILE A 476 -6.73 -12.97 -3.07
C ILE A 476 -6.17 -11.63 -2.64
N GLU A 477 -6.67 -10.52 -3.19
CA GLU A 477 -6.06 -9.21 -2.97
C GLU A 477 -6.17 -8.73 -1.53
N PHE A 478 -7.04 -9.33 -0.72
CA PHE A 478 -7.02 -9.00 0.70
C PHE A 478 -5.71 -9.43 1.34
N ALA A 479 -5.22 -10.63 1.00
CA ALA A 479 -3.96 -11.11 1.53
C ALA A 479 -2.76 -10.35 0.95
N ARG A 480 -2.85 -9.95 -0.32
CA ARG A 480 -1.78 -9.17 -0.92
C ARG A 480 -1.71 -7.77 -0.30
N LEU A 481 -2.86 -7.17 -0.04
CA LEU A 481 -2.90 -5.91 0.70
C LEU A 481 -2.33 -6.08 2.10
N GLN A 482 -2.66 -7.21 2.76
CA GLN A 482 -2.07 -7.51 4.06
C GLN A 482 -0.56 -7.54 3.97
N PHE A 483 -0.03 -8.22 2.96
CA PHE A 483 1.42 -8.33 2.80
C PHE A 483 2.05 -6.95 2.58
N THR A 484 1.50 -6.17 1.65
CA THR A 484 2.08 -4.87 1.33
C THR A 484 2.01 -3.94 2.54
N TYR A 485 0.85 -3.90 3.22
CA TYR A 485 0.69 -3.02 4.37
C TYR A 485 1.62 -3.44 5.50
N ASN A 486 1.76 -4.75 5.75
CA ASN A 486 2.66 -5.20 6.80
C ASN A 486 4.10 -4.83 6.48
N HIS A 487 4.51 -4.99 5.23
CA HIS A 487 5.88 -4.67 4.84
C HIS A 487 6.17 -3.19 5.05
N ILE A 488 5.31 -2.33 4.51
CA ILE A 488 5.52 -0.89 4.65
C ILE A 488 5.44 -0.48 6.11
N GLN A 489 4.47 -1.03 6.86
CA GLN A 489 4.30 -0.67 8.25
C GLN A 489 5.51 -1.07 9.09
N ARG A 490 6.04 -2.26 8.87
CA ARG A 490 7.21 -2.70 9.63
C ARG A 490 8.41 -1.81 9.32
N HIS A 491 8.63 -1.50 8.05
CA HIS A 491 9.75 -0.62 7.71
C HIS A 491 9.59 0.75 8.36
N VAL A 492 8.39 1.35 8.23
CA VAL A 492 8.17 2.70 8.74
C VAL A 492 8.30 2.72 10.26
N ASN A 493 7.72 1.73 10.93
CA ASN A 493 7.81 1.67 12.39
C ASN A 493 9.25 1.51 12.84
N ASP A 494 10.02 0.63 12.18
CA ASP A 494 11.42 0.46 12.56
C ASP A 494 12.19 1.76 12.40
N MET A 495 12.06 2.41 11.25
CA MET A 495 12.84 3.62 10.99
C MET A 495 12.44 4.75 11.94
N LEU A 496 11.14 4.96 12.13
CA LEU A 496 10.69 6.05 13.00
C LEU A 496 11.01 5.78 14.45
N GLY A 497 10.99 4.52 14.88
CA GLY A 497 11.46 4.20 16.23
C GLY A 497 12.94 4.47 16.39
N ARG A 498 13.73 4.16 15.37
CA ARG A 498 15.16 4.43 15.45
C ARG A 498 15.38 5.94 15.58
N ILE A 499 14.61 6.72 14.84
CA ILE A 499 14.69 8.18 14.91
C ILE A 499 14.29 8.68 16.30
N ALA A 500 13.22 8.11 16.87
CA ALA A 500 12.78 8.54 18.19
C ALA A 500 13.87 8.26 19.24
N VAL A 501 14.48 7.09 19.18
CA VAL A 501 15.56 6.76 20.11
C VAL A 501 16.74 7.73 19.92
N ALA A 502 17.10 7.99 18.66
CA ALA A 502 18.22 8.90 18.40
C ALA A 502 17.90 10.30 18.90
N TRP A 503 16.67 10.76 18.75
CA TRP A 503 16.28 12.09 19.22
C TRP A 503 16.38 12.19 20.73
N CYS A 504 15.87 11.18 21.44
CA CYS A 504 15.97 11.20 22.90
C CYS A 504 17.43 11.21 23.34
N GLU A 505 18.25 10.37 22.71
CA GLU A 505 19.67 10.33 23.05
C GLU A 505 20.34 11.66 22.78
N LEU A 506 20.00 12.31 21.67
CA LEU A 506 20.60 13.60 21.33
C LEU A 506 20.21 14.67 22.35
N GLN A 507 18.94 14.68 22.79
CA GLN A 507 18.53 15.66 23.79
C GLN A 507 19.28 15.46 25.10
N ASN A 508 19.32 14.20 25.57
CA ASN A 508 20.08 13.90 26.79
C ASN A 508 21.55 14.27 26.63
N HIS A 509 22.08 14.12 25.42
CA HIS A 509 23.50 14.37 25.16
C HIS A 509 23.79 15.88 25.13
N GLU A 510 22.85 16.67 24.61
CA GLU A 510 23.00 18.12 24.55
C GLU A 510 22.76 18.81 25.88
N LEU A 511 22.14 18.10 26.84
CA LEU A 511 22.00 18.68 28.18
C LEU A 511 23.34 19.12 28.77
N THR A 512 24.43 18.43 28.43
CA THR A 512 25.75 18.80 28.95
C THR A 512 26.19 20.16 28.39
N LEU A 513 26.04 20.35 27.08
CA LEU A 513 26.35 21.64 26.48
C LEU A 513 25.49 22.74 27.09
N TRP A 514 24.22 22.44 27.36
CA TRP A 514 23.37 23.42 28.01
C TRP A 514 23.85 23.74 29.42
N ASN A 515 24.34 22.74 30.15
CA ASN A 515 24.86 23.00 31.48
C ASN A 515 26.05 23.96 31.45
N GLU A 516 26.96 23.76 30.49
CA GLU A 516 28.09 24.70 30.37
C GLU A 516 27.63 26.08 29.93
N ALA A 517 26.75 26.15 28.94
CA ALA A 517 26.30 27.44 28.44
C ALA A 517 25.52 28.22 29.50
N ARG A 518 24.87 27.51 30.43
CA ARG A 518 24.21 28.19 31.55
C ARG A 518 25.23 28.96 32.38
N LYS A 519 26.37 28.34 32.67
CA LYS A 519 27.43 29.04 33.39
C LYS A 519 27.93 30.23 32.59
N LEU A 520 28.10 30.06 31.27
CA LEU A 520 28.64 31.15 30.47
C LEU A 520 27.69 32.35 30.44
N ASN A 521 26.42 32.13 30.11
CA ASN A 521 25.44 33.21 29.95
C ASN A 521 24.13 32.82 30.61
N PRO A 522 24.00 33.06 31.93
CA PRO A 522 22.75 32.69 32.60
C PRO A 522 21.53 33.39 32.02
N ASN A 523 21.65 34.65 31.60
CA ASN A 523 20.50 35.41 31.13
C ASN A 523 19.90 34.78 29.88
N ALA A 524 20.72 34.57 28.86
CA ALA A 524 20.22 34.05 27.59
C ALA A 524 19.73 32.62 27.73
N ILE A 525 20.47 31.79 28.48
CA ILE A 525 20.08 30.40 28.67
C ILE A 525 18.74 30.32 29.41
N ALA A 526 18.58 31.12 30.45
CA ALA A 526 17.31 31.14 31.18
C ALA A 526 16.18 31.61 30.29
N SER A 527 16.40 32.67 29.50
CA SER A 527 15.36 33.15 28.61
C SER A 527 14.96 32.09 27.60
N ALA A 528 15.94 31.34 27.08
CA ALA A 528 15.64 30.31 26.08
C ALA A 528 14.91 29.13 26.70
N THR A 529 15.33 28.69 27.89
CA THR A 529 14.75 27.48 28.49
C THR A 529 13.48 27.77 29.27
N VAL A 530 13.14 29.03 29.52
CA VAL A 530 11.96 29.38 30.30
C VAL A 530 10.85 29.80 29.35
N GLY A 531 11.23 30.41 28.23
CA GLY A 531 10.28 30.89 27.25
C GLY A 531 9.91 32.35 27.37
N ARG A 532 10.59 33.11 28.22
CA ARG A 532 10.35 34.53 28.38
C ARG A 532 11.64 35.20 28.83
N ARG A 533 11.78 36.48 28.51
CA ARG A 533 13.00 37.22 28.82
C ARG A 533 13.12 37.38 30.33
N VAL A 534 14.12 36.72 30.92
CA VAL A 534 14.36 36.80 32.35
C VAL A 534 15.84 37.07 32.60
N SER A 535 16.12 37.69 33.74
CA SER A 535 17.47 37.80 34.26
C SER A 535 17.74 36.61 35.16
N ALA A 536 18.93 36.06 35.07
CA ALA A 536 19.27 34.84 35.77
C ALA A 536 20.61 34.98 36.47
N ARG A 537 20.75 34.22 37.56
CA ARG A 537 22.01 34.14 38.28
C ARG A 537 22.14 32.74 38.86
N MET A 538 23.31 32.14 38.72
CA MET A 538 23.53 30.78 39.23
C MET A 538 23.72 30.86 40.73
N LEU A 539 22.71 30.41 41.48
CA LEU A 539 22.79 30.39 42.95
C LEU A 539 23.27 29.03 43.41
N GLY A 540 24.51 28.71 43.06
CA GLY A 540 25.09 27.42 43.34
C GLY A 540 24.94 26.45 42.19
N ASP A 541 24.01 25.52 42.29
CA ASP A 541 23.75 24.54 41.24
C ASP A 541 22.38 24.69 40.62
N VAL A 542 21.56 25.62 41.09
CA VAL A 542 20.31 25.97 40.43
C VAL A 542 20.44 27.39 39.90
N MET A 543 19.41 27.87 39.21
CA MET A 543 19.48 29.16 38.53
C MET A 543 18.28 30.02 38.97
N ALA A 544 18.55 31.05 39.76
CA ALA A 544 17.51 31.98 40.15
C ALA A 544 17.16 32.91 38.99
N VAL A 545 15.86 33.11 38.78
CA VAL A 545 15.39 33.89 37.63
C VAL A 545 14.45 34.99 38.12
N SER A 546 14.30 36.01 37.28
CA SER A 546 13.41 37.13 37.55
C SER A 546 12.94 37.73 36.24
N THR A 547 11.65 38.01 36.14
CA THR A 547 11.08 38.53 34.90
C THR A 547 11.63 39.92 34.59
N CYS A 548 11.99 40.12 33.32
CA CYS A 548 12.50 41.41 32.85
C CYS A 548 11.34 42.26 32.36
N VAL A 549 11.34 43.54 32.75
CA VAL A 549 10.24 44.43 32.39
C VAL A 549 10.48 44.97 30.98
N PRO A 550 9.50 44.86 30.09
CA PRO A 550 9.68 45.38 28.73
C PRO A 550 9.68 46.89 28.67
N VAL A 551 10.35 47.42 27.65
CA VAL A 551 10.44 48.85 27.38
C VAL A 551 10.32 49.05 25.88
N ALA A 552 9.51 50.02 25.47
CA ALA A 552 9.31 50.29 24.05
C ALA A 552 10.60 50.83 23.43
N PRO A 553 10.92 50.42 22.20
CA PRO A 553 12.16 50.89 21.57
C PRO A 553 12.21 52.40 21.36
N ASP A 554 11.06 53.02 21.08
CA ASP A 554 11.03 54.47 20.91
C ASP A 554 11.33 55.20 22.21
N ASN A 555 11.18 54.53 23.35
CA ASN A 555 11.51 55.13 24.63
C ASN A 555 12.99 55.03 24.97
N VAL A 556 13.81 54.49 24.07
CA VAL A 556 15.24 54.30 24.30
C VAL A 556 16.02 55.00 23.20
N ILE A 557 17.04 55.76 23.59
CA ILE A 557 18.00 56.35 22.65
C ILE A 557 19.40 56.03 23.14
N VAL A 558 20.35 56.09 22.21
CA VAL A 558 21.75 55.82 22.50
C VAL A 558 22.53 57.13 22.43
N GLN A 559 23.55 57.24 23.26
CA GLN A 559 24.33 58.46 23.36
C GLN A 559 25.47 58.47 22.35
N ASN A 560 25.88 59.68 21.96
CA ASN A 560 26.89 59.83 20.92
C ASN A 560 28.27 59.35 21.39
N SER A 561 28.69 59.79 22.57
CA SER A 561 30.05 59.55 23.04
C SER A 561 30.09 58.36 23.98
N MET A 562 31.04 57.45 23.75
CA MET A 562 31.28 56.32 24.63
C MET A 562 32.44 56.56 25.59
N ARG A 563 33.07 57.74 25.54
CA ARG A 563 34.14 58.08 26.45
C ARG A 563 33.60 58.40 27.84
N VAL A 564 34.44 58.23 28.85
CA VAL A 564 34.10 58.57 30.22
C VAL A 564 34.50 60.01 30.48
N SER A 565 33.54 60.84 30.88
CA SER A 565 33.80 62.26 31.06
C SER A 565 34.80 62.51 32.17
N SER A 566 34.67 61.79 33.29
CA SER A 566 35.52 62.05 34.45
C SER A 566 36.96 61.64 34.19
N ARG A 567 37.17 60.43 33.68
CA ARG A 567 38.52 59.88 33.58
C ARG A 567 38.96 59.76 32.13
N PRO A 568 39.91 60.58 31.67
CA PRO A 568 40.50 60.34 30.35
C PRO A 568 41.33 59.06 30.34
N GLY A 569 41.43 58.46 29.16
CA GLY A 569 42.14 57.21 28.98
C GLY A 569 41.33 55.96 29.23
N THR A 570 40.08 56.10 29.67
CA THR A 570 39.17 54.98 29.88
C THR A 570 37.86 55.28 29.17
N CYS A 571 37.17 54.21 28.77
CA CYS A 571 35.94 54.36 27.99
C CYS A 571 34.94 53.28 28.43
N TYR A 572 33.72 53.41 27.90
CA TYR A 572 32.66 52.44 28.13
C TYR A 572 32.78 51.31 27.11
N SER A 573 32.68 50.07 27.58
CA SER A 573 32.73 48.92 26.67
C SER A 573 31.53 48.91 25.73
N ARG A 574 30.36 49.27 26.23
CA ARG A 574 29.15 49.29 25.45
C ARG A 574 28.48 50.66 25.55
N PRO A 575 27.75 51.09 24.53
CA PRO A 575 27.30 52.49 24.47
C PRO A 575 26.31 52.84 25.55
N LEU A 576 26.33 54.11 25.94
CA LEU A 576 25.39 54.63 26.93
C LEU A 576 24.01 54.81 26.31
N VAL A 577 22.97 54.65 27.13
CA VAL A 577 21.60 54.80 26.67
C VAL A 577 20.81 55.65 27.66
N SER A 578 19.79 56.33 27.14
CA SER A 578 18.81 57.04 27.94
C SER A 578 17.43 56.49 27.59
N PHE A 579 16.69 56.04 28.60
CA PHE A 579 15.42 55.40 28.36
C PHE A 579 14.41 55.82 29.42
N ARG A 580 13.13 55.74 29.06
CA ARG A 580 12.02 55.99 29.97
C ARG A 580 11.13 54.77 30.00
N TYR A 581 10.69 54.37 31.20
CA TYR A 581 9.84 53.20 31.30
C TYR A 581 8.51 53.40 30.59
N GLU A 582 7.98 54.62 30.59
CA GLU A 582 6.76 54.95 29.88
C GLU A 582 6.99 56.18 29.01
N ASP A 583 5.99 56.51 28.20
CA ASP A 583 6.12 57.65 27.30
C ASP A 583 6.27 58.96 28.06
N GLN A 584 5.49 59.15 29.12
CA GLN A 584 5.51 60.39 29.89
C GLN A 584 6.42 60.31 31.12
N GLY A 585 7.13 59.20 31.31
CA GLY A 585 7.96 59.03 32.48
C GLY A 585 9.24 59.82 32.40
N PRO A 586 9.92 59.93 33.54
CA PRO A 586 11.18 60.66 33.58
C PRO A 586 12.31 59.88 32.91
N LEU A 587 13.31 60.62 32.46
CA LEU A 587 14.46 60.02 31.80
C LEU A 587 15.33 59.27 32.81
N ILE A 588 15.84 58.12 32.38
CA ILE A 588 16.71 57.29 33.21
C ILE A 588 17.92 56.89 32.40
N GLU A 589 19.10 57.09 32.99
CA GLU A 589 20.36 56.78 32.33
C GLU A 589 20.70 55.31 32.51
N GLY A 590 21.57 54.81 31.65
CA GLY A 590 21.97 53.42 31.73
C GLY A 590 22.97 53.08 30.65
N GLN A 591 23.33 51.80 30.60
CA GLN A 591 24.28 51.28 29.62
C GLN A 591 23.63 50.17 28.82
N LEU A 592 23.89 50.16 27.51
CA LEU A 592 23.31 49.16 26.64
C LEU A 592 23.94 47.79 26.91
N GLY A 593 23.13 46.85 27.35
CA GLY A 593 23.56 45.47 27.55
C GLY A 593 23.47 44.67 26.27
N GLU A 594 23.30 43.37 26.42
CA GLU A 594 23.25 42.45 25.29
C GLU A 594 21.80 42.16 24.92
N ASN A 595 21.55 42.08 23.60
CA ASN A 595 20.24 41.70 23.07
C ASN A 595 19.14 42.63 23.59
N ASN A 596 19.35 43.93 23.42
CA ASN A 596 18.38 44.96 23.80
C ASN A 596 18.06 44.89 25.29
N GLU A 597 19.10 44.84 26.11
CA GLU A 597 18.97 44.92 27.56
C GLU A 597 19.43 46.29 28.03
N LEU A 598 18.70 46.86 28.99
CA LEU A 598 19.01 48.17 29.54
C LEU A 598 19.57 47.98 30.95
N ARG A 599 20.89 48.11 31.09
CA ARG A 599 21.54 47.98 32.37
C ARG A 599 21.46 49.30 33.13
N LEU A 600 21.05 49.24 34.40
CA LEU A 600 20.88 50.45 35.20
C LEU A 600 22.20 51.04 35.67
N THR A 601 23.27 50.26 35.67
CA THR A 601 24.57 50.71 36.17
C THR A 601 25.56 50.78 35.01
N ARG A 602 26.29 51.89 34.92
CA ARG A 602 27.26 52.10 33.86
C ARG A 602 28.65 51.74 34.35
N ASP A 603 28.85 50.43 34.56
CA ASP A 603 30.10 49.91 35.08
C ASP A 603 30.94 49.18 34.05
N ALA A 604 30.42 48.98 32.84
CA ALA A 604 31.19 48.32 31.78
C ALA A 604 32.24 49.29 31.27
N LEU A 605 33.47 49.14 31.77
CA LEU A 605 34.55 50.07 31.50
C LEU A 605 35.78 49.32 31.01
N GLU A 606 36.42 49.85 29.98
CA GLU A 606 37.63 49.26 29.42
C GLU A 606 38.63 50.37 29.13
N PRO A 607 39.92 50.06 29.17
CA PRO A 607 40.93 51.04 28.75
C PRO A 607 40.78 51.37 27.27
N CYS A 608 41.10 52.62 26.93
CA CYS A 608 40.95 53.07 25.55
C CYS A 608 41.91 52.33 24.62
N THR A 609 41.45 52.07 23.41
CA THR A 609 42.24 51.35 22.41
C THR A 609 42.01 51.98 21.04
N VAL A 610 43.10 52.17 20.29
CA VAL A 610 43.01 52.74 18.95
C VAL A 610 42.43 51.72 17.98
N GLY A 611 41.79 52.21 16.93
CA GLY A 611 41.12 51.34 15.98
C GLY A 611 39.89 50.65 16.55
N HIS A 612 39.09 51.38 17.32
CA HIS A 612 37.91 50.83 17.98
C HIS A 612 36.74 50.87 17.01
N ARG A 613 36.25 49.70 16.63
CA ARG A 613 35.13 49.58 15.70
C ARG A 613 34.17 48.53 16.26
N ARG A 614 32.95 48.95 16.59
CA ARG A 614 32.00 48.03 17.21
C ARG A 614 30.63 48.18 16.59
N TYR A 615 29.90 47.06 16.58
CA TYR A 615 28.49 47.02 16.23
C TYR A 615 27.70 46.59 17.47
N PHE A 616 26.58 47.25 17.72
CA PHE A 616 25.76 46.92 18.88
C PHE A 616 24.31 46.74 18.47
N ILE A 617 23.68 45.69 19.02
CA ILE A 617 22.27 45.45 18.75
C ILE A 617 21.44 46.57 19.37
N PHE A 618 20.53 47.13 18.57
CA PHE A 618 19.66 48.21 19.02
C PHE A 618 18.35 48.08 18.27
N GLY A 619 17.27 47.82 19.00
CA GLY A 619 16.00 47.58 18.35
C GLY A 619 16.10 46.39 17.42
N GLY A 620 15.67 46.58 16.18
CA GLY A 620 15.80 45.58 15.15
C GLY A 620 17.06 45.64 14.32
N GLY A 621 18.00 46.53 14.65
CA GLY A 621 19.20 46.66 13.85
C GLY A 621 20.47 46.84 14.65
N TYR A 622 21.46 47.50 14.08
CA TYR A 622 22.75 47.74 14.72
C TYR A 622 23.09 49.22 14.70
N VAL A 623 23.74 49.67 15.77
CA VAL A 623 24.40 50.97 15.83
C VAL A 623 25.90 50.73 15.76
N TYR A 624 26.56 51.42 14.84
CA TYR A 624 27.99 51.24 14.60
C TYR A 624 28.75 52.41 15.21
N PHE A 625 29.68 52.09 16.10
CA PHE A 625 30.51 53.08 16.78
C PHE A 625 31.95 52.94 16.32
N GLU A 626 32.58 54.07 16.00
CA GLU A 626 33.97 54.11 15.58
C GLU A 626 34.70 55.12 16.45
N GLU A 627 35.86 54.71 16.97
CA GLU A 627 36.68 55.54 17.86
C GLU A 627 35.88 56.01 19.07
N TYR A 628 35.09 55.11 19.64
CA TYR A 628 34.27 55.38 20.83
C TYR A 628 33.30 56.53 20.61
N ALA A 629 32.85 56.71 19.37
CA ALA A 629 31.87 57.71 19.03
C ALA A 629 30.85 57.12 18.08
N TYR A 630 29.60 57.59 18.18
CA TYR A 630 28.56 57.14 17.28
C TYR A 630 28.95 57.47 15.85
N SER A 631 28.89 56.45 14.98
CA SER A 631 29.32 56.61 13.60
C SER A 631 28.21 56.40 12.61
N HIS A 632 27.48 55.29 12.69
CA HIS A 632 26.58 54.92 11.61
C HIS A 632 25.51 53.98 12.15
N GLN A 633 24.57 53.61 11.27
CA GLN A 633 23.43 52.77 11.63
C GLN A 633 23.23 51.74 10.53
N LEU A 634 22.83 50.54 10.91
CA LEU A 634 22.61 49.47 9.93
C LEU A 634 21.38 48.68 10.31
N SER A 635 20.76 48.08 9.29
CA SER A 635 19.74 47.07 9.50
C SER A 635 20.38 45.68 9.41
N ARG A 636 19.63 44.66 9.81
CA ARG A 636 20.14 43.31 9.73
C ARG A 636 20.27 42.84 8.29
N ALA A 637 19.53 43.44 7.37
CA ALA A 637 19.71 43.12 5.95
C ALA A 637 21.03 43.62 5.40
N ASP A 638 21.63 44.63 6.03
CA ASP A 638 22.91 45.18 5.58
C ASP A 638 24.10 44.38 6.08
N VAL A 639 23.90 43.37 6.91
CA VAL A 639 24.98 42.55 7.44
C VAL A 639 24.90 41.18 6.78
N THR A 640 26.07 40.68 6.36
CA THR A 640 26.14 39.33 5.79
C THR A 640 25.69 38.30 6.82
N THR A 641 24.84 37.38 6.40
CA THR A 641 24.24 36.39 7.29
C THR A 641 24.80 35.00 7.00
N VAL A 642 25.32 34.36 8.04
CA VAL A 642 25.70 32.96 7.99
C VAL A 642 24.77 32.20 8.94
N SER A 643 24.54 30.93 8.63
CA SER A 643 23.55 30.12 9.33
C SER A 643 24.24 29.06 10.17
N THR A 644 23.79 28.91 11.41
CA THR A 644 24.14 27.77 12.24
C THR A 644 23.14 26.62 12.09
N PHE A 645 22.07 26.83 11.33
CA PHE A 645 21.01 25.83 11.20
C PHE A 645 21.38 24.80 10.15
N ILE A 646 21.07 23.54 10.45
CA ILE A 646 21.20 22.46 9.49
C ILE A 646 19.87 22.31 8.75
N ASP A 647 19.94 22.31 7.42
CA ASP A 647 18.72 22.27 6.63
C ASP A 647 18.09 20.88 6.66
N LEU A 648 16.76 20.85 6.67
CA LEU A 648 16.00 19.61 6.52
C LEU A 648 14.72 19.94 5.79
N ASN A 649 14.59 19.45 4.57
CA ASN A 649 13.47 19.78 3.68
C ASN A 649 12.57 18.55 3.58
N ILE A 650 11.57 18.49 4.43
CA ILE A 650 10.60 17.40 4.45
C ILE A 650 9.33 17.87 3.76
N THR A 651 8.88 17.12 2.76
CA THR A 651 7.66 17.42 2.03
C THR A 651 6.64 16.32 2.25
N MET A 652 5.38 16.71 2.24
CA MET A 652 4.28 15.77 2.47
C MET A 652 4.03 14.92 1.24
N LEU A 653 3.71 13.65 1.46
CA LEU A 653 3.25 12.79 0.38
C LEU A 653 1.87 13.26 -0.08
N GLU A 654 1.69 13.41 -1.39
CA GLU A 654 0.50 14.04 -1.93
C GLU A 654 -0.67 13.06 -1.98
N ASP A 655 -1.87 13.63 -2.03
CA ASP A 655 -3.07 12.83 -2.21
C ASP A 655 -3.04 12.13 -3.56
N HIS A 656 -3.60 10.93 -3.61
CA HIS A 656 -3.68 10.18 -4.86
C HIS A 656 -5.04 9.50 -4.95
N GLU A 657 -5.60 9.49 -6.16
CA GLU A 657 -6.92 8.93 -6.41
C GLU A 657 -6.80 7.66 -7.24
N PHE A 658 -7.41 6.59 -6.77
CA PHE A 658 -7.43 5.32 -7.48
C PHE A 658 -8.77 5.19 -8.19
N VAL A 659 -8.76 5.26 -9.52
CA VAL A 659 -9.97 5.08 -10.32
C VAL A 659 -10.27 3.59 -10.40
N PRO A 660 -11.54 3.19 -10.58
CA PRO A 660 -11.83 1.77 -10.84
C PRO A 660 -11.16 1.31 -12.13
N LEU A 661 -10.67 0.09 -12.12
CA LEU A 661 -9.92 -0.44 -13.27
C LEU A 661 -10.12 -1.95 -13.33
N GLU A 662 -10.57 -2.43 -14.49
CA GLU A 662 -10.72 -3.86 -14.73
C GLU A 662 -10.18 -4.20 -16.10
N VAL A 663 -9.47 -5.32 -16.20
CA VAL A 663 -9.00 -5.79 -17.51
C VAL A 663 -10.19 -6.19 -18.36
N TYR A 664 -11.11 -6.98 -17.79
CA TYR A 664 -12.32 -7.39 -18.47
C TYR A 664 -13.50 -7.16 -17.53
N THR A 665 -14.52 -6.44 -18.02
CA THR A 665 -15.75 -6.33 -17.26
C THR A 665 -16.51 -7.66 -17.30
N ARG A 666 -17.42 -7.84 -16.34
CA ARG A 666 -18.20 -9.06 -16.34
C ARG A 666 -19.12 -9.15 -17.56
N HIS A 667 -19.49 -8.01 -18.14
CA HIS A 667 -20.18 -8.04 -19.42
C HIS A 667 -19.28 -8.60 -20.52
N GLU A 668 -18.01 -8.20 -20.53
CA GLU A 668 -17.07 -8.74 -21.50
C GLU A 668 -16.88 -10.24 -21.30
N ILE A 669 -16.77 -10.68 -20.04
CA ILE A 669 -16.60 -12.10 -19.74
C ILE A 669 -17.83 -12.89 -20.16
N LYS A 670 -19.03 -12.33 -19.95
CA LYS A 670 -20.24 -12.99 -20.41
C LYS A 670 -20.28 -13.08 -21.92
N ASP A 671 -19.84 -12.02 -22.61
CA ASP A 671 -19.91 -11.96 -24.06
C ASP A 671 -18.84 -12.82 -24.75
N SER A 672 -17.81 -13.26 -24.03
CA SER A 672 -16.76 -14.04 -24.68
C SER A 672 -17.25 -15.42 -25.13
N GLY A 673 -18.34 -15.92 -24.57
CA GLY A 673 -18.88 -17.19 -25.02
C GLY A 673 -19.49 -17.08 -26.40
N LEU A 674 -19.31 -18.13 -27.20
CA LEU A 674 -19.79 -18.11 -28.58
C LEU A 674 -21.31 -18.15 -28.65
N LEU A 675 -21.92 -19.06 -27.89
CA LEU A 675 -23.37 -19.21 -27.87
C LEU A 675 -23.89 -18.97 -26.46
N ASP A 676 -24.92 -18.13 -26.33
CA ASP A 676 -25.59 -17.91 -25.07
C ASP A 676 -26.88 -18.71 -25.06
N TYR A 677 -26.96 -19.68 -24.15
CA TYR A 677 -28.11 -20.59 -24.14
C TYR A 677 -29.41 -19.84 -23.89
N THR A 678 -29.40 -18.89 -22.96
CA THR A 678 -30.61 -18.14 -22.64
C THR A 678 -31.12 -17.38 -23.85
N GLU A 679 -30.23 -16.68 -24.55
CA GLU A 679 -30.65 -15.85 -25.67
C GLU A 679 -31.12 -16.70 -26.85
N VAL A 680 -30.43 -17.81 -27.11
CA VAL A 680 -30.84 -18.70 -28.19
C VAL A 680 -32.22 -19.30 -27.89
N GLN A 681 -32.43 -19.75 -26.65
CA GLN A 681 -33.74 -20.28 -26.27
C GLN A 681 -34.82 -19.22 -26.39
N ARG A 682 -34.52 -17.99 -25.95
CA ARG A 682 -35.50 -16.91 -26.04
C ARG A 682 -35.87 -16.64 -27.49
N ARG A 683 -34.89 -16.59 -28.38
CA ARG A 683 -35.19 -16.19 -29.75
C ARG A 683 -35.84 -17.33 -30.53
N ASN A 684 -35.47 -18.58 -30.22
CA ASN A 684 -36.07 -19.72 -30.91
C ASN A 684 -37.49 -19.99 -30.43
N GLN A 685 -37.77 -19.76 -29.16
CA GLN A 685 -39.12 -20.00 -28.65
C GLN A 685 -40.08 -18.87 -29.00
N LEU A 686 -39.61 -17.80 -29.63
CA LEU A 686 -40.46 -16.78 -30.21
C LEU A 686 -40.84 -17.08 -31.65
N HIS A 687 -40.42 -18.24 -32.18
CA HIS A 687 -40.57 -18.51 -33.61
C HIS A 687 -42.04 -18.51 -34.04
N ASP A 688 -42.89 -19.20 -33.27
CA ASP A 688 -44.30 -19.26 -33.65
C ASP A 688 -45.00 -17.94 -33.43
N LEU A 689 -44.57 -17.17 -32.43
CA LEU A 689 -45.16 -15.85 -32.19
C LEU A 689 -44.79 -14.85 -33.28
N ARG A 690 -43.70 -15.08 -34.00
CA ARG A 690 -43.25 -14.17 -35.06
C ARG A 690 -43.70 -14.62 -36.45
N PHE A 691 -43.57 -15.90 -36.76
CA PHE A 691 -43.76 -16.40 -38.12
C PHE A 691 -45.03 -17.22 -38.29
N ALA A 692 -45.75 -17.51 -37.21
CA ALA A 692 -46.97 -18.30 -37.31
C ALA A 692 -48.12 -17.61 -36.58
N ASP A 693 -49.25 -18.31 -36.47
CA ASP A 693 -50.39 -17.83 -35.70
C ASP A 693 -50.82 -18.95 -34.76
N ILE A 694 -50.84 -18.66 -33.45
CA ILE A 694 -51.07 -19.69 -32.45
C ILE A 694 -52.50 -19.71 -31.95
N ASP A 695 -53.37 -18.84 -32.46
CA ASP A 695 -54.71 -18.69 -31.91
C ASP A 695 -55.82 -19.11 -32.87
N THR A 696 -55.66 -18.85 -34.16
CA THR A 696 -56.74 -19.11 -35.11
C THR A 696 -57.00 -20.62 -35.23
N VAL A 697 -58.28 -20.97 -35.22
CA VAL A 697 -58.72 -22.34 -35.44
C VAL A 697 -59.48 -22.37 -36.75
N ILE A 698 -59.00 -23.18 -37.70
CA ILE A 698 -59.58 -23.18 -39.04
C ILE A 698 -60.97 -23.81 -39.03
N ASP B 83 42.04 16.87 6.88
CA ASP B 83 42.74 18.02 6.31
C ASP B 83 44.02 18.29 7.09
N ALA B 84 45.17 18.01 6.47
CA ALA B 84 46.46 18.21 7.09
C ALA B 84 47.06 19.58 6.80
N GLN B 85 46.39 20.39 5.99
CA GLN B 85 46.93 21.69 5.61
C GLN B 85 47.03 22.62 6.81
N PHE B 86 48.09 23.42 6.85
CA PHE B 86 48.22 24.46 7.86
C PHE B 86 47.60 25.76 7.35
N TYR B 87 47.36 26.70 8.26
CA TYR B 87 46.74 27.96 7.88
C TYR B 87 47.37 29.10 8.67
N VAL B 88 47.72 30.17 7.97
CA VAL B 88 48.17 31.41 8.59
C VAL B 88 46.99 32.38 8.57
N CYS B 89 46.62 32.87 9.75
CA CYS B 89 45.40 33.67 9.91
C CYS B 89 45.75 35.10 10.32
N PRO B 90 45.65 36.07 9.41
CA PRO B 90 45.93 37.46 9.78
C PRO B 90 44.80 38.01 10.64
N PRO B 91 45.06 39.09 11.39
CA PRO B 91 44.02 39.66 12.26
C PRO B 91 42.79 40.06 11.45
N PRO B 92 41.59 39.77 11.97
CA PRO B 92 40.36 40.02 11.22
C PRO B 92 39.95 41.48 11.28
N THR B 93 40.15 42.18 10.16
CA THR B 93 39.68 43.55 10.04
C THR B 93 38.17 43.55 9.80
N GLY B 94 37.51 44.60 10.26
CA GLY B 94 36.06 44.70 10.14
C GLY B 94 35.57 45.03 8.75
N ALA B 95 36.38 44.75 7.73
CA ALA B 95 35.97 44.97 6.35
C ALA B 95 34.80 44.05 5.97
N THR B 96 34.83 42.81 6.43
CA THR B 96 33.75 41.84 6.19
C THR B 96 33.29 41.29 7.53
N VAL B 97 32.07 41.65 7.94
CA VAL B 97 31.49 41.18 9.18
C VAL B 97 30.29 40.29 8.85
N VAL B 98 30.04 39.32 9.73
CA VAL B 98 28.94 38.38 9.56
C VAL B 98 28.13 38.31 10.83
N GLN B 99 26.89 37.84 10.69
CA GLN B 99 25.97 37.63 11.79
C GLN B 99 25.35 36.26 11.64
N PHE B 100 24.84 35.73 12.76
CA PHE B 100 24.12 34.46 12.71
C PHE B 100 22.67 34.70 12.31
N GLU B 101 22.12 33.76 11.55
CA GLU B 101 20.72 33.81 11.19
C GLU B 101 19.84 33.71 12.43
N GLN B 102 18.84 34.58 12.51
CA GLN B 102 17.93 34.57 13.62
C GLN B 102 16.96 33.40 13.51
N PRO B 103 16.31 33.00 14.62
CA PRO B 103 15.46 31.80 14.58
C PRO B 103 14.40 31.88 13.49
N ARG B 104 14.25 30.77 12.78
CA ARG B 104 13.29 30.68 11.69
C ARG B 104 11.89 30.45 12.23
N ARG B 105 10.90 30.85 11.44
CA ARG B 105 9.51 30.54 11.76
C ARG B 105 9.28 29.06 11.56
N CYS B 106 8.91 28.36 12.62
CA CYS B 106 8.80 26.91 12.51
C CYS B 106 7.46 26.52 11.90
N PRO B 107 7.41 25.40 11.18
CA PRO B 107 6.15 24.95 10.59
C PRO B 107 5.12 24.63 11.67
N THR B 108 3.87 24.55 11.24
CA THR B 108 2.75 24.35 12.14
C THR B 108 2.20 22.94 11.98
N ARG B 109 1.86 22.32 13.10
CA ARG B 109 1.27 20.99 13.07
C ARG B 109 -0.08 21.05 12.39
N PRO B 110 -0.38 20.16 11.44
CA PRO B 110 -1.66 20.22 10.74
C PRO B 110 -2.85 20.12 11.68
N GLU B 111 -3.92 20.83 11.32
CA GLU B 111 -5.12 20.85 12.15
C GLU B 111 -5.71 19.45 12.31
N GLY B 112 -5.64 18.63 11.26
CA GLY B 112 -6.16 17.28 11.32
C GLY B 112 -7.53 17.15 10.70
N GLN B 113 -7.77 16.06 9.97
CA GLN B 113 -9.03 15.88 9.27
C GLN B 113 -10.17 15.70 10.26
N ASN B 114 -11.24 16.45 10.07
CA ASN B 114 -12.45 16.28 10.87
C ASN B 114 -13.27 15.14 10.30
N TYR B 115 -13.70 14.23 11.17
CA TYR B 115 -14.41 13.03 10.76
C TYR B 115 -15.80 13.04 11.36
N THR B 116 -16.82 12.81 10.53
CA THR B 116 -18.17 12.60 11.00
C THR B 116 -18.39 11.10 11.16
N GLU B 117 -18.72 10.67 12.38
CA GLU B 117 -19.06 9.28 12.61
C GLU B 117 -20.49 9.02 12.14
N GLY B 118 -20.74 7.78 11.76
CA GLY B 118 -22.07 7.44 11.29
C GLY B 118 -22.16 5.98 10.91
N ILE B 119 -23.37 5.60 10.50
CA ILE B 119 -23.69 4.24 10.09
C ILE B 119 -23.97 4.26 8.58
N ALA B 120 -23.58 3.20 7.88
CA ALA B 120 -23.74 3.21 6.44
C ALA B 120 -24.20 1.85 5.93
N VAL B 121 -24.95 1.89 4.83
CA VAL B 121 -25.31 0.70 4.07
C VAL B 121 -24.90 0.95 2.62
N VAL B 122 -24.04 0.09 2.09
CA VAL B 122 -23.55 0.20 0.73
C VAL B 122 -24.33 -0.77 -0.14
N PHE B 123 -24.97 -0.23 -1.18
CA PHE B 123 -25.78 -0.95 -2.13
C PHE B 123 -25.04 -1.05 -3.45
N LYS B 124 -25.16 -2.20 -4.11
CA LYS B 124 -24.58 -2.47 -5.41
C LYS B 124 -25.68 -2.71 -6.43
N GLU B 125 -25.31 -2.71 -7.70
CA GLU B 125 -26.25 -3.05 -8.76
C GLU B 125 -26.75 -4.48 -8.58
N ASN B 126 -28.06 -4.66 -8.70
CA ASN B 126 -28.64 -6.00 -8.58
C ASN B 126 -28.43 -6.75 -9.88
N ILE B 127 -27.74 -7.89 -9.80
CA ILE B 127 -27.58 -8.79 -10.94
C ILE B 127 -28.31 -10.10 -10.75
N ALA B 128 -28.90 -10.34 -9.59
CA ALA B 128 -29.63 -11.58 -9.33
C ALA B 128 -31.01 -11.51 -9.98
N PRO B 129 -31.41 -12.54 -10.72
CA PRO B 129 -32.76 -12.55 -11.28
C PRO B 129 -33.83 -12.61 -10.19
N TYR B 130 -34.96 -11.97 -10.48
CA TYR B 130 -36.12 -12.10 -9.61
C TYR B 130 -36.66 -13.52 -9.69
N LYS B 131 -36.87 -14.13 -8.53
CA LYS B 131 -37.26 -15.53 -8.44
C LYS B 131 -38.64 -15.65 -7.82
N PHE B 132 -39.44 -16.57 -8.33
CA PHE B 132 -40.74 -16.88 -7.75
C PHE B 132 -41.10 -18.32 -8.08
N LYS B 133 -42.25 -18.76 -7.57
CA LYS B 133 -42.70 -20.13 -7.72
C LYS B 133 -43.85 -20.20 -8.71
N ALA B 134 -43.79 -21.17 -9.62
CA ALA B 134 -44.86 -21.37 -10.60
C ALA B 134 -45.24 -22.84 -10.61
N THR B 135 -46.35 -23.14 -11.27
CA THR B 135 -46.81 -24.51 -11.45
C THR B 135 -47.23 -24.69 -12.89
N MET B 136 -46.68 -25.70 -13.55
CA MET B 136 -47.02 -26.03 -14.93
C MET B 136 -48.00 -27.20 -14.95
N TYR B 137 -49.08 -27.02 -15.69
CA TYR B 137 -50.08 -28.05 -15.93
C TYR B 137 -50.05 -28.33 -17.42
N TYR B 138 -49.71 -29.57 -17.80
CA TYR B 138 -49.75 -29.93 -19.21
C TYR B 138 -50.04 -31.41 -19.33
N LYS B 139 -50.08 -31.89 -20.58
CA LYS B 139 -50.36 -33.29 -20.86
C LYS B 139 -49.39 -33.77 -21.92
N ASP B 140 -48.63 -34.80 -21.59
CA ASP B 140 -47.83 -35.49 -22.59
C ASP B 140 -48.75 -36.36 -23.43
N VAL B 141 -48.83 -36.06 -24.73
CA VAL B 141 -49.64 -36.81 -25.67
C VAL B 141 -48.70 -37.53 -26.61
N THR B 142 -48.80 -38.85 -26.64
CA THR B 142 -47.93 -39.67 -27.48
C THR B 142 -48.79 -40.53 -28.38
N VAL B 143 -48.59 -40.41 -29.68
CA VAL B 143 -49.24 -41.28 -30.66
C VAL B 143 -48.16 -42.16 -31.28
N SER B 144 -48.26 -43.46 -31.03
CA SER B 144 -47.31 -44.43 -31.56
C SER B 144 -47.93 -45.16 -32.73
N GLN B 145 -47.27 -45.09 -33.89
CA GLN B 145 -47.60 -45.93 -35.03
C GLN B 145 -46.63 -47.11 -35.04
N VAL B 146 -47.20 -48.31 -34.92
CA VAL B 146 -46.45 -49.56 -34.83
C VAL B 146 -46.84 -50.44 -36.01
N TRP B 147 -45.84 -50.95 -36.71
CA TRP B 147 -46.03 -51.95 -37.75
C TRP B 147 -45.83 -53.33 -37.13
N PHE B 148 -46.80 -54.23 -37.32
CA PHE B 148 -46.73 -55.56 -36.76
C PHE B 148 -46.32 -56.54 -37.86
N GLY B 149 -45.03 -56.83 -37.93
CA GLY B 149 -44.52 -57.85 -38.83
C GLY B 149 -44.61 -59.23 -38.22
N HIS B 150 -44.05 -60.20 -38.94
CA HIS B 150 -44.04 -61.58 -38.47
C HIS B 150 -42.90 -61.76 -37.48
N ARG B 151 -43.23 -62.12 -36.24
CA ARG B 151 -42.30 -62.36 -35.14
C ARG B 151 -41.59 -61.11 -34.65
N TYR B 152 -42.04 -59.93 -35.05
CA TYR B 152 -41.41 -58.69 -34.58
C TYR B 152 -42.37 -57.52 -34.78
N SER B 153 -42.20 -56.50 -33.94
CA SER B 153 -42.95 -55.25 -34.04
C SER B 153 -41.97 -54.10 -34.05
N GLN B 154 -42.27 -53.07 -34.85
CA GLN B 154 -41.38 -51.93 -34.99
C GLN B 154 -42.18 -50.63 -34.93
N PHE B 155 -41.65 -49.64 -34.23
CA PHE B 155 -42.22 -48.30 -34.24
C PHE B 155 -41.97 -47.65 -35.60
N MET B 156 -43.04 -47.51 -36.40
CA MET B 156 -42.96 -46.64 -37.56
C MET B 156 -42.86 -45.17 -37.17
N GLY B 157 -43.50 -44.78 -36.07
CA GLY B 157 -43.42 -43.39 -35.66
C GLY B 157 -43.85 -43.20 -34.22
N ILE B 158 -43.31 -42.15 -33.59
CA ILE B 158 -43.74 -41.74 -32.26
C ILE B 158 -43.90 -40.23 -32.24
N PHE B 159 -45.14 -39.76 -32.33
CA PHE B 159 -45.45 -38.33 -32.28
C PHE B 159 -45.65 -37.92 -30.84
N GLU B 160 -44.79 -37.02 -30.35
CA GLU B 160 -44.80 -36.59 -28.96
C GLU B 160 -45.13 -35.11 -28.91
N ASP B 161 -46.13 -34.75 -28.09
CA ASP B 161 -46.61 -33.38 -28.00
C ASP B 161 -46.90 -33.05 -26.54
N ARG B 162 -46.84 -31.75 -26.24
CA ARG B 162 -47.19 -31.24 -24.92
C ARG B 162 -48.39 -30.32 -25.08
N ALA B 163 -49.48 -30.64 -24.40
CA ALA B 163 -50.74 -29.92 -24.57
C ALA B 163 -51.08 -29.16 -23.30
N PRO B 164 -51.46 -27.88 -23.38
CA PRO B 164 -51.85 -27.15 -22.18
C PRO B 164 -53.13 -27.71 -21.59
N VAL B 165 -53.21 -27.66 -20.26
CA VAL B 165 -54.44 -28.03 -19.55
C VAL B 165 -55.35 -26.80 -19.51
N PRO B 166 -56.60 -26.92 -19.97
CA PRO B 166 -57.48 -25.74 -20.00
C PRO B 166 -57.73 -25.19 -18.59
N PHE B 167 -58.09 -23.91 -18.56
CA PHE B 167 -58.23 -23.21 -17.28
C PHE B 167 -59.29 -23.88 -16.40
N GLU B 168 -60.43 -24.22 -17.01
CA GLU B 168 -61.51 -24.85 -16.26
C GLU B 168 -61.09 -26.20 -15.69
N GLU B 169 -60.21 -26.92 -16.38
CA GLU B 169 -59.73 -28.18 -15.84
C GLU B 169 -58.75 -27.96 -14.69
N VAL B 170 -57.92 -26.92 -14.78
CA VAL B 170 -57.01 -26.59 -13.69
C VAL B 170 -57.80 -26.23 -12.44
N ILE B 171 -58.87 -25.46 -12.59
CA ILE B 171 -59.65 -25.03 -11.43
C ILE B 171 -60.54 -26.14 -10.92
N ASP B 172 -61.43 -26.66 -11.78
CA ASP B 172 -62.49 -27.56 -11.33
C ASP B 172 -61.97 -28.96 -11.02
N LYS B 173 -61.00 -29.45 -11.80
CA LYS B 173 -60.56 -30.83 -11.68
C LYS B 173 -59.28 -30.98 -10.87
N ILE B 174 -58.21 -30.28 -11.25
CA ILE B 174 -56.92 -30.48 -10.60
C ILE B 174 -56.91 -29.84 -9.21
N ASN B 175 -57.28 -28.57 -9.12
CA ASN B 175 -57.21 -27.88 -7.83
C ASN B 175 -58.32 -28.29 -6.88
N ALA B 176 -59.48 -28.68 -7.39
CA ALA B 176 -60.61 -29.00 -6.53
C ALA B 176 -60.66 -30.47 -6.14
N LYS B 177 -60.30 -31.36 -7.06
CA LYS B 177 -60.41 -32.79 -6.82
C LYS B 177 -59.10 -33.56 -6.99
N GLY B 178 -58.03 -32.91 -7.44
CA GLY B 178 -56.78 -33.60 -7.67
C GLY B 178 -56.83 -34.64 -8.76
N VAL B 179 -57.62 -34.40 -9.81
CA VAL B 179 -57.77 -35.34 -10.91
C VAL B 179 -57.60 -34.59 -12.23
N CYS B 180 -57.32 -35.35 -13.28
CA CYS B 180 -57.24 -34.84 -14.64
C CYS B 180 -58.16 -35.63 -15.54
N ARG B 181 -58.66 -34.96 -16.58
CA ARG B 181 -59.36 -35.68 -17.64
C ARG B 181 -58.37 -36.56 -18.40
N SER B 182 -58.83 -37.74 -18.80
CA SER B 182 -57.99 -38.64 -19.58
C SER B 182 -57.84 -38.20 -21.03
N THR B 183 -58.46 -37.09 -21.41
CA THR B 183 -58.42 -36.58 -22.78
C THR B 183 -57.68 -35.24 -22.82
N ALA B 184 -57.05 -34.97 -23.95
CA ALA B 184 -56.35 -33.71 -24.19
C ALA B 184 -56.97 -33.06 -25.42
N LYS B 185 -57.66 -31.93 -25.21
CA LYS B 185 -58.29 -31.19 -26.29
C LYS B 185 -57.65 -29.80 -26.34
N TYR B 186 -57.00 -29.48 -27.45
CA TYR B 186 -56.18 -28.28 -27.52
C TYR B 186 -55.99 -27.89 -28.98
N VAL B 187 -55.53 -26.65 -29.17
CA VAL B 187 -55.30 -26.09 -30.49
C VAL B 187 -53.82 -26.28 -30.84
N ARG B 188 -53.55 -27.05 -31.88
CA ARG B 188 -52.21 -27.25 -32.39
C ARG B 188 -52.22 -27.04 -33.90
N ASN B 189 -51.29 -26.22 -34.39
CA ASN B 189 -51.13 -25.97 -35.82
C ASN B 189 -52.44 -25.48 -36.45
N ASN B 190 -53.12 -24.57 -35.75
CA ASN B 190 -54.37 -23.97 -36.21
C ASN B 190 -55.49 -24.99 -36.39
N MET B 191 -55.46 -26.05 -35.60
CA MET B 191 -56.49 -27.09 -35.63
C MET B 191 -56.82 -27.50 -34.21
N GLU B 192 -58.09 -27.74 -33.94
CA GLU B 192 -58.49 -28.30 -32.66
C GLU B 192 -58.33 -29.82 -32.71
N THR B 193 -57.46 -30.34 -31.84
CA THR B 193 -57.15 -31.77 -31.82
C THR B 193 -57.52 -32.36 -30.47
N THR B 194 -58.06 -33.57 -30.50
CA THR B 194 -58.49 -34.27 -29.30
C THR B 194 -57.83 -35.64 -29.26
N ALA B 195 -57.19 -35.94 -28.13
CA ALA B 195 -56.52 -37.23 -27.92
C ALA B 195 -57.12 -37.92 -26.72
N PHE B 196 -57.39 -39.21 -26.86
CA PHE B 196 -57.99 -40.02 -25.80
C PHE B 196 -56.96 -41.01 -25.28
N HIS B 197 -56.75 -41.02 -23.96
CA HIS B 197 -55.84 -41.99 -23.36
C HIS B 197 -56.28 -43.41 -23.67
N ARG B 198 -55.36 -44.22 -24.17
CA ARG B 198 -55.60 -45.60 -24.58
C ARG B 198 -56.73 -45.71 -25.60
N ASP B 199 -57.07 -44.60 -26.26
CA ASP B 199 -58.18 -44.54 -27.21
C ASP B 199 -59.48 -45.04 -26.58
N ASP B 200 -59.70 -44.66 -25.33
CA ASP B 200 -60.89 -45.01 -24.57
C ASP B 200 -61.74 -43.77 -24.33
N HIS B 201 -62.88 -43.97 -23.67
CA HIS B 201 -63.75 -42.87 -23.32
C HIS B 201 -63.11 -42.02 -22.21
N GLU B 202 -63.55 -40.76 -22.12
CA GLU B 202 -63.00 -39.84 -21.14
C GLU B 202 -63.36 -40.27 -19.73
N THR B 203 -62.36 -40.31 -18.86
CA THR B 203 -62.55 -40.62 -17.44
C THR B 203 -61.67 -39.68 -16.62
N ASP B 204 -62.04 -39.50 -15.36
CA ASP B 204 -61.24 -38.73 -14.42
C ASP B 204 -60.20 -39.64 -13.78
N MET B 205 -58.94 -39.22 -13.81
CA MET B 205 -57.84 -40.03 -13.32
C MET B 205 -57.08 -39.27 -12.24
N GLU B 206 -56.75 -40.00 -11.17
CA GLU B 206 -56.12 -39.40 -10.00
C GLU B 206 -54.68 -39.01 -10.29
N LEU B 207 -54.29 -37.84 -9.77
CA LEU B 207 -52.90 -37.39 -9.86
C LEU B 207 -52.11 -37.99 -8.71
N LYS B 208 -51.04 -38.72 -9.04
CA LYS B 208 -50.21 -39.35 -8.05
C LYS B 208 -48.80 -38.76 -8.09
N PRO B 209 -48.08 -38.74 -6.97
CA PRO B 209 -46.74 -38.16 -6.96
C PRO B 209 -45.81 -38.89 -7.91
N ALA B 210 -44.95 -38.12 -8.57
CA ALA B 210 -43.98 -38.69 -9.50
C ALA B 210 -42.85 -39.38 -8.70
N LYS B 211 -42.03 -40.15 -9.41
CA LYS B 211 -40.90 -40.80 -8.75
C LYS B 211 -39.88 -39.77 -8.29
N VAL B 212 -39.37 -39.99 -7.08
CA VAL B 212 -38.43 -39.07 -6.45
C VAL B 212 -37.14 -39.00 -7.26
N ALA B 213 -36.65 -37.78 -7.46
CA ALA B 213 -35.34 -37.54 -8.04
C ALA B 213 -34.60 -36.53 -7.18
N THR B 214 -33.27 -36.68 -7.11
CA THR B 214 -32.46 -35.81 -6.28
C THR B 214 -32.46 -34.38 -6.84
N ARG B 215 -32.51 -33.40 -5.93
CA ARG B 215 -32.47 -31.98 -6.30
C ARG B 215 -33.52 -31.65 -7.35
N THR B 216 -34.72 -32.19 -7.15
CA THR B 216 -35.83 -32.02 -8.09
C THR B 216 -37.06 -31.60 -7.32
N SER B 217 -37.83 -30.69 -7.91
CA SER B 217 -39.04 -30.19 -7.28
C SER B 217 -40.18 -31.21 -7.42
N ARG B 218 -41.30 -30.88 -6.79
CA ARG B 218 -42.42 -31.83 -6.70
C ARG B 218 -43.15 -31.95 -8.02
N GLY B 219 -43.59 -33.18 -8.32
CA GLY B 219 -44.32 -33.43 -9.54
C GLY B 219 -45.38 -34.49 -9.33
N TRP B 220 -46.40 -34.44 -10.18
CA TRP B 220 -47.50 -35.39 -10.15
C TRP B 220 -47.88 -35.75 -11.58
N HIS B 221 -48.38 -36.96 -11.76
CA HIS B 221 -48.79 -37.43 -13.08
C HIS B 221 -49.85 -38.51 -12.91
N THR B 222 -50.54 -38.82 -14.01
CA THR B 222 -51.65 -39.76 -14.00
C THR B 222 -51.28 -41.14 -14.54
N THR B 223 -50.42 -41.22 -15.54
CA THR B 223 -50.05 -42.50 -16.15
C THR B 223 -48.54 -42.64 -16.18
N ASP B 224 -48.05 -43.86 -15.93
CA ASP B 224 -46.63 -44.16 -15.99
C ASP B 224 -46.27 -45.10 -17.14
N LEU B 225 -47.25 -45.66 -17.84
CA LEU B 225 -47.02 -46.59 -18.93
C LEU B 225 -47.50 -46.00 -20.24
N LYS B 226 -46.73 -46.20 -21.30
CA LYS B 226 -47.12 -45.78 -22.63
C LYS B 226 -48.02 -46.85 -23.26
N TYR B 227 -49.15 -46.43 -23.80
CA TYR B 227 -50.10 -47.33 -24.45
C TYR B 227 -49.70 -47.49 -25.91
N ASN B 228 -49.48 -48.74 -26.32
CA ASN B 228 -49.25 -49.07 -27.72
C ASN B 228 -50.36 -50.01 -28.20
N PRO B 229 -50.71 -49.95 -29.48
CA PRO B 229 -51.83 -50.77 -29.97
C PRO B 229 -51.51 -52.25 -29.90
N SER B 230 -52.57 -53.05 -29.72
CA SER B 230 -52.41 -54.49 -29.65
C SER B 230 -51.99 -55.05 -31.01
N ARG B 231 -51.34 -56.20 -30.97
CA ARG B 231 -50.79 -56.78 -32.19
C ARG B 231 -51.89 -57.24 -33.14
N VAL B 232 -51.82 -56.78 -34.39
CA VAL B 232 -52.58 -57.35 -35.49
C VAL B 232 -51.61 -57.53 -36.65
N GLU B 233 -51.41 -58.78 -37.07
CA GLU B 233 -50.33 -59.09 -38.01
C GLU B 233 -50.54 -58.40 -39.36
N ALA B 234 -49.44 -57.93 -39.94
CA ALA B 234 -49.43 -57.26 -41.24
C ALA B 234 -50.32 -56.01 -41.23
N PHE B 235 -50.11 -55.16 -40.24
CA PHE B 235 -50.90 -53.94 -40.12
C PHE B 235 -50.10 -52.86 -39.41
N HIS B 236 -50.40 -51.61 -39.78
CA HIS B 236 -49.96 -50.43 -39.06
C HIS B 236 -51.09 -50.02 -38.12
N ARG B 237 -50.79 -49.90 -36.83
CA ARG B 237 -51.80 -49.50 -35.86
C ARG B 237 -51.27 -48.35 -35.01
N TYR B 238 -52.20 -47.60 -34.43
CA TYR B 238 -51.88 -46.39 -33.69
C TYR B 238 -52.38 -46.52 -32.25
N GLY B 239 -51.61 -45.97 -31.33
CA GLY B 239 -51.95 -45.97 -29.92
C GLY B 239 -51.68 -44.64 -29.26
N THR B 240 -52.64 -44.13 -28.48
CA THR B 240 -52.55 -42.82 -27.86
C THR B 240 -52.34 -42.96 -26.37
N THR B 241 -51.38 -42.20 -25.84
CA THR B 241 -51.12 -42.09 -24.41
C THR B 241 -51.28 -40.63 -24.00
N VAL B 242 -52.09 -40.39 -22.98
CA VAL B 242 -52.30 -39.06 -22.42
C VAL B 242 -51.88 -39.10 -20.96
N ASN B 243 -50.84 -38.35 -20.62
CA ASN B 243 -50.31 -38.30 -19.25
C ASN B 243 -50.42 -36.87 -18.75
N CYS B 244 -51.35 -36.62 -17.84
CA CYS B 244 -51.50 -35.30 -17.24
C CYS B 244 -50.38 -35.11 -16.22
N ILE B 245 -49.60 -34.04 -16.39
CA ILE B 245 -48.42 -33.78 -15.57
C ILE B 245 -48.55 -32.39 -14.94
N VAL B 246 -48.34 -32.33 -13.63
CA VAL B 246 -48.33 -31.09 -12.87
C VAL B 246 -46.97 -30.98 -12.21
N GLU B 247 -46.27 -29.87 -12.45
CA GLU B 247 -44.90 -29.69 -11.97
C GLU B 247 -44.79 -28.35 -11.25
N GLU B 248 -44.37 -28.38 -9.99
CA GLU B 248 -43.96 -27.16 -9.32
C GLU B 248 -42.56 -26.80 -9.79
N VAL B 249 -42.38 -25.57 -10.27
CA VAL B 249 -41.13 -25.14 -10.87
C VAL B 249 -40.72 -23.78 -10.30
N ASP B 250 -39.43 -23.50 -10.38
CA ASP B 250 -38.90 -22.18 -10.10
C ASP B 250 -38.96 -21.35 -11.37
N ALA B 251 -39.32 -20.08 -11.22
CA ALA B 251 -39.41 -19.16 -12.34
C ALA B 251 -38.52 -17.95 -12.08
N ARG B 252 -37.81 -17.51 -13.12
CA ARG B 252 -36.84 -16.43 -13.01
C ARG B 252 -37.11 -15.38 -14.06
N SER B 253 -36.96 -14.12 -13.67
CA SER B 253 -37.21 -12.98 -14.54
C SER B 253 -36.14 -11.93 -14.31
N VAL B 254 -35.56 -11.41 -15.39
CA VAL B 254 -34.58 -10.35 -15.31
C VAL B 254 -35.23 -9.04 -15.73
N TYR B 255 -34.59 -7.94 -15.32
CA TYR B 255 -35.07 -6.62 -15.70
C TYR B 255 -35.15 -6.48 -17.22
N PRO B 256 -36.16 -5.80 -17.75
CA PRO B 256 -37.25 -5.06 -17.06
C PRO B 256 -38.46 -5.90 -16.65
N TYR B 257 -38.32 -7.23 -16.58
CA TYR B 257 -39.37 -8.13 -16.12
C TYR B 257 -40.59 -8.10 -17.03
N ASP B 258 -40.34 -8.16 -18.34
CA ASP B 258 -41.40 -8.30 -19.33
C ASP B 258 -41.61 -9.76 -19.75
N GLU B 259 -40.85 -10.69 -19.18
CA GLU B 259 -40.97 -12.11 -19.46
C GLU B 259 -40.30 -12.86 -18.33
N PHE B 260 -40.54 -14.18 -18.28
CA PHE B 260 -39.83 -15.01 -17.31
C PHE B 260 -39.66 -16.40 -17.88
N VAL B 261 -38.77 -17.16 -17.27
CA VAL B 261 -38.45 -18.52 -17.70
C VAL B 261 -38.83 -19.49 -16.59
N LEU B 262 -39.09 -20.73 -16.97
CA LEU B 262 -39.37 -21.80 -16.04
C LEU B 262 -38.15 -22.72 -15.93
N ALA B 263 -38.19 -23.59 -14.91
CA ALA B 263 -37.07 -24.50 -14.70
C ALA B 263 -36.88 -25.44 -15.88
N THR B 264 -37.94 -25.74 -16.63
CA THR B 264 -37.85 -26.58 -17.81
C THR B 264 -37.12 -25.91 -18.96
N GLY B 265 -36.82 -24.62 -18.85
CA GLY B 265 -36.25 -23.87 -19.95
C GLY B 265 -37.25 -23.23 -20.88
N ASP B 266 -38.54 -23.34 -20.58
CA ASP B 266 -39.57 -22.72 -21.41
C ASP B 266 -39.73 -21.25 -21.03
N PHE B 267 -39.72 -20.39 -22.04
CA PHE B 267 -39.97 -18.97 -21.86
C PHE B 267 -41.47 -18.71 -21.80
N VAL B 268 -41.84 -17.73 -20.96
CA VAL B 268 -43.19 -17.21 -20.91
C VAL B 268 -43.10 -15.72 -21.22
N TYR B 269 -43.71 -15.31 -22.33
CA TYR B 269 -43.55 -13.94 -22.82
C TYR B 269 -44.63 -13.03 -22.25
N MET B 270 -44.73 -13.07 -20.93
CA MET B 270 -45.65 -12.24 -20.16
C MET B 270 -44.89 -11.76 -18.92
N SER B 271 -45.17 -10.52 -18.52
CA SER B 271 -44.57 -10.02 -17.30
C SER B 271 -45.05 -10.85 -16.11
N PRO B 272 -44.15 -11.22 -15.18
CA PRO B 272 -44.60 -11.90 -13.97
C PRO B 272 -45.60 -11.10 -13.17
N PHE B 273 -45.59 -9.78 -13.34
CA PHE B 273 -46.44 -8.87 -12.58
C PHE B 273 -47.67 -8.43 -13.36
N TYR B 274 -47.92 -9.04 -14.52
CA TYR B 274 -49.11 -8.72 -15.29
C TYR B 274 -50.36 -9.12 -14.52
N GLY B 275 -51.42 -8.33 -14.70
CA GLY B 275 -52.67 -8.62 -14.02
C GLY B 275 -53.80 -7.69 -14.41
N TYR B 276 -54.76 -7.50 -13.50
CA TYR B 276 -55.91 -6.65 -13.75
C TYR B 276 -56.03 -5.48 -12.78
N ARG B 277 -55.24 -5.44 -11.72
CA ARG B 277 -55.41 -4.45 -10.66
C ARG B 277 -54.13 -3.67 -10.45
N GLU B 278 -54.28 -2.48 -9.86
CA GLU B 278 -53.16 -1.61 -9.52
C GLU B 278 -52.34 -1.20 -10.75
N GLY B 279 -53.00 -1.08 -11.90
CA GLY B 279 -52.31 -0.72 -13.11
C GLY B 279 -51.37 -1.79 -13.66
N SER B 280 -51.49 -3.02 -13.19
CA SER B 280 -50.66 -4.11 -13.71
C SER B 280 -51.12 -4.58 -15.09
N HIS B 281 -52.28 -4.11 -15.56
CA HIS B 281 -52.71 -4.40 -16.92
C HIS B 281 -51.84 -3.73 -17.97
N THR B 282 -51.03 -2.74 -17.60
CA THR B 282 -50.10 -2.11 -18.50
C THR B 282 -48.79 -2.89 -18.64
N GLU B 283 -48.59 -3.94 -17.85
CA GLU B 283 -47.40 -4.75 -17.98
C GLU B 283 -47.42 -5.52 -19.29
N HIS B 284 -46.23 -5.92 -19.73
CA HIS B 284 -46.09 -6.55 -21.04
C HIS B 284 -46.82 -7.87 -21.11
N THR B 285 -47.48 -8.10 -22.24
CA THR B 285 -48.02 -9.42 -22.58
C THR B 285 -47.86 -9.61 -24.09
N SER B 286 -47.51 -10.83 -24.49
CA SER B 286 -47.42 -11.19 -25.89
C SER B 286 -48.59 -12.05 -26.34
N TYR B 287 -49.35 -12.60 -25.41
CA TYR B 287 -50.40 -13.55 -25.70
C TYR B 287 -51.75 -12.85 -25.85
N ALA B 288 -52.70 -13.58 -26.43
CA ALA B 288 -54.06 -13.08 -26.54
C ALA B 288 -54.71 -13.00 -25.16
N ALA B 289 -55.75 -12.17 -25.06
CA ALA B 289 -56.41 -11.95 -23.78
C ALA B 289 -57.07 -13.21 -23.25
N ASP B 290 -57.60 -14.05 -24.14
CA ASP B 290 -58.27 -15.27 -23.70
C ASP B 290 -57.29 -16.35 -23.23
N ARG B 291 -55.99 -16.16 -23.43
CA ARG B 291 -55.00 -17.08 -22.88
C ARG B 291 -54.66 -16.76 -21.44
N PHE B 292 -55.19 -15.67 -20.87
CA PHE B 292 -54.87 -15.25 -19.52
C PHE B 292 -56.12 -15.24 -18.66
N LYS B 293 -55.95 -15.60 -17.40
CA LYS B 293 -57.03 -15.58 -16.42
C LYS B 293 -56.44 -15.21 -15.08
N GLN B 294 -57.21 -14.47 -14.28
CA GLN B 294 -56.80 -14.12 -12.92
C GLN B 294 -57.94 -14.46 -11.98
N VAL B 295 -57.63 -15.27 -10.96
CA VAL B 295 -58.63 -15.74 -10.00
C VAL B 295 -58.34 -15.10 -8.66
N ASP B 296 -59.31 -14.36 -8.14
CA ASP B 296 -59.22 -13.74 -6.83
C ASP B 296 -59.78 -14.65 -5.76
N GLY B 297 -59.16 -14.61 -4.60
CA GLY B 297 -59.56 -15.50 -3.52
C GLY B 297 -59.33 -16.96 -3.84
N PHE B 298 -58.17 -17.28 -4.43
CA PHE B 298 -57.84 -18.64 -4.83
C PHE B 298 -57.17 -19.36 -3.67
N TYR B 299 -57.69 -20.53 -3.32
CA TYR B 299 -57.13 -21.37 -2.28
C TYR B 299 -56.51 -22.59 -2.93
N ALA B 300 -55.20 -22.76 -2.75
CA ALA B 300 -54.47 -23.84 -3.40
C ALA B 300 -54.60 -25.12 -2.58
N ARG B 301 -55.09 -26.18 -3.20
CA ARG B 301 -55.23 -27.47 -2.56
C ARG B 301 -54.02 -28.33 -2.94
N ASP B 302 -53.28 -28.76 -1.94
CA ASP B 302 -52.06 -29.53 -2.18
C ASP B 302 -52.40 -30.89 -2.77
N LEU B 303 -51.65 -31.30 -3.79
CA LEU B 303 -51.96 -32.54 -4.48
C LEU B 303 -51.55 -33.77 -3.68
N THR B 304 -50.56 -33.64 -2.80
CA THR B 304 -50.10 -34.77 -2.00
C THR B 304 -50.86 -34.89 -0.68
N THR B 305 -50.82 -33.84 0.14
CA THR B 305 -51.49 -33.87 1.43
C THR B 305 -52.99 -33.64 1.34
N LYS B 306 -53.49 -33.23 0.16
CA LYS B 306 -54.93 -33.03 -0.06
C LYS B 306 -55.51 -31.99 0.88
N ALA B 307 -54.70 -31.00 1.27
CA ALA B 307 -55.09 -30.00 2.25
C ALA B 307 -55.30 -28.65 1.57
N ARG B 308 -56.42 -28.01 1.87
CA ARG B 308 -56.75 -26.70 1.32
C ARG B 308 -55.96 -25.61 2.03
N ALA B 309 -55.49 -24.64 1.25
CA ALA B 309 -54.64 -23.58 1.79
C ALA B 309 -55.43 -22.69 2.75
N THR B 310 -54.75 -22.22 3.80
CA THR B 310 -55.40 -21.37 4.79
C THR B 310 -55.66 -19.98 4.24
N SER B 311 -54.67 -19.38 3.58
CA SER B 311 -54.81 -18.00 3.14
C SER B 311 -54.99 -17.93 1.64
N PRO B 312 -55.96 -17.15 1.17
CA PRO B 312 -56.16 -17.00 -0.28
C PRO B 312 -55.06 -16.19 -0.93
N THR B 313 -54.87 -16.42 -2.22
CA THR B 313 -53.95 -15.66 -3.05
C THR B 313 -54.67 -15.23 -4.33
N THR B 314 -54.02 -14.36 -5.08
CA THR B 314 -54.48 -13.97 -6.41
C THR B 314 -53.69 -14.83 -7.41
N ARG B 315 -54.37 -15.73 -8.09
CA ARG B 315 -53.74 -16.74 -8.92
C ARG B 315 -53.80 -16.32 -10.38
N ASN B 316 -52.64 -16.14 -11.00
CA ASN B 316 -52.52 -15.89 -12.42
C ASN B 316 -52.36 -17.21 -13.15
N LEU B 317 -53.16 -17.41 -14.20
CA LEU B 317 -53.07 -18.60 -15.05
C LEU B 317 -52.89 -18.13 -16.49
N LEU B 318 -51.92 -18.70 -17.18
CA LEU B 318 -51.64 -18.37 -18.57
C LEU B 318 -51.50 -19.66 -19.37
N THR B 319 -52.28 -19.77 -20.44
CA THR B 319 -52.23 -20.93 -21.32
C THR B 319 -51.35 -20.60 -22.52
N THR B 320 -50.16 -21.16 -22.54
CA THR B 320 -49.29 -21.15 -23.70
C THR B 320 -49.65 -22.31 -24.62
N PRO B 321 -49.18 -22.29 -25.88
CA PRO B 321 -49.52 -23.40 -26.78
C PRO B 321 -49.01 -24.75 -26.34
N LYS B 322 -48.08 -24.81 -25.38
CA LYS B 322 -47.52 -26.08 -24.92
C LYS B 322 -47.94 -26.46 -23.51
N PHE B 323 -48.22 -25.49 -22.64
CA PHE B 323 -48.52 -25.76 -21.25
C PHE B 323 -49.34 -24.62 -20.67
N THR B 324 -49.81 -24.82 -19.45
CA THR B 324 -50.45 -23.77 -18.66
C THR B 324 -49.58 -23.50 -17.44
N VAL B 325 -49.35 -22.23 -17.13
CA VAL B 325 -48.51 -21.83 -16.01
C VAL B 325 -49.33 -20.98 -15.06
N ALA B 326 -49.27 -21.32 -13.77
CA ALA B 326 -49.99 -20.59 -12.73
C ALA B 326 -49.00 -20.11 -11.67
N TRP B 327 -49.18 -18.87 -11.23
CA TRP B 327 -48.33 -18.32 -10.19
C TRP B 327 -49.09 -17.24 -9.43
N ASP B 328 -48.61 -16.93 -8.23
CA ASP B 328 -49.25 -15.92 -7.40
C ASP B 328 -48.88 -14.52 -7.90
N TRP B 329 -49.90 -13.68 -8.08
CA TRP B 329 -49.67 -12.30 -8.49
C TRP B 329 -49.30 -11.44 -7.29
N VAL B 330 -48.24 -10.65 -7.43
CA VAL B 330 -47.83 -9.69 -6.41
C VAL B 330 -47.56 -8.36 -7.11
N PRO B 331 -47.69 -7.23 -6.42
CA PRO B 331 -47.30 -5.95 -7.03
C PRO B 331 -45.81 -5.92 -7.32
N LYS B 332 -45.45 -5.26 -8.44
CA LYS B 332 -44.07 -5.27 -8.91
C LYS B 332 -43.15 -4.46 -8.00
N ARG B 333 -43.58 -3.25 -7.64
CA ARG B 333 -42.68 -2.32 -6.96
C ARG B 333 -42.16 -2.86 -5.63
N PRO B 334 -42.98 -3.44 -4.74
CA PRO B 334 -42.42 -4.02 -3.51
C PRO B 334 -41.65 -5.31 -3.74
N ALA B 335 -41.68 -5.89 -4.94
CA ALA B 335 -41.14 -7.22 -5.16
C ALA B 335 -39.76 -7.24 -5.80
N VAL B 336 -39.41 -6.23 -6.61
CA VAL B 336 -38.15 -6.22 -7.33
C VAL B 336 -37.42 -4.91 -7.09
N CYS B 337 -36.12 -4.93 -7.33
CA CYS B 337 -35.30 -3.73 -7.25
C CYS B 337 -34.06 -3.89 -8.11
N THR B 338 -33.54 -2.76 -8.57
CA THR B 338 -32.31 -2.72 -9.35
C THR B 338 -31.08 -2.54 -8.48
N MET B 339 -31.23 -2.48 -7.16
CA MET B 339 -30.14 -2.33 -6.22
C MET B 339 -30.22 -3.42 -5.17
N THR B 340 -29.07 -3.87 -4.71
CA THR B 340 -28.98 -4.95 -3.72
C THR B 340 -28.10 -4.49 -2.57
N LYS B 341 -28.56 -4.71 -1.34
CA LYS B 341 -27.74 -4.40 -0.19
C LYS B 341 -26.48 -5.26 -0.19
N TRP B 342 -25.33 -4.62 -0.06
CA TRP B 342 -24.04 -5.29 -0.12
C TRP B 342 -23.30 -5.29 1.20
N GLN B 343 -23.12 -4.12 1.82
CA GLN B 343 -22.35 -4.04 3.04
C GLN B 343 -23.09 -3.21 4.10
N GLU B 344 -23.03 -3.67 5.34
CA GLU B 344 -23.51 -2.91 6.49
C GLU B 344 -22.31 -2.51 7.32
N VAL B 345 -22.10 -1.21 7.47
CA VAL B 345 -20.92 -0.66 8.14
C VAL B 345 -21.40 0.10 9.36
N ASP B 346 -21.08 -0.42 10.55
CA ASP B 346 -21.46 0.27 11.77
C ASP B 346 -20.58 1.49 12.06
N GLU B 347 -19.35 1.51 11.55
CA GLU B 347 -18.43 2.64 11.71
C GLU B 347 -17.98 3.09 10.34
N MET B 348 -18.70 4.04 9.73
CA MET B 348 -18.27 4.66 8.49
C MET B 348 -18.01 6.13 8.76
N LEU B 349 -16.78 6.56 8.54
CA LEU B 349 -16.36 7.94 8.79
C LEU B 349 -16.44 8.74 7.50
N ARG B 350 -17.12 9.88 7.55
CA ARG B 350 -17.24 10.77 6.40
C ARG B 350 -16.36 11.98 6.61
N ALA B 351 -15.51 12.27 5.62
CA ALA B 351 -14.63 13.43 5.65
C ALA B 351 -14.81 14.24 4.38
N GLU B 352 -14.88 15.55 4.51
CA GLU B 352 -15.09 16.44 3.37
C GLU B 352 -13.79 17.15 3.02
N TYR B 353 -13.33 16.95 1.79
CA TYR B 353 -12.19 17.72 1.28
C TYR B 353 -12.16 17.61 -0.23
N GLY B 354 -11.49 18.57 -0.85
CA GLY B 354 -11.39 18.63 -2.30
C GLY B 354 -12.74 18.72 -2.99
N GLY B 355 -13.73 19.29 -2.31
CA GLY B 355 -15.08 19.30 -2.85
C GLY B 355 -15.67 17.92 -3.00
N SER B 356 -15.34 17.00 -2.10
CA SER B 356 -15.86 15.64 -2.18
C SER B 356 -15.95 15.04 -0.78
N PHE B 357 -16.83 14.06 -0.65
CA PHE B 357 -16.97 13.27 0.56
C PHE B 357 -16.20 11.97 0.40
N ARG B 358 -15.50 11.57 1.46
CA ARG B 358 -14.83 10.28 1.52
C ARG B 358 -15.42 9.49 2.68
N PHE B 359 -15.94 8.31 2.38
CA PHE B 359 -16.54 7.42 3.36
C PHE B 359 -15.59 6.26 3.57
N SER B 360 -14.96 6.22 4.75
CA SER B 360 -13.96 5.22 5.07
C SER B 360 -14.52 4.24 6.10
N SER B 361 -14.37 2.96 5.82
CA SER B 361 -14.70 1.89 6.76
C SER B 361 -13.42 1.13 7.07
N ASP B 362 -13.05 1.12 8.36
CA ASP B 362 -11.90 0.36 8.81
C ASP B 362 -12.18 -1.13 8.85
N ALA B 363 -13.43 -1.52 9.10
CA ALA B 363 -13.77 -2.92 9.21
C ALA B 363 -13.58 -3.67 7.89
N ILE B 364 -13.96 -3.05 6.77
CA ILE B 364 -13.81 -3.66 5.46
C ILE B 364 -12.70 -3.01 4.65
N SER B 365 -11.94 -2.10 5.27
CA SER B 365 -10.74 -1.51 4.66
C SER B 365 -11.07 -0.84 3.32
N THR B 366 -12.10 -0.01 3.32
CA THR B 366 -12.60 0.52 2.07
C THR B 366 -12.83 2.03 2.19
N THR B 367 -12.55 2.76 1.12
CA THR B 367 -12.80 4.19 1.07
C THR B 367 -13.55 4.52 -0.22
N PHE B 368 -14.77 5.00 -0.08
CA PHE B 368 -15.60 5.44 -1.19
C PHE B 368 -15.52 6.94 -1.35
N THR B 369 -15.69 7.42 -2.58
CA THR B 369 -15.62 8.84 -2.90
C THR B 369 -16.91 9.27 -3.57
N THR B 370 -17.54 10.32 -3.04
CA THR B 370 -18.80 10.83 -3.55
C THR B 370 -18.70 12.34 -3.73
N ASN B 371 -19.62 12.88 -4.52
CA ASN B 371 -19.80 14.33 -4.57
C ASN B 371 -20.51 14.80 -3.31
N LEU B 372 -20.45 16.12 -3.07
CA LEU B 372 -21.07 16.67 -1.88
C LEU B 372 -22.58 16.62 -1.94
N THR B 373 -23.16 16.78 -3.13
CA THR B 373 -24.61 16.75 -3.25
C THR B 373 -25.14 15.32 -3.12
N GLU B 374 -26.33 15.20 -2.54
CA GLU B 374 -26.94 13.90 -2.33
C GLU B 374 -27.52 13.35 -3.63
N TYR B 375 -27.54 12.03 -3.74
CA TYR B 375 -28.14 11.35 -4.88
C TYR B 375 -29.60 11.05 -4.56
N SER B 376 -30.50 11.59 -5.37
CA SER B 376 -31.92 11.41 -5.15
C SER B 376 -32.35 10.00 -5.49
N LEU B 377 -33.10 9.37 -4.57
CA LEU B 377 -33.56 8.00 -4.81
C LEU B 377 -34.66 7.92 -5.85
N SER B 378 -35.32 9.05 -6.17
CA SER B 378 -36.32 9.05 -7.22
C SER B 378 -35.71 8.80 -8.59
N ARG B 379 -34.39 8.99 -8.73
CA ARG B 379 -33.69 8.74 -9.98
C ARG B 379 -33.45 7.26 -10.24
N VAL B 380 -33.74 6.39 -9.29
CA VAL B 380 -33.48 4.96 -9.42
C VAL B 380 -34.75 4.28 -9.92
N ASP B 381 -34.64 3.55 -11.03
CA ASP B 381 -35.77 2.78 -11.54
C ASP B 381 -36.00 1.57 -10.65
N LEU B 382 -37.20 1.48 -10.08
CA LEU B 382 -37.59 0.37 -9.20
C LEU B 382 -36.59 0.22 -8.06
N GLY B 383 -36.48 1.27 -7.26
CA GLY B 383 -35.53 1.29 -6.16
C GLY B 383 -36.20 1.40 -4.81
N ASP B 384 -37.32 0.69 -4.64
CA ASP B 384 -38.09 0.82 -3.41
C ASP B 384 -37.44 0.14 -2.21
N CYS B 385 -36.58 -0.86 -2.40
CA CYS B 385 -36.04 -1.50 -1.20
C CYS B 385 -34.80 -0.80 -0.66
N ILE B 386 -34.25 0.18 -1.39
CA ILE B 386 -33.08 0.91 -0.90
C ILE B 386 -33.40 1.63 0.41
N GLY B 387 -34.52 2.37 0.43
CA GLY B 387 -34.89 3.09 1.64
C GLY B 387 -35.30 2.19 2.79
N ARG B 388 -36.12 1.17 2.50
CA ARG B 388 -36.54 0.20 3.51
C ARG B 388 -35.36 -0.53 4.11
N ASP B 389 -34.49 -1.11 3.27
CA ASP B 389 -33.36 -1.87 3.83
C ASP B 389 -32.38 -0.97 4.59
N ALA B 390 -32.15 0.24 4.06
CA ALA B 390 -31.24 1.17 4.73
C ALA B 390 -31.77 1.59 6.09
N ARG B 391 -33.05 1.93 6.16
CA ARG B 391 -33.63 2.35 7.43
C ARG B 391 -33.63 1.21 8.44
N GLU B 392 -33.97 -0.01 8.00
CA GLU B 392 -33.93 -1.15 8.91
C GLU B 392 -32.52 -1.45 9.38
N ALA B 393 -31.55 -1.41 8.47
CA ALA B 393 -30.17 -1.71 8.84
C ALA B 393 -29.60 -0.64 9.76
N ILE B 394 -29.84 0.63 9.45
CA ILE B 394 -29.30 1.71 10.28
C ILE B 394 -29.90 1.66 11.68
N ASP B 395 -31.21 1.40 11.78
CA ASP B 395 -31.84 1.32 13.09
C ASP B 395 -31.29 0.17 13.92
N ARG B 396 -31.19 -1.01 13.30
CA ARG B 396 -30.68 -2.18 14.03
C ARG B 396 -29.20 -2.00 14.40
N MET B 397 -28.41 -1.44 13.50
CA MET B 397 -27.01 -1.14 13.82
C MET B 397 -26.89 -0.09 14.91
N PHE B 398 -27.78 0.92 14.90
CA PHE B 398 -27.77 1.93 15.94
C PHE B 398 -28.18 1.36 17.29
N ALA B 399 -29.27 0.61 17.32
CA ALA B 399 -29.76 0.05 18.59
C ALA B 399 -28.73 -0.87 19.24
N ARG B 400 -27.90 -1.52 18.43
CA ARG B 400 -26.94 -2.49 18.92
C ARG B 400 -25.63 -1.87 19.38
N LYS B 401 -25.23 -0.74 18.82
CA LYS B 401 -23.90 -0.21 19.05
C LYS B 401 -23.86 1.22 19.59
N TYR B 402 -24.82 2.06 19.22
CA TYR B 402 -24.76 3.48 19.54
C TYR B 402 -25.91 3.95 20.42
N ASN B 403 -26.69 3.01 20.97
CA ASN B 403 -27.94 3.38 21.63
C ASN B 403 -27.70 4.28 22.84
N ALA B 404 -26.66 3.98 23.62
CA ALA B 404 -26.43 4.69 24.88
C ALA B 404 -25.46 5.86 24.77
N THR B 405 -24.64 5.92 23.72
CA THR B 405 -23.58 6.91 23.65
C THR B 405 -23.68 7.89 22.49
N HIS B 406 -24.55 7.66 21.51
CA HIS B 406 -24.66 8.54 20.35
C HIS B 406 -26.12 8.83 20.05
N ILE B 407 -26.33 9.87 19.23
CA ILE B 407 -27.65 10.24 18.74
C ILE B 407 -27.56 10.40 17.22
N LYS B 408 -28.72 10.28 16.59
CA LYS B 408 -28.82 10.43 15.14
C LYS B 408 -28.99 11.90 14.77
N VAL B 409 -28.36 12.31 13.68
CA VAL B 409 -28.44 13.68 13.18
C VAL B 409 -29.19 13.63 11.86
N GLY B 410 -30.47 13.96 11.90
CA GLY B 410 -31.28 14.00 10.70
C GLY B 410 -31.64 12.61 10.18
N GLN B 411 -32.20 12.61 8.98
CA GLN B 411 -32.61 11.41 8.27
C GLN B 411 -31.44 10.84 7.48
N PRO B 412 -31.50 9.56 7.11
CA PRO B 412 -30.43 8.99 6.28
C PRO B 412 -30.29 9.73 4.96
N GLN B 413 -29.05 9.88 4.52
CA GLN B 413 -28.69 10.59 3.30
C GLN B 413 -28.12 9.61 2.29
N TYR B 414 -28.37 9.86 1.01
CA TYR B 414 -27.96 8.95 -0.04
C TYR B 414 -26.95 9.62 -0.94
N TYR B 415 -25.84 8.92 -1.21
CA TYR B 415 -24.75 9.43 -2.02
C TYR B 415 -24.32 8.39 -3.03
N LEU B 416 -24.00 8.82 -4.24
CA LEU B 416 -23.49 7.93 -5.28
C LEU B 416 -21.98 7.98 -5.29
N ALA B 417 -21.34 6.83 -5.10
CA ALA B 417 -19.90 6.71 -4.97
C ALA B 417 -19.30 6.11 -6.24
N THR B 418 -18.10 6.61 -6.56
CA THR B 418 -17.33 6.13 -7.70
C THR B 418 -17.23 4.62 -7.68
N GLY B 419 -17.35 4.01 -8.86
CA GLY B 419 -17.51 2.58 -8.99
C GLY B 419 -18.96 2.14 -8.99
N GLY B 420 -19.89 3.05 -8.75
CA GLY B 420 -21.31 2.74 -8.79
C GLY B 420 -21.84 2.15 -7.51
N PHE B 421 -21.52 2.74 -6.37
CA PHE B 421 -22.01 2.24 -5.08
C PHE B 421 -22.94 3.27 -4.44
N LEU B 422 -24.12 2.85 -4.03
CA LEU B 422 -25.09 3.74 -3.40
C LEU B 422 -24.93 3.64 -1.89
N ILE B 423 -24.47 4.72 -1.26
CA ILE B 423 -24.22 4.74 0.17
C ILE B 423 -25.38 5.43 0.86
N ALA B 424 -26.02 4.73 1.79
CA ALA B 424 -27.00 5.30 2.71
C ALA B 424 -26.28 5.57 4.02
N TYR B 425 -26.17 6.84 4.38
CA TYR B 425 -25.34 7.29 5.50
C TYR B 425 -26.22 8.00 6.51
N GLN B 426 -26.22 7.48 7.74
CA GLN B 426 -26.85 8.14 8.87
C GLN B 426 -25.77 8.78 9.72
N PRO B 427 -25.65 10.10 9.74
CA PRO B 427 -24.66 10.74 10.61
C PRO B 427 -25.01 10.54 12.07
N LEU B 428 -23.97 10.48 12.90
CA LEU B 428 -24.11 10.30 14.33
C LEU B 428 -23.34 11.39 15.05
N LEU B 429 -23.83 11.75 16.24
CA LEU B 429 -23.18 12.73 17.07
C LEU B 429 -23.05 12.18 18.49
N SER B 430 -21.87 12.38 19.08
CA SER B 430 -21.63 11.90 20.44
C SER B 430 -22.57 12.60 21.42
N ASN B 431 -22.94 11.88 22.47
CA ASN B 431 -23.90 12.41 23.44
C ASN B 431 -23.35 13.65 24.15
N THR B 432 -22.03 13.70 24.37
CA THR B 432 -21.44 14.85 25.05
C THR B 432 -21.14 16.01 24.11
N LEU B 433 -21.15 15.78 22.80
CA LEU B 433 -21.04 16.87 21.83
C LEU B 433 -22.38 17.33 21.30
N ALA B 434 -23.47 17.00 21.99
CA ALA B 434 -24.80 17.40 21.58
C ALA B 434 -25.31 18.60 22.38
N SER B 466 -36.87 11.46 -14.26
CA SER B 466 -36.43 10.33 -15.07
C SER B 466 -35.65 9.31 -14.23
N VAL B 467 -35.91 8.04 -14.48
CA VAL B 467 -35.29 6.96 -13.73
C VAL B 467 -34.16 6.35 -14.55
N GLU B 468 -33.19 5.77 -13.86
CA GLU B 468 -32.03 5.16 -14.48
C GLU B 468 -31.58 3.98 -13.63
N ARG B 469 -30.58 3.26 -14.11
CA ARG B 469 -30.01 2.13 -13.40
C ARG B 469 -28.53 2.38 -13.15
N ILE B 470 -28.09 2.15 -11.92
CA ILE B 470 -26.70 2.38 -11.54
C ILE B 470 -25.86 1.16 -11.93
N LYS B 471 -24.75 1.40 -12.60
CA LYS B 471 -23.84 0.34 -13.02
C LYS B 471 -22.70 0.25 -12.03
N THR B 472 -22.49 -0.94 -11.46
CA THR B 472 -21.49 -1.17 -10.43
C THR B 472 -20.34 -1.98 -11.00
N THR B 473 -19.12 -1.52 -10.77
CA THR B 473 -17.95 -2.27 -11.18
C THR B 473 -17.83 -3.56 -10.37
N SER B 474 -17.20 -4.57 -10.97
CA SER B 474 -17.00 -5.84 -10.29
C SER B 474 -15.77 -5.85 -9.40
N SER B 475 -14.96 -4.81 -9.43
CA SER B 475 -13.72 -4.75 -8.65
C SER B 475 -13.84 -3.64 -7.61
N ILE B 476 -13.76 -4.03 -6.33
CA ILE B 476 -13.74 -3.06 -5.24
C ILE B 476 -12.31 -2.63 -4.89
N GLU B 477 -11.31 -3.20 -5.55
CA GLU B 477 -9.93 -3.06 -5.09
C GLU B 477 -9.40 -1.65 -5.23
N PHE B 478 -9.97 -0.83 -6.12
CA PHE B 478 -9.59 0.57 -6.18
C PHE B 478 -9.89 1.28 -4.86
N ALA B 479 -11.05 0.97 -4.26
CA ALA B 479 -11.41 1.59 -2.99
C ALA B 479 -10.54 1.08 -1.84
N ARG B 480 -10.16 -0.20 -1.88
CA ARG B 480 -9.29 -0.73 -0.84
C ARG B 480 -7.87 -0.16 -0.97
N LEU B 481 -7.40 0.01 -2.20
CA LEU B 481 -6.14 0.71 -2.42
C LEU B 481 -6.23 2.14 -1.91
N GLN B 482 -7.35 2.81 -2.15
CA GLN B 482 -7.57 4.14 -1.62
C GLN B 482 -7.44 4.16 -0.10
N PHE B 483 -8.11 3.20 0.56
CA PHE B 483 -8.07 3.14 2.02
C PHE B 483 -6.64 2.93 2.52
N THR B 484 -5.95 1.94 1.95
CA THR B 484 -4.59 1.63 2.42
C THR B 484 -3.65 2.80 2.18
N TYR B 485 -3.71 3.40 0.99
CA TYR B 485 -2.83 4.52 0.68
C TYR B 485 -3.13 5.72 1.56
N ASN B 486 -4.42 6.01 1.82
CA ASN B 486 -4.76 7.11 2.70
C ASN B 486 -4.25 6.87 4.12
N HIS B 487 -4.39 5.64 4.62
CA HIS B 487 -3.92 5.33 5.97
C HIS B 487 -2.42 5.54 6.08
N ILE B 488 -1.66 4.92 5.18
CA ILE B 488 -0.20 5.03 5.24
C ILE B 488 0.23 6.49 5.01
N GLN B 489 -0.42 7.17 4.07
CA GLN B 489 -0.07 8.55 3.76
C GLN B 489 -0.31 9.47 4.95
N ARG B 490 -1.46 9.32 5.62
CA ARG B 490 -1.75 10.15 6.77
C ARG B 490 -0.75 9.91 7.89
N HIS B 491 -0.46 8.64 8.18
CA HIS B 491 0.52 8.36 9.23
C HIS B 491 1.89 8.94 8.90
N VAL B 492 2.36 8.71 7.67
CA VAL B 492 3.70 9.15 7.28
C VAL B 492 3.77 10.67 7.29
N ASN B 493 2.76 11.34 6.76
CA ASN B 493 2.74 12.80 6.73
C ASN B 493 2.74 13.36 8.15
N ASP B 494 1.92 12.80 9.04
CA ASP B 494 1.88 13.30 10.41
C ASP B 494 3.23 13.12 11.10
N MET B 495 3.83 11.94 10.97
CA MET B 495 5.10 11.68 11.65
C MET B 495 6.21 12.56 11.10
N LEU B 496 6.30 12.68 9.77
CA LEU B 496 7.37 13.48 9.18
C LEU B 496 7.17 14.96 9.43
N GLY B 497 5.91 15.42 9.51
CA GLY B 497 5.67 16.79 9.92
C GLY B 497 6.08 17.05 11.36
N ARG B 498 5.83 16.07 12.24
CA ARG B 498 6.26 16.23 13.63
C ARG B 498 7.79 16.32 13.69
N ILE B 499 8.47 15.51 12.87
CA ILE B 499 9.93 15.56 12.80
C ILE B 499 10.41 16.90 12.28
N ALA B 500 9.74 17.43 11.25
CA ALA B 500 10.15 18.72 10.69
C ALA B 500 10.01 19.83 11.72
N VAL B 501 8.90 19.84 12.46
CA VAL B 501 8.72 20.84 13.52
C VAL B 501 9.79 20.67 14.59
N ALA B 502 10.07 19.43 14.99
CA ALA B 502 11.09 19.20 16.01
C ALA B 502 12.46 19.66 15.54
N TRP B 503 12.79 19.42 14.27
CA TRP B 503 14.08 19.84 13.73
C TRP B 503 14.21 21.35 13.72
N CYS B 504 13.17 22.05 13.27
CA CYS B 504 13.17 23.51 13.30
C CYS B 504 13.37 24.03 14.72
N GLU B 505 12.63 23.47 15.68
CA GLU B 505 12.76 23.92 17.06
C GLU B 505 14.15 23.64 17.60
N LEU B 506 14.74 22.48 17.24
CA LEU B 506 16.08 22.16 17.70
C LEU B 506 17.12 23.13 17.16
N GLN B 507 17.00 23.50 15.87
CA GLN B 507 17.96 24.45 15.30
C GLN B 507 17.85 25.81 15.99
N ASN B 508 16.62 26.31 16.12
CA ASN B 508 16.42 27.58 16.83
C ASN B 508 16.95 27.51 18.25
N HIS B 509 16.82 26.34 18.88
CA HIS B 509 17.22 26.16 20.27
C HIS B 509 18.74 26.12 20.40
N GLU B 510 19.42 25.50 19.43
CA GLU B 510 20.88 25.40 19.43
C GLU B 510 21.55 26.71 19.05
N LEU B 511 20.81 27.64 18.45
CA LEU B 511 21.39 28.96 18.17
C LEU B 511 21.98 29.60 19.43
N THR B 512 21.38 29.37 20.60
CA THR B 512 21.90 29.94 21.84
C THR B 512 23.28 29.38 22.19
N LEU B 513 23.42 28.06 22.10
CA LEU B 513 24.72 27.43 22.32
C LEU B 513 25.75 27.96 21.34
N TRP B 514 25.33 28.15 20.09
CA TRP B 514 26.26 28.71 19.10
C TRP B 514 26.66 30.14 19.44
N ASN B 515 25.73 30.94 19.97
CA ASN B 515 26.06 32.30 20.38
C ASN B 515 27.12 32.30 21.48
N GLU B 516 26.98 31.41 22.47
CA GLU B 516 28.00 31.35 23.51
C GLU B 516 29.34 30.83 22.96
N ALA B 517 29.30 29.78 22.15
CA ALA B 517 30.54 29.23 21.62
C ALA B 517 31.25 30.21 20.71
N ARG B 518 30.52 31.14 20.10
CA ARG B 518 31.16 32.16 19.27
C ARG B 518 32.10 33.03 20.11
N LYS B 519 31.65 33.45 21.29
CA LYS B 519 32.56 34.16 22.19
C LYS B 519 33.66 33.25 22.70
N LEU B 520 33.35 31.97 22.89
CA LEU B 520 34.40 31.04 23.36
C LEU B 520 35.56 30.95 22.37
N ASN B 521 35.25 30.72 21.09
CA ASN B 521 36.28 30.49 20.08
C ASN B 521 35.80 31.07 18.75
N PRO B 522 36.05 32.35 18.51
CA PRO B 522 35.56 32.96 17.25
C PRO B 522 36.11 32.29 16.01
N ASN B 523 37.38 31.86 16.03
CA ASN B 523 37.98 31.27 14.83
C ASN B 523 37.25 30.01 14.41
N ALA B 524 37.08 29.06 15.33
CA ALA B 524 36.47 27.78 14.97
C ALA B 524 35.00 27.93 14.63
N ILE B 525 34.28 28.76 15.39
CA ILE B 525 32.86 28.97 15.13
C ILE B 525 32.67 29.61 13.75
N ALA B 526 33.47 30.62 13.44
CA ALA B 526 33.38 31.25 12.13
C ALA B 526 33.72 30.27 11.01
N SER B 527 34.77 29.46 11.20
CA SER B 527 35.14 28.50 10.18
C SER B 527 34.01 27.49 9.94
N ALA B 528 33.36 27.04 11.01
CA ALA B 528 32.29 26.06 10.88
C ALA B 528 30.99 26.65 10.35
N THR B 529 30.72 27.93 10.60
CA THR B 529 29.48 28.53 10.11
C THR B 529 29.64 29.24 8.77
N VAL B 530 30.87 29.39 8.27
CA VAL B 530 31.11 30.08 7.01
C VAL B 530 31.41 29.06 5.91
N GLY B 531 32.09 27.97 6.26
CA GLY B 531 32.46 26.96 5.30
C GLY B 531 33.88 27.02 4.80
N ARG B 532 34.71 27.88 5.36
CA ARG B 532 36.12 27.95 5.03
C ARG B 532 36.89 28.40 6.27
N ARG B 533 38.18 28.08 6.30
CA ARG B 533 39.00 28.44 7.45
C ARG B 533 39.23 29.94 7.46
N VAL B 534 38.70 30.61 8.50
CA VAL B 534 38.83 32.05 8.64
C VAL B 534 39.25 32.39 10.06
N SER B 535 39.88 33.55 10.19
CA SER B 535 40.15 34.15 11.49
C SER B 535 39.03 35.13 11.81
N ALA B 536 38.58 35.10 13.06
CA ALA B 536 37.40 35.85 13.46
C ALA B 536 37.67 36.63 14.74
N ARG B 537 36.94 37.73 14.87
CA ARG B 537 37.02 38.57 16.07
C ARG B 537 35.65 39.18 16.31
N MET B 538 35.21 39.13 17.57
CA MET B 538 33.94 39.73 17.95
C MET B 538 34.08 41.24 17.97
N LEU B 539 33.49 41.90 16.98
CA LEU B 539 33.49 43.37 16.92
C LEU B 539 32.18 43.90 17.52
N GLY B 540 31.99 43.59 18.80
CA GLY B 540 30.77 43.98 19.50
C GLY B 540 29.74 42.86 19.52
N ASP B 541 28.74 42.96 18.66
CA ASP B 541 27.69 41.95 18.54
C ASP B 541 27.70 41.25 17.19
N VAL B 542 28.66 41.56 16.32
CA VAL B 542 28.88 40.82 15.08
C VAL B 542 30.29 40.27 15.11
N MET B 543 30.63 39.48 14.09
CA MET B 543 31.90 38.78 14.03
C MET B 543 32.60 39.12 12.73
N ALA B 544 33.70 39.86 12.82
CA ALA B 544 34.51 40.15 11.65
C ALA B 544 35.38 38.94 11.31
N VAL B 545 35.46 38.61 10.02
CA VAL B 545 36.15 37.43 9.55
C VAL B 545 37.13 37.80 8.46
N SER B 546 38.16 36.98 8.31
CA SER B 546 39.17 37.16 7.27
C SER B 546 39.70 35.80 6.84
N THR B 547 39.79 35.57 5.53
CA THR B 547 40.22 34.28 5.03
C THR B 547 41.65 33.98 5.43
N CYS B 548 41.89 32.73 5.85
CA CYS B 548 43.22 32.29 6.26
C CYS B 548 43.96 31.69 5.07
N VAL B 549 45.23 32.04 4.93
CA VAL B 549 46.01 31.58 3.77
C VAL B 549 46.55 30.17 4.06
N PRO B 550 46.34 29.22 3.15
CA PRO B 550 46.83 27.85 3.39
C PRO B 550 48.35 27.75 3.24
N VAL B 551 48.90 26.75 3.93
CA VAL B 551 50.33 26.44 3.90
C VAL B 551 50.48 24.93 3.86
N ALA B 552 51.38 24.45 3.00
CA ALA B 552 51.60 23.02 2.86
C ALA B 552 52.30 22.46 4.10
N PRO B 553 51.90 21.27 4.57
CA PRO B 553 52.50 20.71 5.79
C PRO B 553 53.98 20.44 5.70
N ASP B 554 54.49 20.09 4.51
CA ASP B 554 55.91 19.85 4.35
C ASP B 554 56.71 21.15 4.52
N ASN B 555 56.06 22.28 4.34
CA ASN B 555 56.68 23.58 4.55
C ASN B 555 56.60 24.05 6.00
N VAL B 556 56.23 23.16 6.93
CA VAL B 556 56.13 23.50 8.34
C VAL B 556 56.87 22.45 9.15
N ILE B 557 57.74 22.89 10.06
CA ILE B 557 58.42 22.01 11.00
C ILE B 557 58.24 22.60 12.40
N VAL B 558 58.37 21.73 13.40
CA VAL B 558 58.22 22.12 14.79
C VAL B 558 59.60 22.08 15.45
N GLN B 559 59.81 22.99 16.40
CA GLN B 559 61.08 23.10 17.09
C GLN B 559 61.16 22.15 18.27
N ASN B 560 62.39 21.81 18.65
CA ASN B 560 62.60 20.81 19.69
C ASN B 560 62.20 21.35 21.06
N SER B 561 62.66 22.55 21.40
CA SER B 561 62.54 23.07 22.76
C SER B 561 61.46 24.14 22.83
N MET B 562 60.59 24.01 23.83
CA MET B 562 59.60 25.02 24.15
C MET B 562 60.09 26.04 25.17
N ARG B 563 61.32 25.88 25.66
CA ARG B 563 61.89 26.83 26.60
C ARG B 563 62.23 28.14 25.92
N VAL B 564 62.14 29.23 26.69
CA VAL B 564 62.51 30.55 26.21
C VAL B 564 63.99 30.77 26.50
N SER B 565 64.75 31.09 25.45
CA SER B 565 66.21 31.25 25.61
C SER B 565 66.53 32.42 26.52
N SER B 566 65.82 33.53 26.37
CA SER B 566 66.16 34.74 27.11
C SER B 566 65.85 34.59 28.60
N ARG B 567 64.65 34.11 28.94
CA ARG B 567 64.21 34.09 30.33
C ARG B 567 64.05 32.68 30.86
N PRO B 568 64.95 32.20 31.71
CA PRO B 568 64.70 30.93 32.40
C PRO B 568 63.54 31.06 33.39
N GLY B 569 62.85 29.94 33.61
CA GLY B 569 61.70 29.91 34.47
C GLY B 569 60.37 30.15 33.77
N THR B 570 60.41 30.53 32.49
CA THR B 570 59.21 30.71 31.69
C THR B 570 59.35 29.90 30.41
N CYS B 571 58.22 29.47 29.86
CA CYS B 571 58.22 28.58 28.71
C CYS B 571 57.08 28.96 27.77
N TYR B 572 57.11 28.36 26.58
CA TYR B 572 56.07 28.56 25.58
C TYR B 572 54.94 27.56 25.84
N SER B 573 53.70 28.06 25.83
CA SER B 573 52.55 27.19 26.06
C SER B 573 52.39 26.18 24.93
N ARG B 574 52.65 26.61 23.70
CA ARG B 574 52.54 25.74 22.53
C ARG B 574 53.84 25.77 21.75
N PRO B 575 54.19 24.68 21.06
CA PRO B 575 55.53 24.58 20.48
C PRO B 575 55.75 25.58 19.36
N LEU B 576 57.01 25.99 19.22
CA LEU B 576 57.41 26.90 18.16
C LEU B 576 57.49 26.15 16.84
N VAL B 577 57.25 26.88 15.75
CA VAL B 577 57.28 26.30 14.41
C VAL B 577 58.07 27.21 13.48
N SER B 578 58.62 26.60 12.43
CA SER B 578 59.25 27.33 11.33
C SER B 578 58.55 26.90 10.04
N PHE B 579 58.09 27.88 9.26
CA PHE B 579 57.32 27.57 8.07
C PHE B 579 57.66 28.54 6.95
N ARG B 580 57.44 28.08 5.72
CA ARG B 580 57.58 28.89 4.53
C ARG B 580 56.26 28.91 3.77
N TYR B 581 55.86 30.09 3.28
CA TYR B 581 54.60 30.18 2.54
C TYR B 581 54.67 29.38 1.25
N GLU B 582 55.86 29.23 0.67
CA GLU B 582 56.06 28.46 -0.54
C GLU B 582 57.30 27.59 -0.37
N ASP B 583 57.52 26.70 -1.34
CA ASP B 583 58.66 25.80 -1.29
C ASP B 583 59.98 26.56 -1.30
N GLN B 584 60.08 27.56 -2.16
CA GLN B 584 61.31 28.33 -2.31
C GLN B 584 61.32 29.62 -1.49
N GLY B 585 60.33 29.82 -0.63
CA GLY B 585 60.24 31.04 0.14
C GLY B 585 61.21 31.06 1.30
N PRO B 586 61.41 32.25 1.87
CA PRO B 586 62.27 32.37 3.05
C PRO B 586 61.60 31.82 4.30
N LEU B 587 62.43 31.39 5.25
CA LEU B 587 61.92 30.83 6.49
C LEU B 587 61.27 31.91 7.34
N ILE B 588 60.17 31.53 7.99
CA ILE B 588 59.43 32.42 8.87
C ILE B 588 59.12 31.72 10.17
N GLU B 589 59.44 32.37 11.29
CA GLU B 589 59.23 31.81 12.61
C GLU B 589 57.78 32.02 13.05
N GLY B 590 57.37 31.25 14.04
CA GLY B 590 56.02 31.39 14.55
C GLY B 590 55.77 30.39 15.66
N GLN B 591 54.53 30.40 16.15
CA GLN B 591 54.09 29.52 17.21
C GLN B 591 52.90 28.70 16.72
N LEU B 592 52.87 27.42 17.08
CA LEU B 592 51.80 26.54 16.67
C LEU B 592 50.51 26.89 17.41
N GLY B 593 49.50 27.30 16.67
CA GLY B 593 48.19 27.56 17.21
C GLY B 593 47.34 26.30 17.27
N GLU B 594 46.02 26.50 17.25
CA GLU B 594 45.07 25.41 17.36
C GLU B 594 44.61 24.97 15.97
N ASN B 595 44.55 23.64 15.79
CA ASN B 595 44.06 23.03 14.55
C ASN B 595 44.89 23.47 13.34
N ASN B 596 46.19 23.22 13.45
CA ASN B 596 47.15 23.51 12.37
C ASN B 596 47.11 24.98 11.97
N GLU B 597 47.09 25.86 12.95
CA GLU B 597 47.20 27.29 12.72
C GLU B 597 48.61 27.75 13.01
N LEU B 598 49.12 28.65 12.18
CA LEU B 598 50.48 29.18 12.33
C LEU B 598 50.38 30.63 12.78
N ARG B 599 50.69 30.88 14.05
CA ARG B 599 50.63 32.22 14.62
C ARG B 599 51.96 32.92 14.39
N LEU B 600 51.90 34.16 13.89
CA LEU B 600 53.10 34.91 13.56
C LEU B 600 53.83 35.44 14.79
N THR B 601 53.18 35.50 15.94
CA THR B 601 53.76 36.06 17.15
C THR B 601 53.89 34.97 18.21
N ARG B 602 55.07 34.89 18.82
CA ARG B 602 55.33 33.89 19.85
C ARG B 602 55.12 34.48 21.24
N ASP B 603 53.85 34.77 21.53
CA ASP B 603 53.47 35.40 22.79
C ASP B 603 52.78 34.45 23.75
N ALA B 604 52.53 33.19 23.36
CA ALA B 604 51.91 32.22 24.24
C ALA B 604 52.95 31.75 25.26
N LEU B 605 52.93 32.35 26.45
CA LEU B 605 53.93 32.13 27.47
C LEU B 605 53.26 31.72 28.77
N GLU B 606 53.85 30.74 29.46
CA GLU B 606 53.36 30.29 30.75
C GLU B 606 54.54 30.01 31.66
N PRO B 607 54.36 30.14 32.97
CA PRO B 607 55.41 29.73 33.91
C PRO B 607 55.68 28.24 33.81
N CYS B 608 56.95 27.87 34.00
CA CYS B 608 57.35 26.47 33.91
C CYS B 608 56.69 25.65 35.01
N THR B 609 56.36 24.40 34.67
CA THR B 609 55.72 23.49 35.61
C THR B 609 56.27 22.09 35.40
N VAL B 610 56.52 21.39 36.51
CA VAL B 610 57.05 20.03 36.45
C VAL B 610 55.96 19.08 35.96
N GLY B 611 56.39 17.99 35.33
CA GLY B 611 55.44 17.02 34.78
C GLY B 611 54.67 17.54 33.59
N HIS B 612 55.36 18.22 32.67
CA HIS B 612 54.72 18.82 31.51
C HIS B 612 54.59 17.77 30.41
N ARG B 613 53.37 17.32 30.16
CA ARG B 613 53.09 16.33 29.13
C ARG B 613 51.99 16.88 28.23
N ARG B 614 52.31 17.15 26.96
CA ARG B 614 51.34 17.74 26.06
C ARG B 614 51.34 17.02 24.72
N TYR B 615 50.17 17.01 24.10
CA TYR B 615 49.99 16.57 22.72
C TYR B 615 49.51 17.76 21.91
N PHE B 616 50.05 17.92 20.70
CA PHE B 616 49.67 19.04 19.85
C PHE B 616 49.33 18.54 18.44
N ILE B 617 48.23 19.07 17.90
CA ILE B 617 47.84 18.73 16.54
C ILE B 617 48.89 19.25 15.57
N PHE B 618 49.33 18.38 14.67
CA PHE B 618 50.33 18.73 13.67
C PHE B 618 50.05 17.91 12.42
N GLY B 619 49.69 18.57 11.33
CA GLY B 619 49.30 17.86 10.13
C GLY B 619 48.11 16.95 10.42
N GLY B 620 48.26 15.69 10.06
CA GLY B 620 47.25 14.69 10.33
C GLY B 620 47.43 13.94 11.64
N GLY B 621 48.39 14.33 12.47
CA GLY B 621 48.63 13.60 13.71
C GLY B 621 48.94 14.49 14.90
N TYR B 622 49.70 13.96 15.86
CA TYR B 622 50.07 14.68 17.06
C TYR B 622 51.58 14.63 17.27
N VAL B 623 52.11 15.71 17.81
CA VAL B 623 53.46 15.76 18.34
C VAL B 623 53.38 15.79 19.86
N TYR B 624 54.08 14.88 20.51
CA TYR B 624 54.08 14.72 21.96
C TYR B 624 55.33 15.38 22.54
N PHE B 625 55.12 16.35 23.41
CA PHE B 625 56.19 17.06 24.09
C PHE B 625 56.18 16.70 25.58
N GLU B 626 57.35 16.37 26.11
CA GLU B 626 57.52 16.03 27.52
C GLU B 626 58.62 16.92 28.10
N GLU B 627 58.33 17.52 29.25
CA GLU B 627 59.26 18.45 29.92
C GLU B 627 59.68 19.58 28.99
N TYR B 628 58.70 20.12 28.25
CA TYR B 628 58.93 21.25 27.34
C TYR B 628 59.99 20.92 26.28
N ALA B 629 60.05 19.66 25.87
CA ALA B 629 60.96 19.23 24.82
C ALA B 629 60.26 18.22 23.94
N TYR B 630 60.61 18.21 22.66
CA TYR B 630 60.03 17.26 21.72
C TYR B 630 60.36 15.84 22.19
N SER B 631 59.31 15.04 22.36
CA SER B 631 59.46 13.68 22.87
C SER B 631 59.16 12.62 21.82
N HIS B 632 57.99 12.66 21.19
CA HIS B 632 57.62 11.54 20.34
C HIS B 632 56.52 12.06 19.39
N GLN B 633 55.99 11.16 18.56
CA GLN B 633 55.03 11.50 17.51
C GLN B 633 53.99 10.40 17.43
N LEU B 634 52.73 10.78 17.25
CA LEU B 634 51.62 9.84 17.17
C LEU B 634 50.76 10.13 15.95
N SER B 635 50.12 9.11 15.43
CA SER B 635 49.03 9.28 14.48
C SER B 635 47.71 9.30 15.24
N ARG B 636 46.64 9.69 14.53
CA ARG B 636 45.33 9.70 15.17
C ARG B 636 44.82 8.30 15.45
N ALA B 637 45.32 7.29 14.74
CA ALA B 637 44.96 5.91 15.05
C ALA B 637 45.55 5.44 16.36
N ASP B 638 46.63 6.07 16.82
CA ASP B 638 47.28 5.69 18.08
C ASP B 638 46.62 6.29 19.30
N VAL B 639 45.61 7.15 19.13
CA VAL B 639 44.89 7.76 20.24
C VAL B 639 43.52 7.09 20.34
N THR B 640 43.13 6.75 21.57
CA THR B 640 41.79 6.23 21.82
C THR B 640 40.75 7.27 21.40
N THR B 641 39.74 6.82 20.67
CA THR B 641 38.73 7.72 20.10
C THR B 641 37.40 7.50 20.81
N VAL B 642 36.84 8.58 21.35
CA VAL B 642 35.48 8.60 21.85
C VAL B 642 34.67 9.50 20.95
N SER B 643 33.37 9.22 20.85
CA SER B 643 32.49 9.88 19.90
C SER B 643 31.51 10.80 20.63
N THR B 644 31.36 12.01 20.12
CA THR B 644 30.28 12.89 20.51
C THR B 644 29.05 12.73 19.64
N PHE B 645 29.12 11.86 18.63
CA PHE B 645 28.04 11.70 17.67
C PHE B 645 27.00 10.72 18.20
N ILE B 646 25.73 11.04 17.98
CA ILE B 646 24.62 10.15 18.27
C ILE B 646 24.33 9.33 17.02
N ASP B 647 24.31 8.01 17.17
CA ASP B 647 24.12 7.14 16.02
C ASP B 647 22.67 7.19 15.53
N LEU B 648 22.52 7.07 14.21
CA LEU B 648 21.21 6.93 13.59
C LEU B 648 21.39 6.10 12.33
N ASN B 649 20.90 4.87 12.35
CA ASN B 649 21.07 3.93 11.26
C ASN B 649 19.74 3.83 10.50
N ILE B 650 19.64 4.58 9.41
CA ILE B 650 18.46 4.59 8.56
C ILE B 650 18.78 3.81 7.29
N THR B 651 17.97 2.81 6.99
CA THR B 651 18.14 2.00 5.79
C THR B 651 16.94 2.18 4.87
N MET B 652 17.19 2.08 3.57
CA MET B 652 16.15 2.27 2.57
C MET B 652 15.27 1.04 2.47
N LEU B 653 13.97 1.26 2.29
CA LEU B 653 13.05 0.18 1.98
C LEU B 653 13.37 -0.36 0.60
N GLU B 654 13.47 -1.69 0.50
CA GLU B 654 13.98 -2.31 -0.72
C GLU B 654 12.89 -2.39 -1.79
N ASP B 655 13.34 -2.56 -3.03
CA ASP B 655 12.43 -2.80 -4.14
C ASP B 655 11.70 -4.13 -3.97
N HIS B 656 10.46 -4.16 -4.41
CA HIS B 656 9.67 -5.38 -4.33
C HIS B 656 8.88 -5.56 -5.62
N GLU B 657 8.77 -6.80 -6.08
CA GLU B 657 8.10 -7.14 -7.32
C GLU B 657 6.82 -7.91 -7.03
N PHE B 658 5.71 -7.45 -7.60
CA PHE B 658 4.42 -8.10 -7.44
C PHE B 658 4.13 -8.90 -8.71
N VAL B 659 4.15 -10.23 -8.60
CA VAL B 659 3.83 -11.11 -9.71
C VAL B 659 2.31 -11.17 -9.87
N PRO B 660 1.79 -11.43 -11.07
CA PRO B 660 0.35 -11.67 -11.20
C PRO B 660 -0.07 -12.89 -10.39
N LEU B 661 -1.25 -12.79 -9.77
CA LEU B 661 -1.74 -13.86 -8.91
C LEU B 661 -3.26 -13.91 -8.99
N GLU B 662 -3.79 -15.10 -9.27
CA GLU B 662 -5.23 -15.31 -9.29
C GLU B 662 -5.55 -16.63 -8.60
N VAL B 663 -6.60 -16.63 -7.79
CA VAL B 663 -7.06 -17.88 -7.19
C VAL B 663 -7.59 -18.82 -8.26
N TYR B 664 -8.45 -18.31 -9.13
CA TYR B 664 -8.98 -19.06 -10.26
C TYR B 664 -8.81 -18.23 -11.52
N THR B 665 -8.25 -18.82 -12.57
CA THR B 665 -8.23 -18.12 -13.84
C THR B 665 -9.61 -18.14 -14.49
N ARG B 666 -9.83 -17.22 -15.43
CA ARG B 666 -11.13 -17.17 -16.09
C ARG B 666 -11.39 -18.44 -16.88
N HIS B 667 -10.34 -19.12 -17.33
CA HIS B 667 -10.49 -20.45 -17.93
C HIS B 667 -10.94 -21.48 -16.90
N GLU B 668 -10.41 -21.41 -15.67
CA GLU B 668 -10.90 -22.29 -14.62
C GLU B 668 -12.36 -22.00 -14.29
N ILE B 669 -12.75 -20.72 -14.28
CA ILE B 669 -14.13 -20.36 -14.00
C ILE B 669 -15.04 -20.86 -15.12
N LYS B 670 -14.60 -20.73 -16.36
CA LYS B 670 -15.39 -21.26 -17.47
C LYS B 670 -15.52 -22.77 -17.39
N ASP B 671 -14.44 -23.46 -16.99
CA ASP B 671 -14.43 -24.91 -16.98
C ASP B 671 -15.20 -25.50 -15.81
N SER B 672 -15.52 -24.71 -14.79
CA SER B 672 -16.24 -25.26 -13.64
C SER B 672 -17.68 -25.64 -13.97
N GLY B 673 -18.21 -25.19 -15.11
CA GLY B 673 -19.53 -25.59 -15.51
C GLY B 673 -19.55 -27.02 -16.03
N LEU B 674 -20.57 -27.78 -15.64
CA LEU B 674 -20.63 -29.19 -16.00
C LEU B 674 -20.82 -29.38 -17.50
N LEU B 675 -21.74 -28.62 -18.09
CA LEU B 675 -22.04 -28.71 -19.52
C LEU B 675 -21.83 -27.34 -20.15
N ASP B 676 -21.10 -27.30 -21.26
CA ASP B 676 -20.92 -26.10 -22.04
C ASP B 676 -21.84 -26.15 -23.25
N TYR B 677 -22.77 -25.19 -23.33
CA TYR B 677 -23.79 -25.21 -24.38
C TYR B 677 -23.15 -25.09 -25.76
N THR B 678 -22.16 -24.21 -25.90
CA THR B 678 -21.53 -24.00 -27.20
C THR B 678 -20.85 -25.27 -27.70
N GLU B 679 -20.07 -25.94 -26.83
CA GLU B 679 -19.35 -27.13 -27.26
C GLU B 679 -20.30 -28.28 -27.56
N VAL B 680 -21.36 -28.44 -26.75
CA VAL B 680 -22.32 -29.51 -27.01
C VAL B 680 -23.04 -29.26 -28.33
N GLN B 681 -23.45 -28.02 -28.59
CA GLN B 681 -24.09 -27.71 -29.85
C GLN B 681 -23.14 -27.95 -31.03
N ARG B 682 -21.89 -27.54 -30.88
CA ARG B 682 -20.90 -27.76 -31.94
C ARG B 682 -20.72 -29.24 -32.23
N ARG B 683 -20.60 -30.07 -31.20
CA ARG B 683 -20.31 -31.47 -31.44
C ARG B 683 -21.53 -32.22 -31.94
N ASN B 684 -22.72 -31.88 -31.43
CA ASN B 684 -23.94 -32.54 -31.89
C ASN B 684 -24.31 -32.13 -33.31
N GLN B 685 -24.04 -30.88 -33.70
CA GLN B 685 -24.39 -30.48 -35.05
C GLN B 685 -23.36 -30.92 -36.09
N LEU B 686 -22.26 -31.54 -35.65
CA LEU B 686 -21.34 -32.22 -36.56
C LEU B 686 -21.70 -33.67 -36.79
N HIS B 687 -22.83 -34.14 -36.23
CA HIS B 687 -23.15 -35.56 -36.27
C HIS B 687 -23.33 -36.06 -37.70
N ASP B 688 -24.08 -35.31 -38.52
CA ASP B 688 -24.31 -35.73 -39.89
C ASP B 688 -23.04 -35.62 -40.73
N LEU B 689 -22.19 -34.64 -40.43
CA LEU B 689 -20.93 -34.48 -41.16
C LEU B 689 -19.90 -35.52 -40.77
N ARG B 690 -20.13 -36.27 -39.70
CA ARG B 690 -19.21 -37.32 -39.28
C ARG B 690 -19.71 -38.72 -39.58
N PHE B 691 -21.02 -38.96 -39.41
CA PHE B 691 -21.57 -40.31 -39.43
C PHE B 691 -22.52 -40.54 -40.59
N ALA B 692 -22.72 -39.57 -41.47
CA ALA B 692 -23.72 -39.68 -42.52
C ALA B 692 -23.18 -39.05 -43.79
N ASP B 693 -24.03 -38.95 -44.81
CA ASP B 693 -23.70 -38.35 -46.10
C ASP B 693 -24.78 -37.33 -46.40
N ILE B 694 -24.40 -36.04 -46.43
CA ILE B 694 -25.38 -34.98 -46.65
C ILE B 694 -25.50 -34.58 -48.12
N ASP B 695 -24.70 -35.15 -49.01
CA ASP B 695 -24.67 -34.74 -50.40
C ASP B 695 -25.20 -35.78 -51.38
N THR B 696 -24.98 -37.06 -51.12
CA THR B 696 -25.35 -38.10 -52.06
C THR B 696 -26.86 -38.16 -52.22
N VAL B 697 -27.31 -38.26 -53.47
CA VAL B 697 -28.72 -38.45 -53.80
C VAL B 697 -28.86 -39.79 -54.49
N ILE B 698 -29.67 -40.68 -53.92
CA ILE B 698 -29.77 -42.05 -54.42
C ILE B 698 -30.50 -42.08 -55.76
N ASP C 83 21.05 9.01 39.71
CA ASP C 83 22.25 8.47 40.33
C ASP C 83 22.68 9.32 41.51
N ALA C 84 22.48 8.80 42.72
CA ALA C 84 22.83 9.51 43.94
C ALA C 84 24.26 9.24 44.41
N GLN C 85 24.97 8.35 43.75
CA GLN C 85 26.31 7.97 44.19
C GLN C 85 27.29 9.13 44.09
N PHE C 86 28.19 9.23 45.05
CA PHE C 86 29.25 10.21 45.00
C PHE C 86 30.47 9.60 44.31
N TYR C 87 31.41 10.45 43.91
CA TYR C 87 32.60 9.98 43.22
C TYR C 87 33.80 10.78 43.68
N VAL C 88 34.90 10.08 43.99
CA VAL C 88 36.18 10.71 44.27
C VAL C 88 37.04 10.56 43.02
N CYS C 89 37.52 11.68 42.51
CA CYS C 89 38.22 11.70 41.23
C CYS C 89 39.68 12.11 41.41
N PRO C 90 40.62 11.18 41.32
CA PRO C 90 42.04 11.54 41.42
C PRO C 90 42.47 12.30 40.18
N PRO C 91 43.58 13.04 40.26
CA PRO C 91 44.04 13.82 39.11
C PRO C 91 44.28 12.94 37.91
N PRO C 92 43.89 13.38 36.71
CA PRO C 92 43.99 12.54 35.51
C PRO C 92 45.40 12.51 34.97
N THR C 93 46.10 11.40 35.19
CA THR C 93 47.41 11.19 34.60
C THR C 93 47.26 10.86 33.12
N GLY C 94 48.24 11.27 32.31
CA GLY C 94 48.18 11.07 30.88
C GLY C 94 48.45 9.65 30.43
N ALA C 95 48.24 8.68 31.32
CA ALA C 95 48.39 7.28 30.95
C ALA C 95 47.38 6.88 29.90
N THR C 96 46.13 7.33 30.05
CA THR C 96 45.07 7.06 29.08
C THR C 96 44.52 8.40 28.59
N VAL C 97 44.73 8.69 27.31
CA VAL C 97 44.25 9.91 26.69
C VAL C 97 43.24 9.56 25.62
N VAL C 98 42.27 10.45 25.40
CA VAL C 98 41.22 10.24 24.42
C VAL C 98 41.13 11.47 23.52
N GLN C 99 40.57 11.25 22.34
CA GLN C 99 40.28 12.31 21.39
C GLN C 99 38.82 12.17 20.95
N PHE C 100 38.27 13.25 20.40
CA PHE C 100 36.94 13.20 19.81
C PHE C 100 37.02 12.70 18.39
N GLU C 101 36.02 11.91 17.99
CA GLU C 101 35.94 11.44 16.62
C GLU C 101 35.77 12.62 15.67
N GLN C 102 36.54 12.62 14.60
CA GLN C 102 36.48 13.69 13.61
C GLN C 102 35.22 13.55 12.76
N PRO C 103 34.80 14.62 12.09
CA PRO C 103 33.53 14.58 11.35
C PRO C 103 33.45 13.43 10.36
N ARG C 104 32.32 12.74 10.37
CA ARG C 104 32.11 11.60 9.49
C ARG C 104 31.75 12.07 8.08
N ARG C 105 31.95 11.18 7.12
CA ARG C 105 31.53 11.45 5.75
C ARG C 105 30.01 11.25 5.68
N CYS C 106 29.29 12.33 5.40
CA CYS C 106 27.84 12.24 5.37
C CYS C 106 27.38 11.49 4.12
N PRO C 107 26.28 10.76 4.21
CA PRO C 107 25.78 10.03 3.04
C PRO C 107 25.37 10.99 1.92
N THR C 108 25.35 10.45 0.71
CA THR C 108 25.09 11.23 -0.49
C THR C 108 23.62 11.13 -0.87
N ARG C 109 23.04 12.27 -1.24
CA ARG C 109 21.65 12.30 -1.66
C ARG C 109 21.49 11.53 -2.96
N PRO C 110 20.50 10.65 -3.07
CA PRO C 110 20.36 9.84 -4.29
C PRO C 110 20.17 10.70 -5.53
N GLU C 111 20.65 10.16 -6.66
CA GLU C 111 20.57 10.91 -7.92
C GLU C 111 19.12 11.17 -8.33
N GLY C 112 18.24 10.20 -8.10
CA GLY C 112 16.85 10.34 -8.49
C GLY C 112 16.57 9.65 -9.81
N GLN C 113 15.47 8.91 -9.87
CA GLN C 113 15.15 8.14 -11.07
C GLN C 113 14.85 9.06 -12.24
N ASN C 114 15.51 8.80 -13.37
CA ASN C 114 15.23 9.53 -14.60
C ASN C 114 14.01 8.93 -15.27
N TYR C 115 13.07 9.78 -15.67
CA TYR C 115 11.81 9.33 -16.26
C TYR C 115 11.69 9.87 -17.67
N THR C 116 11.41 8.99 -18.62
CA THR C 116 11.05 9.39 -19.97
C THR C 116 9.55 9.60 -20.04
N GLU C 117 9.13 10.78 -20.46
CA GLU C 117 7.71 11.04 -20.67
C GLU C 117 7.29 10.51 -22.04
N GLY C 118 6.01 10.16 -22.15
CA GLY C 118 5.53 9.63 -23.40
C GLY C 118 4.06 9.30 -23.33
N ILE C 119 3.56 8.83 -24.47
CA ILE C 119 2.16 8.43 -24.61
C ILE C 119 2.14 6.91 -24.77
N ALA C 120 1.09 6.27 -24.27
CA ALA C 120 1.05 4.81 -24.32
C ALA C 120 -0.36 4.32 -24.63
N VAL C 121 -0.41 3.17 -25.28
CA VAL C 121 -1.64 2.42 -25.49
C VAL C 121 -1.41 0.99 -25.01
N VAL C 122 -2.20 0.56 -24.04
CA VAL C 122 -2.08 -0.78 -23.46
C VAL C 122 -3.13 -1.66 -24.09
N PHE C 123 -2.68 -2.76 -24.69
CA PHE C 123 -3.52 -3.75 -25.36
C PHE C 123 -3.57 -5.02 -24.53
N LYS C 124 -4.74 -5.65 -24.51
CA LYS C 124 -4.99 -6.90 -23.81
C LYS C 124 -5.35 -7.99 -24.83
N GLU C 125 -5.33 -9.23 -24.37
CA GLU C 125 -5.78 -10.33 -25.21
C GLU C 125 -7.25 -10.16 -25.57
N ASN C 126 -7.57 -10.34 -26.84
CA ASN C 126 -8.95 -10.22 -27.30
C ASN C 126 -9.72 -11.48 -26.94
N ILE C 127 -10.79 -11.32 -26.17
CA ILE C 127 -11.70 -12.41 -25.86
C ILE C 127 -13.08 -12.23 -26.47
N ALA C 128 -13.35 -11.08 -27.07
CA ALA C 128 -14.64 -10.83 -27.71
C ALA C 128 -14.72 -11.55 -29.04
N PRO C 129 -15.79 -12.28 -29.31
CA PRO C 129 -15.94 -12.93 -30.62
C PRO C 129 -16.06 -11.92 -31.73
N TYR C 130 -15.54 -12.29 -32.90
CA TYR C 130 -15.79 -11.51 -34.11
C TYR C 130 -17.26 -11.59 -34.49
N LYS C 131 -17.87 -10.43 -34.68
CA LYS C 131 -19.30 -10.34 -34.94
C LYS C 131 -19.56 -9.78 -36.33
N PHE C 132 -20.55 -10.33 -37.02
CA PHE C 132 -20.95 -9.82 -38.33
C PHE C 132 -22.43 -10.14 -38.54
N LYS C 133 -22.96 -9.68 -39.67
CA LYS C 133 -24.37 -9.81 -39.98
C LYS C 133 -24.57 -10.89 -41.04
N ALA C 134 -25.59 -11.73 -40.86
CA ALA C 134 -25.91 -12.77 -41.82
C ALA C 134 -27.41 -12.78 -42.05
N THR C 135 -27.83 -13.53 -43.07
CA THR C 135 -29.24 -13.68 -43.39
C THR C 135 -29.51 -15.14 -43.69
N MET C 136 -30.52 -15.70 -43.02
CA MET C 136 -30.92 -17.09 -43.21
C MET C 136 -32.16 -17.15 -44.10
N TYR C 137 -32.11 -18.01 -45.09
CA TYR C 137 -33.23 -18.29 -45.98
C TYR C 137 -33.56 -19.77 -45.82
N TYR C 138 -34.76 -20.07 -45.32
CA TYR C 138 -35.13 -21.46 -45.18
C TYR C 138 -36.65 -21.57 -45.18
N LYS C 139 -37.13 -22.77 -45.47
CA LYS C 139 -38.57 -23.01 -45.56
C LYS C 139 -38.96 -24.01 -44.47
N ASP C 140 -39.88 -23.60 -43.61
CA ASP C 140 -40.50 -24.53 -42.68
C ASP C 140 -41.48 -25.41 -43.43
N VAL C 141 -41.23 -26.71 -43.42
CA VAL C 141 -42.09 -27.70 -44.08
C VAL C 141 -42.74 -28.52 -42.98
N THR C 142 -44.08 -28.54 -42.98
CA THR C 142 -44.84 -29.27 -41.97
C THR C 142 -45.79 -30.21 -42.69
N VAL C 143 -45.70 -31.50 -42.39
CA VAL C 143 -46.63 -32.49 -42.90
C VAL C 143 -47.42 -33.01 -41.70
N SER C 144 -48.71 -32.72 -41.68
CA SER C 144 -49.59 -33.15 -40.62
C SER C 144 -50.41 -34.34 -41.10
N GLN C 145 -50.29 -35.46 -40.39
CA GLN C 145 -51.18 -36.60 -40.56
C GLN C 145 -52.26 -36.51 -39.49
N VAL C 146 -53.50 -36.38 -39.96
CA VAL C 146 -54.67 -36.20 -39.10
C VAL C 146 -55.62 -37.37 -39.32
N TRP C 147 -56.04 -37.99 -38.22
CA TRP C 147 -57.09 -39.01 -38.26
C TRP C 147 -58.42 -38.33 -37.96
N PHE C 148 -59.40 -38.53 -38.83
CA PHE C 148 -60.71 -37.92 -38.65
C PHE C 148 -61.66 -38.97 -38.08
N GLY C 149 -61.84 -38.94 -36.76
CA GLY C 149 -62.82 -39.75 -36.09
C GLY C 149 -64.20 -39.12 -36.15
N HIS C 150 -65.10 -39.66 -35.35
CA HIS C 150 -66.48 -39.18 -35.33
C HIS C 150 -66.61 -38.12 -34.23
N ARG C 151 -66.97 -36.90 -34.63
CA ARG C 151 -67.07 -35.73 -33.77
C ARG C 151 -65.73 -35.29 -33.17
N TYR C 152 -64.62 -35.75 -33.72
CA TYR C 152 -63.31 -35.31 -33.24
C TYR C 152 -62.24 -35.61 -34.27
N SER C 153 -61.17 -34.82 -34.24
CA SER C 153 -60.01 -35.01 -35.10
C SER C 153 -58.76 -35.01 -34.23
N GLN C 154 -57.77 -35.83 -34.61
CA GLN C 154 -56.55 -35.95 -33.82
C GLN C 154 -55.34 -35.98 -34.75
N PHE C 155 -54.28 -35.30 -34.34
CA PHE C 155 -53.01 -35.39 -35.04
C PHE C 155 -52.37 -36.74 -34.77
N MET C 156 -52.35 -37.61 -35.78
CA MET C 156 -51.53 -38.81 -35.71
C MET C 156 -50.05 -38.46 -35.79
N GLY C 157 -49.70 -37.41 -36.53
CA GLY C 157 -48.31 -37.02 -36.60
C GLY C 157 -48.09 -35.62 -37.15
N ILE C 158 -46.98 -34.99 -36.74
CA ILE C 158 -46.59 -33.69 -37.29
C ILE C 158 -45.11 -33.72 -37.60
N PHE C 159 -44.76 -33.91 -38.87
CA PHE C 159 -43.37 -33.94 -39.32
C PHE C 159 -42.94 -32.52 -39.63
N GLU C 160 -41.92 -32.05 -38.92
CA GLU C 160 -41.42 -30.68 -39.02
C GLU C 160 -40.00 -30.70 -39.55
N ASP C 161 -39.75 -29.92 -40.61
CA ASP C 161 -38.43 -29.90 -41.24
C ASP C 161 -38.09 -28.47 -41.65
N ARG C 162 -36.80 -28.19 -41.74
CA ARG C 162 -36.30 -26.92 -42.24
C ARG C 162 -35.50 -27.21 -43.51
N ALA C 163 -35.90 -26.57 -44.61
CA ALA C 163 -35.27 -26.84 -45.89
C ALA C 163 -34.52 -25.61 -46.39
N PRO C 164 -33.30 -25.78 -46.89
CA PRO C 164 -32.58 -24.63 -47.45
C PRO C 164 -33.24 -24.11 -48.70
N VAL C 165 -33.14 -22.80 -48.90
CA VAL C 165 -33.63 -22.15 -50.10
C VAL C 165 -32.51 -22.18 -51.14
N PRO C 166 -32.74 -22.74 -52.33
CA PRO C 166 -31.65 -22.84 -53.32
C PRO C 166 -31.11 -21.47 -53.70
N PHE C 167 -29.86 -21.48 -54.19
CA PHE C 167 -29.16 -20.24 -54.47
C PHE C 167 -29.90 -19.41 -55.52
N GLU C 168 -30.37 -20.07 -56.59
CA GLU C 168 -31.08 -19.36 -57.64
C GLU C 168 -32.37 -18.74 -57.13
N GLU C 169 -33.03 -19.36 -56.14
CA GLU C 169 -34.22 -18.77 -55.57
C GLU C 169 -33.87 -17.56 -54.70
N VAL C 170 -32.76 -17.63 -53.96
CA VAL C 170 -32.33 -16.48 -53.16
C VAL C 170 -32.01 -15.29 -54.05
N ILE C 171 -31.35 -15.55 -55.18
CA ILE C 171 -30.96 -14.45 -56.07
C ILE C 171 -32.16 -13.95 -56.88
N ASP C 172 -32.75 -14.83 -57.69
CA ASP C 172 -33.73 -14.41 -58.68
C ASP C 172 -35.10 -14.10 -58.08
N LYS C 173 -35.49 -14.77 -57.00
CA LYS C 173 -36.83 -14.59 -56.44
C LYS C 173 -36.82 -13.70 -55.20
N ILE C 174 -36.06 -14.05 -54.17
CA ILE C 174 -36.12 -13.32 -52.91
C ILE C 174 -35.45 -11.95 -53.05
N ASN C 175 -34.24 -11.91 -53.58
CA ASN C 175 -33.52 -10.65 -53.66
C ASN C 175 -34.03 -9.76 -54.79
N ALA C 176 -34.50 -10.34 -55.88
CA ALA C 176 -34.89 -9.52 -57.03
C ALA C 176 -36.35 -9.10 -56.98
N LYS C 177 -37.21 -9.93 -56.38
CA LYS C 177 -38.64 -9.65 -56.37
C LYS C 177 -39.27 -9.71 -54.98
N GLY C 178 -38.54 -10.11 -53.96
CA GLY C 178 -39.13 -10.26 -52.63
C GLY C 178 -40.20 -11.30 -52.55
N VAL C 179 -40.04 -12.42 -53.25
CA VAL C 179 -41.02 -13.50 -53.25
C VAL C 179 -40.30 -14.83 -53.06
N CYS C 180 -41.07 -15.83 -52.63
CA CYS C 180 -40.59 -17.19 -52.51
C CYS C 180 -41.49 -18.13 -53.29
N ARG C 181 -40.89 -19.20 -53.82
CA ARG C 181 -41.68 -20.28 -54.39
C ARG C 181 -42.48 -20.96 -53.28
N SER C 182 -43.69 -21.40 -53.61
CA SER C 182 -44.52 -22.09 -52.64
C SER C 182 -44.12 -23.54 -52.45
N THR C 183 -43.07 -24.00 -53.12
CA THR C 183 -42.62 -25.38 -53.04
C THR C 183 -41.21 -25.43 -52.46
N ALA C 184 -40.92 -26.51 -51.74
CA ALA C 184 -39.60 -26.75 -51.16
C ALA C 184 -39.04 -28.01 -51.78
N LYS C 185 -37.99 -27.86 -52.60
CA LYS C 185 -37.30 -28.98 -53.22
C LYS C 185 -35.88 -29.03 -52.67
N TYR C 186 -35.54 -30.11 -51.98
CA TYR C 186 -34.28 -30.16 -51.27
C TYR C 186 -33.90 -31.62 -51.02
N VAL C 187 -32.62 -31.82 -50.71
CA VAL C 187 -32.08 -33.15 -50.42
C VAL C 187 -32.13 -33.38 -48.92
N ARG C 188 -32.88 -34.39 -48.51
CA ARG C 188 -32.95 -34.81 -47.11
C ARG C 188 -32.78 -36.32 -47.05
N ASN C 189 -31.90 -36.77 -46.16
CA ASN C 189 -31.68 -38.19 -45.92
C ASN C 189 -31.35 -38.93 -47.22
N ASN C 190 -30.49 -38.31 -48.03
CA ASN C 190 -30.03 -38.85 -49.31
C ASN C 190 -31.15 -39.05 -50.32
N MET C 191 -32.22 -38.26 -50.22
CA MET C 191 -33.32 -38.33 -51.16
C MET C 191 -33.75 -36.91 -51.52
N GLU C 192 -34.06 -36.69 -52.80
CA GLU C 192 -34.62 -35.42 -53.22
C GLU C 192 -36.11 -35.42 -52.91
N THR C 193 -36.53 -34.54 -52.01
CA THR C 193 -37.91 -34.45 -51.58
C THR C 193 -38.50 -33.10 -52.00
N THR C 194 -39.77 -33.13 -52.41
CA THR C 194 -40.47 -31.94 -52.86
C THR C 194 -41.78 -31.80 -52.09
N ALA C 195 -41.99 -30.63 -51.49
CA ALA C 195 -43.20 -30.35 -50.74
C ALA C 195 -43.92 -29.17 -51.36
N PHE C 196 -45.24 -29.28 -51.50
CA PHE C 196 -46.08 -28.23 -52.08
C PHE C 196 -46.94 -27.62 -50.99
N HIS C 197 -46.90 -26.30 -50.85
CA HIS C 197 -47.75 -25.62 -49.89
C HIS C 197 -49.21 -25.90 -50.18
N ARG C 198 -49.95 -26.33 -49.15
CA ARG C 198 -51.36 -26.69 -49.26
C ARG C 198 -51.60 -27.80 -50.29
N ASP C 199 -50.53 -28.51 -50.66
CA ASP C 199 -50.60 -29.56 -51.69
C ASP C 199 -51.21 -29.02 -52.98
N ASP C 200 -50.82 -27.81 -53.35
CA ASP C 200 -51.29 -27.14 -54.56
C ASP C 200 -50.12 -26.92 -55.52
N HIS C 201 -50.45 -26.35 -56.68
CA HIS C 201 -49.43 -26.06 -57.68
C HIS C 201 -48.51 -24.94 -57.21
N GLU C 202 -47.30 -24.91 -57.76
CA GLU C 202 -46.30 -23.94 -57.36
C GLU C 202 -46.71 -22.53 -57.78
N THR C 203 -46.62 -21.59 -56.84
CA THR C 203 -46.88 -20.18 -57.12
C THR C 203 -45.82 -19.35 -56.42
N ASP C 204 -45.74 -18.07 -56.80
CA ASP C 204 -44.86 -17.13 -56.15
C ASP C 204 -45.63 -16.38 -55.08
N MET C 205 -45.10 -16.36 -53.86
CA MET C 205 -45.77 -15.77 -52.72
C MET C 205 -44.93 -14.65 -52.13
N GLU C 206 -45.55 -13.52 -51.85
CA GLU C 206 -44.86 -12.35 -51.36
C GLU C 206 -44.34 -12.58 -49.94
N LEU C 207 -43.15 -12.06 -49.66
CA LEU C 207 -42.58 -12.09 -48.32
C LEU C 207 -43.06 -10.87 -47.55
N LYS C 208 -43.66 -11.11 -46.38
CA LYS C 208 -44.20 -10.03 -45.57
C LYS C 208 -43.49 -10.00 -44.22
N PRO C 209 -43.39 -8.82 -43.60
CA PRO C 209 -42.69 -8.73 -42.31
C PRO C 209 -43.34 -9.62 -41.26
N ALA C 210 -42.50 -10.24 -40.44
CA ALA C 210 -42.98 -11.07 -39.35
C ALA C 210 -43.55 -10.22 -38.24
N LYS C 211 -44.30 -10.86 -37.34
CA LYS C 211 -44.84 -10.16 -36.19
C LYS C 211 -43.73 -9.63 -35.30
N VAL C 212 -43.88 -8.37 -34.87
CA VAL C 212 -42.88 -7.71 -34.04
C VAL C 212 -42.76 -8.39 -32.69
N ALA C 213 -41.52 -8.56 -32.24
CA ALA C 213 -41.22 -9.04 -30.90
C ALA C 213 -40.11 -8.17 -30.33
N THR C 214 -40.04 -8.13 -28.99
CA THR C 214 -39.05 -7.29 -28.32
C THR C 214 -37.66 -7.90 -28.46
N ARG C 215 -36.68 -7.03 -28.74
CA ARG C 215 -35.26 -7.41 -28.80
C ARG C 215 -35.03 -8.60 -29.73
N THR C 216 -35.69 -8.57 -30.89
CA THR C 216 -35.45 -9.55 -31.93
C THR C 216 -35.15 -8.82 -33.24
N SER C 217 -34.44 -9.50 -34.12
CA SER C 217 -34.02 -8.94 -35.39
C SER C 217 -35.16 -9.04 -36.42
N ARG C 218 -34.89 -8.54 -37.62
CA ARG C 218 -35.92 -8.45 -38.64
C ARG C 218 -36.17 -9.82 -39.28
N GLY C 219 -37.44 -10.11 -39.55
CA GLY C 219 -37.82 -11.36 -40.19
C GLY C 219 -38.96 -11.16 -41.16
N TRP C 220 -39.04 -12.08 -42.12
CA TRP C 220 -40.08 -12.08 -43.12
C TRP C 220 -40.52 -13.52 -43.37
N HIS C 221 -41.78 -13.69 -43.75
CA HIS C 221 -42.32 -15.01 -44.02
C HIS C 221 -43.49 -14.88 -44.99
N THR C 222 -43.89 -16.02 -45.57
CA THR C 222 -44.94 -16.05 -46.58
C THR C 222 -46.29 -16.50 -46.04
N THR C 223 -46.32 -17.45 -45.10
CA THR C 223 -47.56 -17.99 -44.58
C THR C 223 -47.56 -17.93 -43.06
N ASP C 224 -48.71 -17.57 -42.48
CA ASP C 224 -48.87 -17.55 -41.04
C ASP C 224 -49.79 -18.65 -40.53
N LEU C 225 -50.45 -19.39 -41.40
CA LEU C 225 -51.37 -20.45 -41.01
C LEU C 225 -50.86 -21.81 -41.46
N LYS C 226 -51.04 -22.81 -40.60
CA LYS C 226 -50.68 -24.17 -40.93
C LYS C 226 -51.83 -24.84 -41.67
N TYR C 227 -51.51 -25.50 -42.77
CA TYR C 227 -52.52 -26.17 -43.59
C TYR C 227 -52.71 -27.60 -43.09
N ASN C 228 -53.95 -27.93 -42.73
CA ASN C 228 -54.33 -29.29 -42.37
C ASN C 228 -55.37 -29.81 -43.34
N PRO C 229 -55.36 -31.11 -43.63
CA PRO C 229 -56.29 -31.65 -44.62
C PRO C 229 -57.75 -31.52 -44.17
N SER C 230 -58.63 -31.40 -45.16
CA SER C 230 -60.05 -31.26 -44.88
C SER C 230 -60.61 -32.57 -44.32
N ARG C 231 -61.69 -32.45 -43.55
CA ARG C 231 -62.26 -33.60 -42.86
C ARG C 231 -62.83 -34.61 -43.85
N VAL C 232 -62.42 -35.87 -43.71
CA VAL C 232 -63.05 -37.00 -44.36
C VAL C 232 -63.13 -38.09 -43.29
N GLU C 233 -64.35 -38.45 -42.90
CA GLU C 233 -64.52 -39.30 -41.71
C GLU C 233 -63.91 -40.68 -41.94
N ALA C 234 -63.38 -41.25 -40.86
CA ALA C 234 -62.77 -42.58 -40.86
C ALA C 234 -61.60 -42.67 -41.84
N PHE C 235 -60.75 -41.64 -41.83
CA PHE C 235 -59.60 -41.62 -42.72
C PHE C 235 -58.43 -40.88 -42.09
N HIS C 236 -57.23 -41.30 -42.50
CA HIS C 236 -55.99 -40.58 -42.23
C HIS C 236 -55.66 -39.73 -43.45
N ARG C 237 -55.48 -38.43 -43.24
CA ARG C 237 -55.16 -37.53 -44.34
C ARG C 237 -53.96 -36.67 -43.99
N TYR C 238 -53.22 -36.26 -45.02
CA TYR C 238 -51.98 -35.53 -44.86
C TYR C 238 -52.12 -34.13 -45.45
N GLY C 239 -51.54 -33.16 -44.76
CA GLY C 239 -51.53 -31.78 -45.23
C GLY C 239 -50.15 -31.17 -45.11
N THR C 240 -49.76 -30.42 -46.14
CA THR C 240 -48.42 -29.84 -46.23
C THR C 240 -48.50 -28.33 -46.10
N THR C 241 -47.62 -27.77 -45.27
CA THR C 241 -47.43 -26.34 -45.12
C THR C 241 -45.99 -26.00 -45.46
N VAL C 242 -45.80 -25.06 -46.38
CA VAL C 242 -44.48 -24.56 -46.74
C VAL C 242 -44.45 -23.07 -46.45
N ASN C 243 -43.60 -22.68 -45.50
CA ASN C 243 -43.48 -21.28 -45.08
C ASN C 243 -42.05 -20.81 -45.34
N CYS C 244 -41.86 -20.01 -46.38
CA CYS C 244 -40.55 -19.43 -46.64
C CYS C 244 -40.27 -18.35 -45.61
N ILE C 245 -39.09 -18.40 -45.00
CA ILE C 245 -38.71 -17.53 -43.90
C ILE C 245 -37.33 -16.96 -44.18
N VAL C 246 -37.20 -15.64 -44.05
CA VAL C 246 -35.94 -14.93 -44.18
C VAL C 246 -35.68 -14.21 -42.87
N GLU C 247 -34.51 -14.44 -42.29
CA GLU C 247 -34.19 -13.89 -40.97
C GLU C 247 -32.81 -13.24 -41.00
N GLU C 248 -32.78 -11.94 -40.74
CA GLU C 248 -31.50 -11.28 -40.49
C GLU C 248 -31.03 -11.67 -39.09
N VAL C 249 -29.80 -12.17 -38.98
CA VAL C 249 -29.27 -12.71 -37.74
C VAL C 249 -27.88 -12.15 -37.50
N ASP C 250 -27.48 -12.17 -36.23
CA ASP C 250 -26.10 -11.90 -35.85
C ASP C 250 -25.31 -13.20 -35.90
N ALA C 251 -24.08 -13.12 -36.39
CA ALA C 251 -23.20 -14.27 -36.49
C ALA C 251 -21.91 -13.99 -35.75
N ARG C 252 -21.43 -14.99 -35.02
CA ARG C 252 -20.27 -14.84 -34.15
C ARG C 252 -19.26 -15.93 -34.44
N SER C 253 -17.99 -15.56 -34.46
CA SER C 253 -16.89 -16.48 -34.73
C SER C 253 -15.76 -16.23 -33.76
N VAL C 254 -15.18 -17.29 -33.22
CA VAL C 254 -14.03 -17.18 -32.34
C VAL C 254 -12.80 -17.67 -33.09
N TYR C 255 -11.63 -17.27 -32.59
CA TYR C 255 -10.37 -17.70 -33.17
C TYR C 255 -10.30 -19.23 -33.16
N PRO C 256 -9.73 -19.87 -34.21
CA PRO C 256 -9.06 -19.28 -35.39
C PRO C 256 -10.01 -18.91 -36.53
N TYR C 257 -11.32 -18.80 -36.26
CA TYR C 257 -12.31 -18.35 -37.24
C TYR C 257 -12.45 -19.34 -38.40
N ASP C 258 -12.48 -20.64 -38.08
CA ASP C 258 -12.76 -21.66 -39.07
C ASP C 258 -14.23 -22.04 -39.11
N GLU C 259 -15.06 -21.42 -38.29
CA GLU C 259 -16.50 -21.68 -38.25
C GLU C 259 -17.16 -20.49 -37.58
N PHE C 260 -18.49 -20.43 -37.66
CA PHE C 260 -19.22 -19.39 -36.95
C PHE C 260 -20.61 -19.90 -36.61
N VAL C 261 -21.25 -19.20 -35.68
CA VAL C 261 -22.59 -19.56 -35.20
C VAL C 261 -23.56 -18.44 -35.57
N LEU C 262 -24.83 -18.81 -35.65
CA LEU C 262 -25.91 -17.86 -35.89
C LEU C 262 -26.71 -17.68 -34.61
N ALA C 263 -27.55 -16.63 -34.61
CA ALA C 263 -28.37 -16.34 -33.44
C ALA C 263 -29.35 -17.47 -33.13
N THR C 264 -29.72 -18.27 -34.13
CA THR C 264 -30.57 -19.44 -33.93
C THR C 264 -29.86 -20.56 -33.16
N GLY C 265 -28.55 -20.45 -32.96
CA GLY C 265 -27.78 -21.52 -32.38
C GLY C 265 -27.25 -22.52 -33.39
N ASP C 266 -27.49 -22.31 -34.68
CA ASP C 266 -26.98 -23.20 -35.71
C ASP C 266 -25.53 -22.87 -36.04
N PHE C 267 -24.69 -23.90 -36.02
CA PHE C 267 -23.30 -23.75 -36.42
C PHE C 267 -23.19 -23.78 -37.94
N VAL C 268 -22.20 -23.05 -38.46
CA VAL C 268 -21.83 -23.10 -39.86
C VAL C 268 -20.35 -23.44 -39.91
N TYR C 269 -20.03 -24.60 -40.47
CA TYR C 269 -18.68 -25.13 -40.43
C TYR C 269 -17.85 -24.67 -41.62
N MET C 270 -17.81 -23.34 -41.77
CA MET C 270 -17.03 -22.66 -42.79
C MET C 270 -16.49 -21.37 -42.19
N SER C 271 -15.29 -21.00 -42.59
CA SER C 271 -14.73 -19.74 -42.14
C SER C 271 -15.62 -18.58 -42.61
N PRO C 272 -15.86 -17.59 -41.77
CA PRO C 272 -16.56 -16.38 -42.26
C PRO C 272 -15.80 -15.69 -43.38
N PHE C 273 -14.50 -15.93 -43.49
CA PHE C 273 -13.65 -15.26 -44.45
C PHE C 273 -13.34 -16.13 -45.67
N TYR C 274 -14.00 -17.29 -45.79
CA TYR C 274 -13.82 -18.14 -46.95
C TYR C 274 -14.30 -17.43 -48.21
N GLY C 275 -13.63 -17.70 -49.32
CA GLY C 275 -14.02 -17.07 -50.57
C GLY C 275 -13.21 -17.58 -51.74
N TYR C 276 -13.05 -16.72 -52.74
CA TYR C 276 -12.34 -17.05 -53.96
C TYR C 276 -11.17 -16.14 -54.27
N ARG C 277 -11.01 -15.03 -53.55
CA ARG C 277 -10.02 -14.02 -53.89
C ARG C 277 -9.06 -13.79 -52.72
N GLU C 278 -7.88 -13.28 -53.04
CA GLU C 278 -6.87 -12.92 -52.05
C GLU C 278 -6.47 -14.11 -51.18
N GLY C 279 -6.53 -15.32 -51.75
CA GLY C 279 -6.18 -16.49 -50.99
C GLY C 279 -7.18 -16.91 -49.93
N SER C 280 -8.41 -16.42 -50.00
CA SER C 280 -9.44 -16.86 -49.08
C SER C 280 -9.90 -18.28 -49.37
N HIS C 281 -9.56 -18.84 -50.53
CA HIS C 281 -9.89 -20.21 -50.85
C HIS C 281 -9.15 -21.21 -49.96
N THR C 282 -8.11 -20.78 -49.26
CA THR C 282 -7.40 -21.63 -48.31
C THR C 282 -8.05 -21.65 -46.94
N GLU C 283 -9.07 -20.82 -46.70
CA GLU C 283 -9.77 -20.84 -45.42
C GLU C 283 -10.57 -22.13 -45.30
N HIS C 284 -10.89 -22.48 -44.06
CA HIS C 284 -11.52 -23.76 -43.78
C HIS C 284 -12.93 -23.83 -44.33
N THR C 285 -13.28 -25.00 -44.87
CA THR C 285 -14.65 -25.33 -45.22
C THR C 285 -14.87 -26.82 -44.96
N SER C 286 -16.03 -27.16 -44.41
CA SER C 286 -16.43 -28.54 -44.20
C SER C 286 -17.48 -29.00 -45.20
N TYR C 287 -17.77 -28.18 -46.21
CA TYR C 287 -18.86 -28.43 -47.13
C TYR C 287 -18.32 -28.67 -48.54
N ALA C 288 -19.14 -29.33 -49.35
CA ALA C 288 -18.79 -29.53 -50.74
C ALA C 288 -18.78 -28.20 -51.49
N ALA C 289 -18.04 -28.17 -52.60
CA ALA C 289 -17.90 -26.93 -53.36
C ALA C 289 -19.23 -26.46 -53.94
N ASP C 290 -20.14 -27.38 -54.22
CA ASP C 290 -21.43 -27.00 -54.79
C ASP C 290 -22.39 -26.41 -53.76
N ARG C 291 -22.06 -26.48 -52.47
CA ARG C 291 -22.86 -25.84 -51.44
C ARG C 291 -22.51 -24.37 -51.22
N PHE C 292 -21.46 -23.88 -51.89
CA PHE C 292 -21.00 -22.50 -51.70
C PHE C 292 -21.08 -21.73 -53.01
N LYS C 293 -21.41 -20.45 -52.90
CA LYS C 293 -21.47 -19.55 -54.03
C LYS C 293 -21.03 -18.17 -53.57
N GLN C 294 -20.32 -17.46 -54.45
CA GLN C 294 -19.89 -16.10 -54.17
C GLN C 294 -20.33 -15.22 -55.33
N VAL C 295 -21.10 -14.18 -55.03
CA VAL C 295 -21.68 -13.30 -56.03
C VAL C 295 -20.97 -11.96 -55.95
N ASP C 296 -20.44 -11.51 -57.08
CA ASP C 296 -19.71 -10.25 -57.17
C ASP C 296 -20.63 -9.13 -57.64
N GLY C 297 -20.44 -7.95 -57.09
CA GLY C 297 -21.31 -6.83 -57.41
C GLY C 297 -22.75 -7.08 -57.01
N PHE C 298 -22.96 -7.64 -55.83
CA PHE C 298 -24.30 -7.97 -55.36
C PHE C 298 -24.93 -6.76 -54.69
N TYR C 299 -26.14 -6.41 -55.12
CA TYR C 299 -26.90 -5.32 -54.52
C TYR C 299 -28.07 -5.91 -53.74
N ALA C 300 -28.13 -5.60 -52.45
CA ALA C 300 -29.15 -6.17 -51.58
C ALA C 300 -30.40 -5.31 -51.62
N ARG C 301 -31.53 -5.91 -51.98
CA ARG C 301 -32.81 -5.23 -52.03
C ARG C 301 -33.54 -5.51 -50.72
N ASP C 302 -33.87 -4.44 -50.00
CA ASP C 302 -34.51 -4.59 -48.69
C ASP C 302 -35.93 -5.15 -48.87
N LEU C 303 -36.30 -6.10 -48.01
CA LEU C 303 -37.57 -6.78 -48.19
C LEU C 303 -38.75 -5.91 -47.76
N THR C 304 -38.54 -5.03 -46.78
CA THR C 304 -39.59 -4.13 -46.34
C THR C 304 -39.63 -2.84 -47.15
N THR C 305 -38.48 -2.16 -47.27
CA THR C 305 -38.43 -0.88 -47.96
C THR C 305 -38.57 -1.04 -49.47
N LYS C 306 -38.18 -2.20 -50.00
CA LYS C 306 -38.15 -2.52 -51.43
C LYS C 306 -37.10 -1.73 -52.19
N ALA C 307 -36.16 -1.09 -51.50
CA ALA C 307 -35.14 -0.27 -52.12
C ALA C 307 -33.86 -1.06 -52.34
N ARG C 308 -33.22 -0.82 -53.48
CA ARG C 308 -31.97 -1.47 -53.82
C ARG C 308 -30.80 -0.77 -53.12
N ALA C 309 -29.80 -1.57 -52.76
CA ALA C 309 -28.63 -1.03 -52.06
C ALA C 309 -27.81 -0.14 -52.99
N THR C 310 -27.31 0.96 -52.43
CA THR C 310 -26.52 1.90 -53.22
C THR C 310 -25.18 1.30 -53.61
N SER C 311 -24.47 0.71 -52.65
CA SER C 311 -23.14 0.19 -52.94
C SER C 311 -23.16 -1.32 -53.03
N PRO C 312 -22.43 -1.90 -53.99
CA PRO C 312 -22.39 -3.36 -54.10
C PRO C 312 -21.45 -3.97 -53.08
N THR C 313 -21.71 -5.24 -52.79
CA THR C 313 -20.87 -6.05 -51.90
C THR C 313 -20.56 -7.37 -52.56
N THR C 314 -19.64 -8.12 -51.95
CA THR C 314 -19.37 -9.49 -52.33
C THR C 314 -20.18 -10.40 -51.42
N ARG C 315 -21.15 -11.11 -51.98
CA ARG C 315 -22.11 -11.86 -51.20
C ARG C 315 -21.70 -13.33 -51.18
N ASN C 316 -21.35 -13.82 -49.98
CA ASN C 316 -21.17 -15.24 -49.74
C ASN C 316 -22.50 -15.89 -49.44
N LEU C 317 -22.76 -17.04 -50.06
CA LEU C 317 -23.97 -17.81 -49.84
C LEU C 317 -23.57 -19.26 -49.65
N LEU C 318 -24.08 -19.88 -48.59
CA LEU C 318 -23.76 -21.27 -48.27
C LEU C 318 -25.04 -22.01 -47.95
N THR C 319 -25.29 -23.10 -48.66
CA THR C 319 -26.46 -23.94 -48.44
C THR C 319 -26.06 -25.09 -47.53
N THR C 320 -26.53 -25.05 -46.30
CA THR C 320 -26.43 -26.16 -45.37
C THR C 320 -27.63 -27.08 -45.56
N PRO C 321 -27.60 -28.29 -45.01
CA PRO C 321 -28.76 -29.19 -45.16
C PRO C 321 -30.06 -28.64 -44.56
N LYS C 322 -29.99 -27.61 -43.72
CA LYS C 322 -31.18 -27.07 -43.07
C LYS C 322 -31.57 -25.67 -43.55
N PHE C 323 -30.61 -24.85 -43.98
CA PHE C 323 -30.90 -23.47 -44.34
C PHE C 323 -29.86 -22.99 -45.33
N THR C 324 -30.03 -21.75 -45.80
CA THR C 324 -29.04 -21.07 -46.62
C THR C 324 -28.65 -19.78 -45.93
N VAL C 325 -27.35 -19.59 -45.69
CA VAL C 325 -26.85 -18.42 -44.97
C VAL C 325 -26.06 -17.56 -45.94
N ALA C 326 -26.37 -16.27 -45.96
CA ALA C 326 -25.69 -15.31 -46.82
C ALA C 326 -25.12 -14.19 -45.95
N TRP C 327 -23.88 -13.79 -46.26
CA TRP C 327 -23.24 -12.69 -45.57
C TRP C 327 -22.31 -11.97 -46.54
N ASP C 328 -21.65 -10.93 -46.05
CA ASP C 328 -20.73 -10.14 -46.87
C ASP C 328 -19.31 -10.61 -46.64
N TRP C 329 -18.61 -10.93 -47.72
CA TRP C 329 -17.21 -11.33 -47.63
C TRP C 329 -16.33 -10.11 -47.42
N VAL C 330 -15.45 -10.19 -46.42
CA VAL C 330 -14.43 -9.18 -46.17
C VAL C 330 -13.12 -9.91 -45.96
N PRO C 331 -11.96 -9.30 -46.26
CA PRO C 331 -10.69 -9.97 -45.94
C PRO C 331 -10.53 -10.18 -44.45
N LYS C 332 -10.01 -11.35 -44.08
CA LYS C 332 -9.82 -11.67 -42.67
C LYS C 332 -8.83 -10.71 -42.01
N ARG C 333 -7.77 -10.37 -42.72
CA ARG C 333 -6.64 -9.67 -42.12
C ARG C 333 -7.04 -8.33 -41.50
N PRO C 334 -7.78 -7.44 -42.17
CA PRO C 334 -8.20 -6.19 -41.51
C PRO C 334 -9.38 -6.34 -40.58
N ALA C 335 -10.02 -7.51 -40.51
CA ALA C 335 -11.30 -7.64 -39.84
C ALA C 335 -11.20 -8.18 -38.42
N VAL C 336 -10.17 -8.97 -38.09
CA VAL C 336 -10.08 -9.61 -36.79
C VAL C 336 -8.69 -9.38 -36.21
N CYS C 337 -8.62 -9.48 -34.88
CA CYS C 337 -7.34 -9.39 -34.18
C CYS C 337 -7.41 -10.18 -32.89
N THR C 338 -6.24 -10.63 -32.44
CA THR C 338 -6.10 -11.33 -31.17
C THR C 338 -5.77 -10.39 -30.02
N MET C 339 -5.68 -9.09 -30.27
CA MET C 339 -5.40 -8.10 -29.24
C MET C 339 -6.44 -6.99 -29.33
N THR C 340 -6.82 -6.46 -28.16
CA THR C 340 -7.84 -5.43 -28.04
C THR C 340 -7.25 -4.24 -27.31
N LYS C 341 -7.53 -3.04 -27.82
CA LYS C 341 -7.11 -1.84 -27.12
C LYS C 341 -7.83 -1.74 -25.78
N TRP C 342 -7.06 -1.53 -24.72
CA TRP C 342 -7.60 -1.50 -23.37
C TRP C 342 -7.49 -0.13 -22.73
N GLN C 343 -6.31 0.47 -22.71
CA GLN C 343 -6.11 1.75 -22.04
C GLN C 343 -5.35 2.72 -22.93
N GLU C 344 -5.76 3.98 -22.91
CA GLU C 344 -5.04 5.07 -23.55
C GLU C 344 -4.48 5.96 -22.44
N VAL C 345 -3.16 6.00 -22.31
CA VAL C 345 -2.49 6.72 -21.24
C VAL C 345 -1.77 7.91 -21.88
N ASP C 346 -2.24 9.13 -21.59
CA ASP C 346 -1.59 10.31 -22.10
C ASP C 346 -0.31 10.65 -21.35
N GLU C 347 -0.15 10.15 -20.12
CA GLU C 347 1.07 10.34 -19.32
C GLU C 347 1.55 8.99 -18.82
N MET C 348 2.39 8.33 -19.59
CA MET C 348 3.08 7.13 -19.13
C MET C 348 4.57 7.42 -19.02
N LEU C 349 5.12 7.25 -17.83
CA LEU C 349 6.53 7.50 -17.57
C LEU C 349 7.28 6.18 -17.64
N ARG C 350 8.35 6.14 -18.43
CA ARG C 350 9.19 4.96 -18.56
C ARG C 350 10.49 5.19 -17.81
N ALA C 351 10.82 4.27 -16.92
CA ALA C 351 12.07 4.31 -16.17
C ALA C 351 12.81 3.00 -16.34
N GLU C 352 14.13 3.10 -16.55
CA GLU C 352 14.96 1.92 -16.79
C GLU C 352 15.79 1.63 -15.54
N TYR C 353 15.60 0.45 -14.97
CA TYR C 353 16.49 -0.02 -13.90
C TYR C 353 16.35 -1.52 -13.75
N GLY C 354 17.35 -2.13 -13.13
CA GLY C 354 17.36 -3.57 -12.94
C GLY C 354 17.33 -4.35 -14.23
N GLY C 355 17.80 -3.77 -15.33
CA GLY C 355 17.65 -4.40 -16.62
C GLY C 355 16.22 -4.53 -17.07
N SER C 356 15.37 -3.57 -16.72
CA SER C 356 13.97 -3.64 -17.09
C SER C 356 13.40 -2.24 -17.23
N PHE C 357 12.32 -2.14 -18.00
CA PHE C 357 11.55 -0.91 -18.14
C PHE C 357 10.31 -0.98 -17.24
N ARG C 358 10.03 0.12 -16.57
CA ARG C 358 8.81 0.27 -15.79
C ARG C 358 8.00 1.41 -16.38
N PHE C 359 6.76 1.11 -16.78
CA PHE C 359 5.85 2.08 -17.36
C PHE C 359 4.79 2.39 -16.31
N SER C 360 4.83 3.60 -15.76
CA SER C 360 3.94 4.02 -14.70
C SER C 360 2.94 5.03 -15.24
N SER C 361 1.67 4.80 -14.94
CA SER C 361 0.59 5.74 -15.22
C SER C 361 -0.01 6.16 -13.89
N ASP C 362 0.04 7.47 -13.63
CA ASP C 362 -0.58 8.03 -12.44
C ASP C 362 -2.10 8.10 -12.58
N ALA C 363 -2.59 8.26 -13.81
CA ALA C 363 -4.03 8.39 -14.03
C ALA C 363 -4.78 7.12 -13.66
N ILE C 364 -4.22 5.96 -14.00
CA ILE C 364 -4.86 4.68 -13.71
C ILE C 364 -4.13 3.92 -12.60
N SER C 365 -3.14 4.55 -11.97
CA SER C 365 -2.46 4.00 -10.79
C SER C 365 -1.83 2.64 -11.10
N THR C 366 -1.13 2.55 -12.22
CA THR C 366 -0.66 1.25 -12.70
C THR C 366 0.82 1.33 -13.05
N THR C 367 1.55 0.24 -12.81
CA THR C 367 2.95 0.13 -13.19
C THR C 367 3.18 -1.21 -13.87
N PHE C 368 3.52 -1.17 -15.16
CA PHE C 368 3.84 -2.34 -15.94
C PHE C 368 5.34 -2.55 -15.99
N THR C 369 5.77 -3.80 -16.09
CA THR C 369 7.18 -4.16 -16.15
C THR C 369 7.47 -4.92 -17.43
N THR C 370 8.46 -4.45 -18.19
CA THR C 370 8.85 -5.06 -19.45
C THR C 370 10.35 -5.26 -19.47
N ASN C 371 10.80 -6.12 -20.39
CA ASN C 371 12.21 -6.21 -20.68
C ASN C 371 12.64 -5.06 -21.58
N LEU C 372 13.96 -4.81 -21.61
CA LEU C 372 14.48 -3.71 -22.39
C LEU C 372 14.28 -3.91 -23.89
N THR C 373 14.35 -5.14 -24.36
CA THR C 373 14.20 -5.41 -25.79
C THR C 373 12.75 -5.23 -26.22
N GLU C 374 12.57 -4.74 -27.44
CA GLU C 374 11.24 -4.52 -27.98
C GLU C 374 10.58 -5.85 -28.38
N TYR C 375 9.26 -5.88 -28.28
CA TYR C 375 8.48 -7.02 -28.73
C TYR C 375 8.02 -6.75 -30.16
N SER C 376 8.43 -7.61 -31.08
CA SER C 376 8.10 -7.40 -32.49
C SER C 376 6.65 -7.78 -32.75
N LEU C 377 5.94 -6.92 -33.48
CA LEU C 377 4.53 -7.16 -33.79
C LEU C 377 4.35 -8.31 -34.77
N SER C 378 5.39 -8.68 -35.52
CA SER C 378 5.29 -9.80 -36.44
C SER C 378 5.11 -11.13 -35.71
N ARG C 379 5.39 -11.17 -34.40
CA ARG C 379 5.19 -12.37 -33.61
C ARG C 379 3.74 -12.58 -33.20
N VAL C 380 2.85 -11.64 -33.49
CA VAL C 380 1.45 -11.72 -33.09
C VAL C 380 0.66 -12.27 -34.27
N ASP C 381 -0.07 -13.37 -34.04
CA ASP C 381 -0.97 -13.90 -35.06
C ASP C 381 -2.19 -13.00 -35.18
N LEU C 382 -2.46 -12.52 -36.38
CA LEU C 382 -3.60 -11.66 -36.66
C LEU C 382 -3.62 -10.46 -35.71
N GLY C 383 -2.58 -9.63 -35.83
CA GLY C 383 -2.42 -8.54 -34.89
C GLY C 383 -2.19 -7.19 -35.53
N ASP C 384 -2.82 -6.92 -36.66
CA ASP C 384 -2.58 -5.67 -37.37
C ASP C 384 -3.60 -4.59 -37.06
N CYS C 385 -4.39 -4.72 -36.01
CA CYS C 385 -5.04 -3.52 -35.50
C CYS C 385 -4.21 -2.87 -34.41
N ILE C 386 -3.18 -3.55 -33.90
CA ILE C 386 -2.37 -2.99 -32.84
C ILE C 386 -1.65 -1.74 -33.33
N GLY C 387 -1.01 -1.82 -34.49
CA GLY C 387 -0.31 -0.66 -35.03
C GLY C 387 -1.26 0.46 -35.41
N ARG C 388 -2.36 0.12 -36.08
CA ARG C 388 -3.30 1.14 -36.55
C ARG C 388 -4.02 1.81 -35.38
N ASP C 389 -4.43 1.03 -34.37
CA ASP C 389 -5.06 1.63 -33.21
C ASP C 389 -4.06 2.43 -32.38
N ALA C 390 -2.83 1.93 -32.25
CA ALA C 390 -1.83 2.63 -31.45
C ALA C 390 -1.44 3.96 -32.09
N ARG C 391 -1.19 3.95 -33.41
CA ARG C 391 -0.79 5.17 -34.09
C ARG C 391 -1.90 6.22 -34.06
N GLU C 392 -3.15 5.79 -34.27
CA GLU C 392 -4.27 6.72 -34.18
C GLU C 392 -4.39 7.30 -32.78
N ALA C 393 -4.26 6.46 -31.75
CA ALA C 393 -4.43 6.93 -30.38
C ALA C 393 -3.28 7.86 -29.98
N ILE C 394 -2.05 7.49 -30.31
CA ILE C 394 -0.90 8.32 -29.94
C ILE C 394 -0.97 9.68 -30.63
N ASP C 395 -1.35 9.69 -31.91
CA ASP C 395 -1.47 10.96 -32.63
C ASP C 395 -2.56 11.84 -32.04
N ARG C 396 -3.73 11.25 -31.77
CA ARG C 396 -4.83 12.04 -31.19
C ARG C 396 -4.48 12.54 -29.79
N MET C 397 -3.84 11.70 -28.98
CA MET C 397 -3.39 12.12 -27.66
C MET C 397 -2.31 13.20 -27.74
N PHE C 398 -1.39 13.07 -28.71
CA PHE C 398 -0.36 14.09 -28.87
C PHE C 398 -0.96 15.43 -29.30
N ALA C 399 -1.82 15.42 -30.32
CA ALA C 399 -2.39 16.66 -30.83
C ALA C 399 -3.20 17.39 -29.77
N ARG C 400 -3.82 16.64 -28.87
CA ARG C 400 -4.62 17.20 -27.78
C ARG C 400 -3.83 17.71 -26.59
N LYS C 401 -2.70 17.08 -26.25
CA LYS C 401 -2.03 17.41 -25.00
C LYS C 401 -0.62 17.95 -25.15
N TYR C 402 0.13 17.50 -26.15
CA TYR C 402 1.56 17.78 -26.24
C TYR C 402 1.93 18.60 -27.46
N ASN C 403 0.95 19.11 -28.20
CA ASN C 403 1.21 19.69 -29.52
C ASN C 403 2.17 20.88 -29.42
N ALA C 404 2.00 21.73 -28.42
CA ALA C 404 2.75 22.97 -28.34
C ALA C 404 4.00 22.88 -27.49
N THR C 405 4.11 21.90 -26.59
CA THR C 405 5.19 21.86 -25.62
C THR C 405 6.14 20.68 -25.78
N HIS C 406 5.78 19.65 -26.55
CA HIS C 406 6.60 18.45 -26.65
C HIS C 406 6.73 18.04 -28.11
N ILE C 407 7.73 17.19 -28.38
CA ILE C 407 7.93 16.60 -29.69
C ILE C 407 8.09 15.09 -29.54
N LYS C 408 7.80 14.39 -30.62
CA LYS C 408 7.92 12.94 -30.64
C LYS C 408 9.36 12.52 -30.92
N VAL C 409 9.78 11.44 -30.27
CA VAL C 409 11.12 10.90 -30.43
C VAL C 409 10.98 9.54 -31.09
N GLY C 410 11.12 9.51 -32.41
CA GLY C 410 11.05 8.27 -33.15
C GLY C 410 9.64 7.75 -33.33
N GLN C 411 9.58 6.53 -33.88
CA GLN C 411 8.32 5.84 -34.10
C GLN C 411 7.87 5.15 -32.81
N PRO C 412 6.59 4.80 -32.72
CA PRO C 412 6.12 4.05 -31.54
C PRO C 412 6.85 2.73 -31.38
N GLN C 413 7.14 2.40 -30.13
CA GLN C 413 7.83 1.17 -29.76
C GLN C 413 6.86 0.23 -29.07
N TYR C 414 7.12 -1.06 -29.16
CA TYR C 414 6.21 -2.06 -28.62
C TYR C 414 6.95 -2.93 -27.61
N TYR C 415 6.33 -3.11 -26.44
CA TYR C 415 6.94 -3.86 -25.35
C TYR C 415 5.91 -4.81 -24.75
N LEU C 416 6.34 -6.02 -24.43
CA LEU C 416 5.46 -7.00 -23.79
C LEU C 416 5.68 -6.95 -22.27
N ALA C 417 4.60 -6.66 -21.55
CA ALA C 417 4.71 -6.52 -20.08
C ALA C 417 4.25 -7.77 -19.34
N THR C 418 4.66 -8.06 -18.19
CA THR C 418 4.24 -9.06 -17.18
C THR C 418 2.73 -9.04 -17.03
N GLY C 419 2.04 -10.06 -17.09
CA GLY C 419 0.57 -10.07 -17.01
C GLY C 419 -0.01 -10.23 -18.40
N GLY C 420 0.82 -10.10 -19.43
CA GLY C 420 0.37 -10.23 -20.83
C GLY C 420 -0.22 -8.96 -21.40
N PHE C 421 0.46 -7.83 -21.20
CA PHE C 421 -0.05 -6.58 -21.75
C PHE C 421 0.90 -6.03 -22.81
N LEU C 422 0.37 -5.62 -23.95
CA LEU C 422 1.20 -5.10 -25.03
C LEU C 422 1.15 -3.58 -24.98
N ILE C 423 2.29 -2.95 -24.70
CA ILE C 423 2.38 -1.51 -24.53
C ILE C 423 2.96 -0.91 -25.80
N ALA C 424 2.22 0.00 -26.42
CA ALA C 424 2.72 0.83 -27.51
C ALA C 424 3.09 2.18 -26.91
N TYR C 425 4.39 2.48 -26.91
CA TYR C 425 4.94 3.64 -26.23
C TYR C 425 5.57 4.58 -27.24
N GLN C 426 5.08 5.82 -27.27
CA GLN C 426 5.69 6.88 -28.05
C GLN C 426 6.45 7.78 -27.08
N PRO C 427 7.78 7.76 -27.09
CA PRO C 427 8.53 8.67 -26.22
C PRO C 427 8.37 10.11 -26.66
N LEU C 428 8.43 11.01 -25.68
CA LEU C 428 8.29 12.43 -25.92
C LEU C 428 9.46 13.18 -25.30
N LEU C 429 9.80 14.30 -25.91
CA LEU C 429 10.85 15.17 -25.40
C LEU C 429 10.34 16.59 -25.31
N SER C 430 10.64 17.25 -24.19
CA SER C 430 10.22 18.63 -24.00
C SER C 430 10.87 19.53 -25.06
N ASN C 431 10.13 20.57 -25.45
CA ASN C 431 10.65 21.48 -26.47
C ASN C 431 11.90 22.21 -26.01
N THR C 432 12.00 22.52 -24.72
CA THR C 432 13.20 23.17 -24.20
C THR C 432 14.39 22.22 -24.13
N LEU C 433 14.15 20.92 -24.07
CA LEU C 433 15.21 19.93 -23.95
C LEU C 433 15.61 19.33 -25.29
N ALA C 434 15.05 19.81 -26.39
CA ALA C 434 15.38 19.28 -27.71
C ALA C 434 16.53 20.05 -28.34
N SER C 466 7.45 -16.74 -36.91
CA SER C 466 6.36 -17.48 -36.27
C SER C 466 5.37 -16.52 -35.60
N VAL C 467 4.16 -17.01 -35.37
CA VAL C 467 3.09 -16.20 -34.79
C VAL C 467 2.53 -16.91 -33.57
N GLU C 468 2.14 -16.12 -32.56
CA GLU C 468 1.64 -16.64 -31.30
C GLU C 468 0.53 -15.73 -30.80
N ARG C 469 -0.07 -16.09 -29.68
CA ARG C 469 -1.11 -15.31 -29.04
C ARG C 469 -0.67 -14.93 -27.63
N ILE C 470 -0.80 -13.67 -27.29
CA ILE C 470 -0.47 -13.20 -25.94
C ILE C 470 -1.63 -13.53 -25.01
N LYS C 471 -1.32 -14.15 -23.88
CA LYS C 471 -2.30 -14.49 -22.87
C LYS C 471 -2.27 -13.45 -21.76
N THR C 472 -3.42 -12.84 -21.48
CA THR C 472 -3.52 -11.74 -20.53
C THR C 472 -4.25 -12.23 -19.28
N THR C 473 -3.68 -11.91 -18.12
CA THR C 473 -4.34 -12.23 -16.85
C THR C 473 -5.57 -11.35 -16.67
N SER C 474 -6.54 -11.86 -15.92
CA SER C 474 -7.74 -11.11 -15.61
C SER C 474 -7.56 -10.15 -14.44
N SER C 475 -6.42 -10.21 -13.75
CA SER C 475 -6.19 -9.42 -12.54
C SER C 475 -5.11 -8.39 -12.82
N ILE C 476 -5.49 -7.11 -12.76
CA ILE C 476 -4.54 -6.02 -12.91
C ILE C 476 -3.99 -5.57 -11.56
N GLU C 477 -4.49 -6.11 -10.45
CA GLU C 477 -4.16 -5.58 -9.14
C GLU C 477 -2.69 -5.75 -8.78
N PHE C 478 -2.00 -6.69 -9.42
CA PHE C 478 -0.56 -6.81 -9.18
C PHE C 478 0.16 -5.53 -9.63
N ALA C 479 -0.20 -4.99 -10.79
CA ALA C 479 0.43 -3.77 -11.27
C ALA C 479 0.01 -2.56 -10.44
N ARG C 480 -1.23 -2.54 -9.96
CA ARG C 480 -1.68 -1.43 -9.11
C ARG C 480 -0.97 -1.46 -7.77
N LEU C 481 -0.77 -2.66 -7.20
CA LEU C 481 0.04 -2.79 -6.01
C LEU C 481 1.47 -2.36 -6.26
N GLN C 482 2.01 -2.72 -7.43
CA GLN C 482 3.33 -2.23 -7.82
C GLN C 482 3.39 -0.71 -7.79
N PHE C 483 2.40 -0.06 -8.40
CA PHE C 483 2.37 1.40 -8.44
C PHE C 483 2.30 1.99 -7.04
N THR C 484 1.38 1.49 -6.21
CA THR C 484 1.21 2.04 -4.87
C THR C 484 2.47 1.84 -4.03
N TYR C 485 3.02 0.63 -4.06
CA TYR C 485 4.22 0.33 -3.28
C TYR C 485 5.39 1.17 -3.74
N ASN C 486 5.57 1.32 -5.06
CA ASN C 486 6.67 2.13 -5.57
C ASN C 486 6.52 3.59 -5.14
N HIS C 487 5.30 4.12 -5.22
CA HIS C 487 5.07 5.51 -4.84
C HIS C 487 5.41 5.74 -3.37
N ILE C 488 4.83 4.92 -2.49
CA ILE C 488 5.08 5.07 -1.06
C ILE C 488 6.57 4.84 -0.76
N GLN C 489 7.17 3.84 -1.40
CA GLN C 489 8.56 3.50 -1.14
C GLN C 489 9.49 4.64 -1.55
N ARG C 490 9.28 5.22 -2.73
CA ARG C 490 10.11 6.34 -3.15
C ARG C 490 9.96 7.52 -2.20
N HIS C 491 8.73 7.86 -1.81
CA HIS C 491 8.56 8.97 -0.88
C HIS C 491 9.28 8.70 0.45
N VAL C 492 9.06 7.51 1.02
CA VAL C 492 9.62 7.19 2.33
C VAL C 492 11.14 7.17 2.27
N ASN C 493 11.69 6.56 1.22
CA ASN C 493 13.15 6.51 1.07
C ASN C 493 13.74 7.90 0.92
N ASP C 494 13.12 8.74 0.10
CA ASP C 494 13.64 10.10 -0.08
C ASP C 494 13.62 10.87 1.24
N MET C 495 12.49 10.84 1.95
CA MET C 495 12.38 11.59 3.19
C MET C 495 13.35 11.07 4.25
N LEU C 496 13.48 9.75 4.38
CA LEU C 496 14.36 9.20 5.41
C LEU C 496 15.83 9.40 5.05
N GLY C 497 16.18 9.37 3.76
CA GLY C 497 17.54 9.71 3.38
C GLY C 497 17.87 11.16 3.65
N ARG C 498 16.89 12.05 3.42
CA ARG C 498 17.08 13.45 3.78
C ARG C 498 17.30 13.60 5.28
N ILE C 499 16.53 12.86 6.09
CA ILE C 499 16.72 12.89 7.54
C ILE C 499 18.12 12.39 7.91
N ALA C 500 18.58 11.33 7.25
CA ALA C 500 19.92 10.80 7.54
C ALA C 500 20.99 11.82 7.22
N VAL C 501 20.88 12.50 6.07
CA VAL C 501 21.84 13.55 5.73
C VAL C 501 21.84 14.64 6.79
N ALA C 502 20.63 15.09 7.18
CA ALA C 502 20.53 16.15 8.17
C ALA C 502 21.13 15.73 9.51
N TRP C 503 20.91 14.47 9.91
CA TRP C 503 21.44 13.99 11.19
C TRP C 503 22.96 13.94 11.18
N CYS C 504 23.54 13.41 10.10
CA CYS C 504 25.00 13.37 10.01
C CYS C 504 25.59 14.77 10.03
N GLU C 505 24.99 15.69 9.27
CA GLU C 505 25.47 17.07 9.25
C GLU C 505 25.35 17.72 10.62
N LEU C 506 24.25 17.44 11.34
CA LEU C 506 24.07 18.01 12.66
C LEU C 506 25.11 17.49 13.64
N GLN C 507 25.43 16.20 13.60
CA GLN C 507 26.45 15.66 14.48
C GLN C 507 27.81 16.30 14.21
N ASN C 508 28.20 16.35 12.92
CA ASN C 508 29.46 16.99 12.56
C ASN C 508 29.46 18.45 12.99
N HIS C 509 28.31 19.11 12.91
CA HIS C 509 28.21 20.53 13.24
C HIS C 509 28.32 20.76 14.75
N GLU C 510 27.74 19.87 15.54
CA GLU C 510 27.79 19.96 17.00
C GLU C 510 29.14 19.58 17.57
N LEU C 511 29.97 18.91 16.79
CA LEU C 511 31.33 18.62 17.26
C LEU C 511 32.07 19.89 17.69
N THR C 512 31.79 21.03 17.05
CA THR C 512 32.45 22.28 17.43
C THR C 512 32.03 22.73 18.82
N LEU C 513 30.73 22.68 19.11
CA LEU C 513 30.24 23.00 20.44
C LEU C 513 30.83 22.07 21.48
N TRP C 514 30.98 20.79 21.13
CA TRP C 514 31.61 19.86 22.05
C TRP C 514 33.08 20.19 22.28
N ASN C 515 33.78 20.64 21.23
CA ASN C 515 35.18 21.04 21.40
C ASN C 515 35.30 22.20 22.38
N GLU C 516 34.41 23.19 22.29
CA GLU C 516 34.45 24.30 23.24
C GLU C 516 34.07 23.85 24.65
N ALA C 517 32.99 23.08 24.77
CA ALA C 517 32.55 22.64 26.09
C ALA C 517 33.59 21.74 26.76
N ARG C 518 34.41 21.06 25.97
CA ARG C 518 35.49 20.24 26.52
C ARG C 518 36.46 21.10 27.32
N LYS C 519 36.86 22.24 26.76
CA LYS C 519 37.70 23.17 27.50
C LYS C 519 36.95 23.79 28.67
N LEU C 520 35.63 24.00 28.52
CA LEU C 520 34.86 24.57 29.63
C LEU C 520 34.86 23.65 30.85
N ASN C 521 34.52 22.38 30.66
CA ASN C 521 34.36 21.44 31.77
C ASN C 521 34.86 20.07 31.35
N PRO C 522 36.16 19.80 31.52
CA PRO C 522 36.69 18.49 31.09
C PRO C 522 36.01 17.31 31.77
N ASN C 523 35.70 17.40 33.06
CA ASN C 523 35.15 16.26 33.78
C ASN C 523 33.81 15.83 33.20
N ALA C 524 32.86 16.77 33.08
CA ALA C 524 31.53 16.45 32.60
C ALA C 524 31.57 15.98 31.15
N ILE C 525 32.38 16.64 30.31
CA ILE C 525 32.45 16.27 28.90
C ILE C 525 33.02 14.87 28.75
N ALA C 526 34.07 14.55 29.52
CA ALA C 526 34.63 13.20 29.47
C ALA C 526 33.62 12.17 29.94
N SER C 527 32.91 12.44 31.04
CA SER C 527 31.93 11.49 31.55
C SER C 527 30.82 11.26 30.52
N ALA C 528 30.41 12.32 29.82
CA ALA C 528 29.35 12.18 28.82
C ALA C 528 29.83 11.42 27.59
N THR C 529 31.03 11.73 27.10
CA THR C 529 31.49 11.13 25.86
C THR C 529 32.16 9.77 26.04
N VAL C 530 32.42 9.36 27.27
CA VAL C 530 33.09 8.10 27.56
C VAL C 530 32.05 7.09 28.03
N GLY C 531 31.04 7.58 28.73
CA GLY C 531 29.99 6.72 29.26
C GLY C 531 30.17 6.30 30.70
N ARG C 532 31.15 6.86 31.40
CA ARG C 532 31.37 6.57 32.81
C ARG C 532 32.00 7.78 33.47
N ARG C 533 31.80 7.89 34.78
CA ARG C 533 32.28 9.04 35.52
C ARG C 533 33.80 9.02 35.59
N VAL C 534 34.44 10.00 34.97
CA VAL C 534 35.90 10.11 34.95
C VAL C 534 36.31 11.54 35.23
N SER C 535 37.51 11.70 35.78
CA SER C 535 38.18 12.98 35.88
C SER C 535 38.99 13.19 34.61
N ALA C 536 38.99 14.43 34.11
CA ALA C 536 39.62 14.73 32.83
C ALA C 536 40.46 15.98 32.93
N ARG C 537 41.44 16.07 32.05
CA ARG C 537 42.33 17.21 31.98
C ARG C 537 42.85 17.35 30.55
N MET C 538 42.82 18.57 30.03
CA MET C 538 43.32 18.82 28.68
C MET C 538 44.83 18.77 28.69
N LEU C 539 45.41 17.77 28.04
CA LEU C 539 46.87 17.66 27.90
C LEU C 539 47.30 18.21 26.54
N GLY C 540 47.07 19.50 26.35
CA GLY C 540 47.30 20.13 25.06
C GLY C 540 46.07 20.07 24.18
N ASP C 541 46.07 19.14 23.23
CA ASP C 541 44.95 18.97 22.31
C ASP C 541 44.23 17.63 22.50
N VAL C 542 44.70 16.77 23.40
CA VAL C 542 43.99 15.54 23.71
C VAL C 542 43.56 15.64 25.17
N MET C 543 42.90 14.61 25.68
CA MET C 543 42.15 14.74 26.91
C MET C 543 42.43 13.53 27.80
N ALA C 544 43.30 13.70 28.78
CA ALA C 544 43.63 12.62 29.70
C ALA C 544 42.47 12.37 30.65
N VAL C 545 42.12 11.11 30.85
CA VAL C 545 40.99 10.72 31.68
C VAL C 545 41.43 9.66 32.69
N SER C 546 40.71 9.60 33.80
CA SER C 546 40.97 8.62 34.85
C SER C 546 39.65 8.28 35.54
N THR C 547 39.41 6.99 35.77
CA THR C 547 38.15 6.56 36.34
C THR C 547 38.00 7.07 37.77
N CYS C 548 36.80 7.54 38.10
CA CYS C 548 36.49 8.03 39.44
C CYS C 548 35.95 6.90 40.30
N VAL C 549 36.40 6.84 41.54
CA VAL C 549 36.01 5.76 42.44
C VAL C 549 34.68 6.10 43.10
N PRO C 550 33.69 5.21 43.06
CA PRO C 550 32.38 5.53 43.63
C PRO C 550 32.38 5.46 45.15
N VAL C 551 31.47 6.23 45.75
CA VAL C 551 31.30 6.30 47.20
C VAL C 551 29.81 6.34 47.50
N ALA C 552 29.39 5.56 48.50
CA ALA C 552 27.98 5.50 48.86
C ALA C 552 27.55 6.79 49.55
N PRO C 553 26.34 7.29 49.24
CA PRO C 553 25.89 8.56 49.84
C PRO C 553 25.73 8.52 51.35
N ASP C 554 25.41 7.36 51.92
CA ASP C 554 25.30 7.26 53.37
C ASP C 554 26.66 7.48 54.03
N ASN C 555 27.74 7.21 53.30
CA ASN C 555 29.10 7.42 53.79
C ASN C 555 29.58 8.85 53.58
N VAL C 556 28.69 9.76 53.17
CA VAL C 556 29.03 11.15 52.93
C VAL C 556 28.08 12.04 53.71
N ILE C 557 28.64 12.99 54.47
CA ILE C 557 27.87 14.01 55.17
C ILE C 557 28.46 15.36 54.85
N VAL C 558 27.64 16.40 55.00
CA VAL C 558 28.03 17.77 54.74
C VAL C 558 28.14 18.50 56.08
N GLN C 559 29.06 19.47 56.14
CA GLN C 559 29.31 20.20 57.37
C GLN C 559 28.41 21.42 57.46
N ASN C 560 28.15 21.85 58.70
CA ASN C 560 27.21 22.94 58.94
C ASN C 560 27.76 24.27 58.45
N SER C 561 29.00 24.59 58.79
CA SER C 561 29.56 25.91 58.56
C SER C 561 30.47 25.89 57.34
N MET C 562 30.27 26.86 56.45
CA MET C 562 31.12 27.06 55.28
C MET C 562 32.20 28.12 55.51
N ARG C 563 32.29 28.66 56.71
CA ARG C 563 33.31 29.65 57.04
C ARG C 563 34.66 28.97 57.25
N VAL C 564 35.71 29.74 57.04
CA VAL C 564 37.09 29.28 57.27
C VAL C 564 37.46 29.62 58.71
N SER C 565 37.83 28.60 59.49
CA SER C 565 38.15 28.82 60.90
C SER C 565 39.36 29.71 61.07
N SER C 566 40.41 29.49 60.28
CA SER C 566 41.66 30.21 60.48
C SER C 566 41.53 31.68 60.09
N ARG C 567 40.96 31.95 58.91
CA ARG C 567 40.94 33.30 58.36
C ARG C 567 39.54 33.88 58.32
N PRO C 568 39.20 34.82 59.20
CA PRO C 568 37.93 35.53 59.05
C PRO C 568 37.94 36.41 57.82
N GLY C 569 36.74 36.63 57.26
CA GLY C 569 36.58 37.42 56.06
C GLY C 569 36.64 36.62 54.77
N THR C 570 37.04 35.35 54.82
CA THR C 570 37.06 34.48 53.67
C THR C 570 36.29 33.21 53.99
N CYS C 571 35.65 32.64 52.97
CA CYS C 571 34.79 31.48 53.15
C CYS C 571 35.04 30.47 52.06
N TYR C 572 34.41 29.31 52.20
CA TYR C 572 34.47 28.25 51.21
C TYR C 572 33.38 28.46 50.16
N SER C 573 33.76 28.35 48.88
CA SER C 573 32.79 28.51 47.81
C SER C 573 31.74 27.39 47.83
N ARG C 574 32.17 26.17 48.14
CA ARG C 574 31.27 25.04 48.20
C ARG C 574 31.41 24.33 49.54
N PRO C 575 30.35 23.69 50.03
CA PRO C 575 30.37 23.20 51.41
C PRO C 575 31.38 22.08 51.62
N LEU C 576 31.90 22.01 52.85
CA LEU C 576 32.80 20.94 53.23
C LEU C 576 32.03 19.66 53.49
N VAL C 577 32.69 18.53 53.25
CA VAL C 577 32.08 17.22 53.43
C VAL C 577 33.05 16.30 54.17
N SER C 578 32.48 15.31 54.85
CA SER C 578 33.23 14.23 55.47
C SER C 578 32.73 12.92 54.89
N PHE C 579 33.64 12.10 54.36
CA PHE C 579 33.24 10.89 53.69
C PHE C 579 34.22 9.76 54.02
N ARG C 580 33.70 8.53 53.95
CA ARG C 580 34.47 7.31 54.13
C ARG C 580 34.34 6.47 52.87
N TYR C 581 35.47 5.95 52.37
CA TYR C 581 35.43 5.11 51.18
C TYR C 581 34.63 3.83 51.42
N GLU C 582 34.63 3.31 52.65
CA GLU C 582 33.85 2.15 53.01
C GLU C 582 33.10 2.42 54.31
N ASP C 583 32.21 1.50 54.66
CA ASP C 583 31.39 1.69 55.85
C ASP C 583 32.25 1.72 57.12
N GLN C 584 33.24 0.83 57.21
CA GLN C 584 34.09 0.73 58.39
C GLN C 584 35.38 1.52 58.27
N GLY C 585 35.57 2.24 57.17
CA GLY C 585 36.80 2.96 56.94
C GLY C 585 36.88 4.23 57.76
N PRO C 586 38.08 4.81 57.81
CA PRO C 586 38.27 6.05 58.56
C PRO C 586 37.68 7.25 57.85
N LEU C 587 37.36 8.27 58.64
CA LEU C 587 36.80 9.50 58.09
C LEU C 587 37.84 10.27 57.30
N ILE C 588 37.40 10.89 56.20
CA ILE C 588 38.26 11.69 55.35
C ILE C 588 37.56 12.99 55.00
N GLU C 589 38.25 14.10 55.21
CA GLU C 589 37.71 15.42 54.97
C GLU C 589 37.82 15.77 53.48
N GLY C 590 37.00 16.72 53.06
CA GLY C 590 37.02 17.13 51.67
C GLY C 590 36.04 18.25 51.43
N GLN C 591 35.95 18.66 50.17
CA GLN C 591 35.05 19.72 49.75
C GLN C 591 34.11 19.19 48.66
N LEU C 592 32.84 19.57 48.75
CA LEU C 592 31.85 19.11 47.79
C LEU C 592 32.10 19.75 46.43
N GLY C 593 32.38 18.92 45.43
CA GLY C 593 32.54 19.37 44.07
C GLY C 593 31.21 19.42 43.34
N GLU C 594 31.27 19.31 42.02
CA GLU C 594 30.09 19.40 41.18
C GLU C 594 29.57 18.02 40.83
N ASN C 595 28.25 17.86 40.90
CA ASN C 595 27.56 16.63 40.55
C ASN C 595 28.06 15.47 41.41
N ASN C 596 27.93 15.65 42.73
CA ASN C 596 28.28 14.64 43.72
C ASN C 596 29.74 14.20 43.58
N GLU C 597 30.63 15.17 43.43
CA GLU C 597 32.06 14.92 43.42
C GLU C 597 32.65 15.24 44.78
N LEU C 598 33.57 14.39 45.25
CA LEU C 598 34.25 14.59 46.52
C LEU C 598 35.69 14.98 46.24
N ARG C 599 36.01 16.26 46.48
CA ARG C 599 37.35 16.78 46.24
C ARG C 599 38.17 16.65 47.50
N LEU C 600 39.40 16.14 47.35
CA LEU C 600 40.25 15.89 48.51
C LEU C 600 40.89 17.15 49.08
N THR C 601 40.90 18.24 48.32
CA THR C 601 41.57 19.47 48.73
C THR C 601 40.53 20.58 48.91
N ARG C 602 40.60 21.28 50.04
CA ARG C 602 39.65 22.34 50.36
C ARG C 602 40.24 23.70 50.01
N ASP C 603 40.46 23.90 48.71
CA ASP C 603 41.04 25.14 48.21
C ASP C 603 40.02 26.05 47.53
N ALA C 604 38.75 25.66 47.49
CA ALA C 604 37.73 26.51 46.88
C ALA C 604 37.36 27.61 47.86
N LEU C 605 37.97 28.78 47.69
CA LEU C 605 37.87 29.88 48.64
C LEU C 605 37.43 31.15 47.92
N GLU C 606 36.51 31.87 48.55
CA GLU C 606 36.02 33.13 48.01
C GLU C 606 35.93 34.15 49.13
N PRO C 607 36.08 35.44 48.81
CA PRO C 607 35.84 36.47 49.82
C PRO C 607 34.39 36.45 50.29
N CYS C 608 34.21 36.77 51.57
CA CYS C 608 32.88 36.73 52.17
C CYS C 608 31.97 37.79 51.54
N THR C 609 30.70 37.44 51.37
CA THR C 609 29.71 38.33 50.78
C THR C 609 28.39 38.15 51.50
N VAL C 610 27.72 39.28 51.79
CA VAL C 610 26.44 39.25 52.48
C VAL C 610 25.35 38.84 51.48
N GLY C 611 24.23 38.35 52.01
CA GLY C 611 23.16 37.85 51.17
C GLY C 611 23.52 36.58 50.43
N HIS C 612 24.23 35.68 51.09
CA HIS C 612 24.75 34.46 50.46
C HIS C 612 23.67 33.38 50.54
N ARG C 613 23.15 32.98 49.39
CA ARG C 613 22.16 31.92 49.30
C ARG C 613 22.59 30.96 48.20
N ARG C 614 22.77 29.69 48.53
CA ARG C 614 23.24 28.73 47.55
C ARG C 614 22.50 27.40 47.69
N TYR C 615 22.34 26.72 46.56
CA TYR C 615 21.88 25.35 46.51
C TYR C 615 23.01 24.48 45.98
N PHE C 616 23.23 23.32 46.61
CA PHE C 616 24.29 22.42 46.18
C PHE C 616 23.73 21.03 45.97
N ILE C 617 24.09 20.40 44.85
CA ILE C 617 23.69 19.03 44.58
C ILE C 617 24.29 18.11 45.64
N PHE C 618 23.46 17.25 46.21
CA PHE C 618 23.90 16.32 47.25
C PHE C 618 23.03 15.09 47.15
N GLY C 619 23.62 13.95 46.84
CA GLY C 619 22.85 12.74 46.62
C GLY C 619 21.85 12.95 45.51
N GLY C 620 20.59 12.63 45.80
CA GLY C 620 19.50 12.85 44.87
C GLY C 620 18.80 14.19 45.01
N GLY C 621 19.30 15.08 45.85
CA GLY C 621 18.63 16.36 46.06
C GLY C 621 19.57 17.53 46.19
N TYR C 622 19.14 18.55 46.96
CA TYR C 622 19.92 19.75 47.17
C TYR C 622 20.04 20.04 48.65
N VAL C 623 21.16 20.67 49.02
CA VAL C 623 21.34 21.26 50.34
C VAL C 623 21.41 22.77 50.17
N TYR C 624 20.60 23.48 50.94
CA TYR C 624 20.47 24.92 50.85
C TYR C 624 21.23 25.57 51.98
N PHE C 625 22.22 26.39 51.62
CA PHE C 625 23.05 27.12 52.58
C PHE C 625 22.72 28.61 52.51
N GLU C 626 22.51 29.21 53.67
CA GLU C 626 22.22 30.63 53.79
C GLU C 626 23.23 31.25 54.75
N GLU C 627 23.83 32.37 54.32
CA GLU C 627 24.85 33.06 55.10
C GLU C 627 26.00 32.12 55.47
N TYR C 628 26.42 31.31 54.50
CA TYR C 628 27.53 30.37 54.67
C TYR C 628 27.29 29.39 55.80
N ALA C 629 26.02 29.06 56.06
CA ALA C 629 25.65 28.09 57.07
C ALA C 629 24.55 27.20 56.52
N TYR C 630 24.55 25.94 56.95
CA TYR C 630 23.52 25.01 56.53
C TYR C 630 22.15 25.52 56.96
N SER C 631 21.22 25.54 56.01
CA SER C 631 19.88 26.08 56.27
C SER C 631 18.79 25.04 56.05
N HIS C 632 18.80 24.32 54.93
CA HIS C 632 17.66 23.47 54.60
C HIS C 632 18.14 22.37 53.66
N GLN C 633 17.24 21.43 53.37
CA GLN C 633 17.46 20.40 52.37
C GLN C 633 16.20 20.28 51.52
N LEU C 634 16.40 20.03 50.23
CA LEU C 634 15.30 19.97 49.28
C LEU C 634 15.46 18.77 48.37
N SER C 635 14.35 18.31 47.81
CA SER C 635 14.37 17.31 46.76
C SER C 635 14.25 18.00 45.40
N ARG C 636 14.48 17.22 44.35
CA ARG C 636 14.35 17.76 43.00
C ARG C 636 12.90 18.14 42.69
N ALA C 637 11.94 17.46 43.30
CA ALA C 637 10.54 17.79 43.07
C ALA C 637 10.19 19.16 43.66
N ASP C 638 10.94 19.62 44.67
CA ASP C 638 10.66 20.91 45.28
C ASP C 638 11.23 22.08 44.50
N VAL C 639 11.95 21.81 43.41
CA VAL C 639 12.55 22.86 42.58
C VAL C 639 11.81 22.90 41.25
N THR C 640 11.50 24.11 40.79
CA THR C 640 10.85 24.28 39.50
C THR C 640 11.77 23.75 38.39
N THR C 641 11.19 22.97 37.47
CA THR C 641 11.95 22.32 36.42
C THR C 641 11.63 22.94 35.07
N VAL C 642 12.66 23.37 34.36
CA VAL C 642 12.56 23.79 32.97
C VAL C 642 13.36 22.79 32.13
N SER C 643 12.94 22.62 30.89
CA SER C 643 13.51 21.60 30.02
C SER C 643 14.33 22.24 28.90
N THR C 644 15.51 21.68 28.66
CA THR C 644 16.29 21.99 27.47
C THR C 644 15.96 21.06 26.31
N PHE C 645 15.11 20.06 26.54
CA PHE C 645 14.82 19.06 25.53
C PHE C 645 13.74 19.53 24.56
N ILE C 646 13.94 19.24 23.29
CA ILE C 646 12.93 19.48 22.27
C ILE C 646 12.06 18.24 22.14
N ASP C 647 10.75 18.43 22.24
CA ASP C 647 9.83 17.29 22.21
C ASP C 647 9.73 16.71 20.80
N LEU C 648 9.58 15.38 20.73
CA LEU C 648 9.30 14.70 19.47
C LEU C 648 8.48 13.47 19.82
N ASN C 649 7.19 13.50 19.47
CA ASN C 649 6.25 12.43 19.81
C ASN C 649 6.00 11.61 18.56
N ILE C 650 6.72 10.49 18.44
CA ILE C 650 6.58 9.57 17.32
C ILE C 650 5.81 8.35 17.80
N THR C 651 4.72 8.02 17.09
CA THR C 651 3.90 6.86 17.42
C THR C 651 3.94 5.87 16.27
N MET C 652 3.84 4.58 16.62
CA MET C 652 3.92 3.51 15.64
C MET C 652 2.61 3.38 14.87
N LEU C 653 2.72 3.07 13.58
CA LEU C 653 1.55 2.72 12.79
C LEU C 653 0.96 1.41 13.30
N GLU C 654 -0.35 1.36 13.44
CA GLU C 654 -1.04 0.26 14.11
C GLU C 654 -1.39 -0.87 13.15
N ASP C 655 -1.39 -2.10 13.68
CA ASP C 655 -1.68 -3.29 12.90
C ASP C 655 -3.10 -3.25 12.33
N HIS C 656 -3.22 -3.52 11.04
CA HIS C 656 -4.51 -3.47 10.37
C HIS C 656 -4.78 -4.81 9.68
N GLU C 657 -6.03 -5.25 9.75
CA GLU C 657 -6.46 -6.54 9.18
C GLU C 657 -7.36 -6.30 7.98
N PHE C 658 -7.04 -6.96 6.86
CA PHE C 658 -7.84 -6.89 5.65
C PHE C 658 -8.68 -8.15 5.53
N VAL C 659 -10.00 -8.00 5.66
CA VAL C 659 -10.93 -9.11 5.50
C VAL C 659 -11.15 -9.37 4.02
N PRO C 660 -11.49 -10.60 3.62
CA PRO C 660 -11.89 -10.81 2.22
C PRO C 660 -13.13 -9.99 1.87
N LEU C 661 -13.15 -9.48 0.64
CA LEU C 661 -14.23 -8.61 0.20
C LEU C 661 -14.41 -8.75 -1.30
N GLU C 662 -15.63 -9.06 -1.72
CA GLU C 662 -15.97 -9.15 -3.13
C GLU C 662 -17.30 -8.45 -3.37
N VAL C 663 -17.38 -7.69 -4.48
CA VAL C 663 -18.65 -7.08 -4.85
C VAL C 663 -19.65 -8.16 -5.23
N TYR C 664 -19.25 -9.10 -6.06
CA TYR C 664 -20.07 -10.24 -6.44
C TYR C 664 -19.25 -11.51 -6.29
N THR C 665 -19.78 -12.48 -5.55
CA THR C 665 -19.15 -13.78 -5.50
C THR C 665 -19.31 -14.50 -6.83
N ARG C 666 -18.45 -15.49 -7.07
CA ARG C 666 -18.54 -16.24 -8.32
C ARG C 666 -19.85 -17.02 -8.40
N HIS C 667 -20.42 -17.40 -7.26
CA HIS C 667 -21.75 -17.99 -7.27
C HIS C 667 -22.80 -16.98 -7.69
N GLU C 668 -22.67 -15.73 -7.22
CA GLU C 668 -23.58 -14.68 -7.66
C GLU C 668 -23.47 -14.44 -9.16
N ILE C 669 -22.24 -14.41 -9.68
CA ILE C 669 -22.03 -14.20 -11.11
C ILE C 669 -22.59 -15.37 -11.91
N LYS C 670 -22.44 -16.60 -11.41
CA LYS C 670 -23.03 -17.74 -12.09
C LYS C 670 -24.55 -17.66 -12.07
N ASP C 671 -25.13 -17.17 -10.97
CA ASP C 671 -26.58 -17.12 -10.83
C ASP C 671 -27.21 -15.98 -11.61
N SER C 672 -26.42 -14.99 -12.07
CA SER C 672 -27.02 -13.87 -12.78
C SER C 672 -27.61 -14.29 -14.13
N GLY C 673 -27.18 -15.41 -14.70
CA GLY C 673 -27.76 -15.88 -15.93
C GLY C 673 -29.19 -16.35 -15.73
N LEU C 674 -30.03 -16.09 -16.73
CA LEU C 674 -31.45 -16.40 -16.61
C LEU C 674 -31.69 -17.90 -16.70
N LEU C 675 -31.04 -18.58 -17.66
CA LEU C 675 -31.19 -20.02 -17.86
C LEU C 675 -29.83 -20.68 -17.73
N ASP C 676 -29.76 -21.72 -16.91
CA ASP C 676 -28.55 -22.53 -16.78
C ASP C 676 -28.72 -23.79 -17.63
N TYR C 677 -27.88 -23.94 -18.65
CA TYR C 677 -28.03 -25.05 -19.58
C TYR C 677 -27.86 -26.39 -18.88
N THR C 678 -26.88 -26.50 -17.98
CA THR C 678 -26.64 -27.75 -17.28
C THR C 678 -27.85 -28.17 -16.46
N GLU C 679 -28.41 -27.24 -15.68
CA GLU C 679 -29.54 -27.58 -14.83
C GLU C 679 -30.78 -27.92 -15.64
N VAL C 680 -31.04 -27.18 -16.72
CA VAL C 680 -32.20 -27.47 -17.56
C VAL C 680 -32.06 -28.84 -18.21
N GLN C 681 -30.86 -29.16 -18.74
CA GLN C 681 -30.65 -30.48 -19.31
C GLN C 681 -30.82 -31.57 -18.25
N ARG C 682 -30.28 -31.35 -17.05
CA ARG C 682 -30.41 -32.34 -16.00
C ARG C 682 -31.87 -32.59 -15.64
N ARG C 683 -32.66 -31.53 -15.52
CA ARG C 683 -34.01 -31.72 -15.03
C ARG C 683 -34.91 -32.26 -16.13
N ASN C 684 -34.69 -31.84 -17.38
CA ASN C 684 -35.48 -32.35 -18.49
C ASN C 684 -35.16 -33.80 -18.82
N GLN C 685 -33.89 -34.21 -18.67
CA GLN C 685 -33.54 -35.59 -18.96
C GLN C 685 -33.90 -36.54 -17.83
N LEU C 686 -34.40 -36.04 -16.71
CA LEU C 686 -34.98 -36.86 -15.67
C LEU C 686 -36.47 -37.09 -15.88
N HIS C 687 -37.03 -36.60 -16.99
CA HIS C 687 -38.48 -36.60 -17.15
C HIS C 687 -39.05 -38.02 -17.20
N ASP C 688 -38.40 -38.92 -17.93
CA ASP C 688 -38.90 -40.28 -18.04
C ASP C 688 -38.69 -41.04 -16.73
N LEU C 689 -37.61 -40.74 -16.01
CA LEU C 689 -37.35 -41.36 -14.72
C LEU C 689 -38.22 -40.81 -13.60
N ARG C 690 -39.04 -39.80 -13.89
CA ARG C 690 -39.97 -39.27 -12.91
C ARG C 690 -41.42 -39.59 -13.25
N PHE C 691 -41.80 -39.38 -14.51
CA PHE C 691 -43.20 -39.43 -14.93
C PHE C 691 -43.54 -40.65 -15.77
N ALA C 692 -42.54 -41.45 -16.16
CA ALA C 692 -42.79 -42.63 -17.00
C ALA C 692 -42.15 -43.87 -16.40
N ASP C 693 -42.21 -44.99 -17.12
CA ASP C 693 -41.54 -46.21 -16.70
C ASP C 693 -40.68 -46.69 -17.86
N ILE C 694 -39.37 -46.81 -17.64
CA ILE C 694 -38.45 -47.12 -18.72
C ILE C 694 -38.10 -48.61 -18.79
N ASP C 695 -38.66 -49.44 -17.91
CA ASP C 695 -38.24 -50.83 -17.81
C ASP C 695 -39.32 -51.84 -18.20
N THR C 696 -40.58 -51.58 -17.84
CA THR C 696 -41.64 -52.54 -18.07
C THR C 696 -41.86 -52.76 -19.57
N VAL C 697 -42.00 -54.02 -19.95
CA VAL C 697 -42.35 -54.40 -21.32
C VAL C 697 -43.73 -55.05 -21.26
N ILE C 698 -44.69 -54.46 -21.98
CA ILE C 698 -46.07 -54.91 -21.88
C ILE C 698 -46.22 -56.31 -22.47
N GLU D 1 27.56 56.99 4.04
CA GLU D 1 26.43 57.46 4.84
C GLU D 1 25.15 57.43 4.01
N VAL D 2 24.05 57.82 4.63
CA VAL D 2 22.76 57.88 3.95
C VAL D 2 22.65 59.20 3.20
N GLN D 3 22.38 59.13 1.91
CA GLN D 3 22.17 60.31 1.08
C GLN D 3 20.70 60.40 0.70
N LEU D 4 20.12 61.57 0.88
CA LEU D 4 18.67 61.76 0.77
C LEU D 4 18.34 62.61 -0.45
N LEU D 5 17.25 62.25 -1.12
CA LEU D 5 16.74 62.98 -2.28
C LEU D 5 15.25 63.20 -2.10
N GLU D 6 14.72 64.24 -2.75
CA GLU D 6 13.32 64.57 -2.65
C GLU D 6 12.70 64.71 -4.03
N SER D 7 11.40 64.42 -4.11
CA SER D 7 10.66 64.51 -5.36
C SER D 7 9.20 64.76 -5.07
N GLY D 8 8.48 65.25 -6.09
CA GLY D 8 7.06 65.48 -6.01
C GLY D 8 6.65 66.93 -5.87
N GLY D 9 7.60 67.84 -5.64
CA GLY D 9 7.24 69.24 -5.48
C GLY D 9 6.74 69.86 -6.77
N GLY D 10 5.84 70.82 -6.63
CA GLY D 10 5.29 71.50 -7.78
C GLY D 10 4.27 72.54 -7.33
N LEU D 11 3.83 73.34 -8.29
CA LEU D 11 2.84 74.39 -8.03
C LEU D 11 1.46 73.77 -7.90
N VAL D 12 0.82 74.00 -6.77
CA VAL D 12 -0.52 73.47 -6.49
C VAL D 12 -1.40 74.59 -5.94
N GLN D 13 -2.65 74.61 -6.37
CA GLN D 13 -3.59 75.63 -5.93
C GLN D 13 -4.02 75.37 -4.50
N PRO D 14 -4.53 76.39 -3.81
CA PRO D 14 -5.01 76.20 -2.44
C PRO D 14 -6.12 75.14 -2.39
N GLY D 15 -6.08 74.33 -1.34
CA GLY D 15 -7.04 73.25 -1.19
C GLY D 15 -6.71 71.99 -1.96
N GLY D 16 -5.58 71.94 -2.64
CA GLY D 16 -5.17 70.76 -3.38
C GLY D 16 -4.47 69.75 -2.49
N SER D 17 -3.97 68.69 -3.12
CA SER D 17 -3.29 67.61 -2.41
C SER D 17 -2.03 67.23 -3.17
N LEU D 18 -1.05 66.71 -2.44
CA LEU D 18 0.22 66.30 -3.02
C LEU D 18 0.85 65.27 -2.11
N ARG D 19 1.87 64.58 -2.63
CA ARG D 19 2.64 63.63 -1.83
C ARG D 19 4.11 63.78 -2.18
N LEU D 20 4.89 64.30 -1.23
CA LEU D 20 6.33 64.40 -1.40
C LEU D 20 7.00 63.08 -1.03
N SER D 21 8.05 62.72 -1.77
CA SER D 21 8.78 61.48 -1.55
C SER D 21 10.23 61.80 -1.21
N CYS D 22 10.73 61.19 -0.14
CA CYS D 22 12.13 61.30 0.27
C CYS D 22 12.75 59.92 0.15
N ALA D 23 13.69 59.79 -0.78
CA ALA D 23 14.35 58.52 -1.06
C ALA D 23 15.75 58.53 -0.45
N ALA D 24 16.10 57.42 0.21
CA ALA D 24 17.37 57.30 0.89
C ALA D 24 18.25 56.29 0.19
N SER D 25 19.55 56.58 0.10
CA SER D 25 20.54 55.70 -0.47
C SER D 25 21.61 55.40 0.57
N GLY D 26 22.06 54.15 0.61
CA GLY D 26 23.04 53.71 1.58
C GLY D 26 22.53 52.50 2.35
N ARG D 27 22.77 52.53 3.67
CA ARG D 27 22.34 51.44 4.54
C ARG D 27 21.74 52.02 5.81
N GLY D 28 20.88 51.22 6.44
CA GLY D 28 20.33 51.60 7.74
C GLY D 28 19.18 52.57 7.69
N PHE D 29 18.33 52.52 6.66
CA PHE D 29 17.15 53.37 6.63
C PHE D 29 16.20 53.05 7.77
N SER D 30 15.99 51.77 8.05
CA SER D 30 15.05 51.35 9.08
C SER D 30 15.49 51.78 10.48
N MET D 31 16.71 52.30 10.63
CA MET D 31 17.22 52.82 11.89
C MET D 31 17.34 54.35 11.84
N LEU D 32 16.37 55.00 11.19
CA LEU D 32 16.43 56.43 10.92
C LEU D 32 15.09 57.10 11.25
N ASN D 33 15.16 58.19 12.00
CA ASN D 33 14.00 59.03 12.32
C ASN D 33 13.88 60.09 11.23
N VAL D 34 13.13 59.75 10.18
CA VAL D 34 13.10 60.61 9.01
C VAL D 34 12.14 61.76 9.27
N GLY D 35 12.41 62.92 8.68
CA GLY D 35 11.59 64.09 8.94
C GLY D 35 11.62 65.08 7.80
N TRP D 36 10.62 65.96 7.82
CA TRP D 36 10.50 67.04 6.85
C TRP D 36 10.49 68.37 7.59
N PHE D 37 11.18 69.35 7.02
CA PHE D 37 11.29 70.70 7.55
C PHE D 37 11.04 71.69 6.42
N ARG D 38 10.21 72.71 6.67
CA ARG D 38 9.90 73.71 5.66
C ARG D 38 10.43 75.08 6.08
N GLN D 39 11.04 75.78 5.13
CA GLN D 39 11.65 77.08 5.35
C GLN D 39 10.96 78.13 4.48
N ALA D 40 10.46 79.19 5.12
CA ALA D 40 9.77 80.23 4.39
C ALA D 40 10.79 81.17 3.72
N PRO D 41 10.39 81.82 2.63
CA PRO D 41 11.30 82.79 1.99
C PRO D 41 11.61 83.95 2.92
N GLY D 42 12.89 84.30 3.02
CA GLY D 42 13.32 85.32 3.95
C GLY D 42 13.02 84.97 5.38
N LYS D 43 13.13 83.68 5.73
CA LYS D 43 12.77 83.22 7.07
C LYS D 43 13.53 81.92 7.32
N GLY D 44 13.73 81.62 8.61
CA GLY D 44 14.57 80.51 9.01
C GLY D 44 13.89 79.16 8.86
N ARG D 45 14.55 78.15 9.42
CA ARG D 45 14.12 76.77 9.34
C ARG D 45 13.19 76.42 10.51
N GLU D 46 12.08 75.75 10.21
CA GLU D 46 11.13 75.33 11.22
C GLU D 46 10.74 73.88 10.99
N PHE D 47 10.33 73.22 12.08
CA PHE D 47 9.98 71.81 12.06
C PHE D 47 8.61 71.60 11.44
N VAL D 48 8.48 70.47 10.72
CA VAL D 48 7.20 70.13 10.11
C VAL D 48 6.71 68.76 10.59
N ALA D 49 7.48 67.70 10.30
CA ALA D 49 7.00 66.37 10.64
C ALA D 49 8.17 65.42 10.81
N THR D 50 7.91 64.31 11.51
CA THR D 50 8.93 63.29 11.73
C THR D 50 8.28 61.93 11.98
N ILE D 51 8.73 60.92 11.24
CA ILE D 51 8.43 59.52 11.50
C ILE D 51 9.60 58.89 12.23
N SER D 52 9.29 58.16 13.29
CA SER D 52 10.30 57.56 14.16
C SER D 52 11.00 56.40 13.45
N TRP D 53 12.13 55.98 14.03
CA TRP D 53 12.93 54.92 13.43
C TRP D 53 12.20 53.58 13.43
N THR D 54 11.42 53.31 14.47
CA THR D 54 10.61 52.09 14.47
C THR D 54 9.40 52.21 13.56
N GLY D 55 9.03 53.43 13.17
CA GLY D 55 7.86 53.65 12.33
C GLY D 55 6.54 53.67 13.07
N GLU D 56 6.55 53.59 14.40
CA GLU D 56 5.32 53.54 15.19
C GLU D 56 4.99 54.87 15.86
N ARG D 57 5.77 55.92 15.63
CA ARG D 57 5.50 57.22 16.23
C ARG D 57 5.59 58.29 15.16
N THR D 58 4.73 59.30 15.28
CA THR D 58 4.59 60.34 14.25
C THR D 58 4.45 61.68 14.96
N TYR D 59 5.52 62.47 14.96
CA TYR D 59 5.52 63.80 15.58
C TYR D 59 5.27 64.86 14.53
N TYR D 60 4.50 65.89 14.91
CA TYR D 60 4.12 66.96 14.02
C TYR D 60 4.44 68.29 14.67
N GLY D 61 4.54 69.32 13.84
CA GLY D 61 4.76 70.66 14.35
C GLY D 61 3.56 71.20 15.08
N ASP D 62 3.79 72.28 15.83
CA ASP D 62 2.74 72.87 16.65
C ASP D 62 1.80 73.76 15.84
N SER D 63 2.07 73.96 14.55
CA SER D 63 1.25 74.85 13.73
C SER D 63 0.27 74.11 12.83
N VAL D 64 0.48 72.82 12.56
CA VAL D 64 -0.38 72.06 11.66
C VAL D 64 -0.87 70.82 12.39
N LYS D 65 -2.18 70.55 12.29
CA LYS D 65 -2.78 69.32 12.78
C LYS D 65 -3.71 68.74 11.72
N GLY D 66 -3.51 67.48 11.38
CA GLY D 66 -4.43 66.74 10.53
C GLY D 66 -4.27 66.97 9.05
N ARG D 67 -3.44 67.92 8.61
CA ARG D 67 -3.25 68.16 7.19
C ARG D 67 -2.18 67.25 6.61
N PHE D 68 -0.97 67.30 7.14
CA PHE D 68 0.17 66.57 6.61
C PHE D 68 0.36 65.28 7.38
N THR D 69 0.45 64.17 6.65
CA THR D 69 0.68 62.86 7.25
C THR D 69 1.98 62.29 6.72
N ILE D 70 2.89 61.95 7.64
CA ILE D 70 4.15 61.31 7.28
C ILE D 70 4.00 59.82 7.45
N SER D 71 4.57 59.07 6.52
CA SER D 71 4.49 57.61 6.58
C SER D 71 5.66 57.03 5.80
N ARG D 72 6.29 56.00 6.35
CA ARG D 72 7.53 55.49 5.80
C ARG D 72 7.32 54.11 5.19
N ASP D 73 7.95 53.88 4.04
CA ASP D 73 7.97 52.59 3.37
C ASP D 73 9.42 52.11 3.37
N ASN D 74 9.70 51.11 4.20
CA ASN D 74 11.06 50.59 4.31
C ASN D 74 11.45 49.74 3.11
N SER D 75 10.47 49.18 2.39
CA SER D 75 10.79 48.38 1.21
C SER D 75 11.46 49.22 0.14
N LYS D 76 10.98 50.44 -0.06
CA LYS D 76 11.59 51.38 -1.00
C LYS D 76 12.62 52.28 -0.35
N ASN D 77 12.82 52.15 0.97
CA ASN D 77 13.72 53.03 1.72
C ASN D 77 13.33 54.49 1.54
N THR D 78 12.04 54.77 1.71
CA THR D 78 11.48 56.07 1.41
C THR D 78 10.56 56.53 2.52
N ALA D 79 10.35 57.84 2.58
CA ALA D 79 9.38 58.47 3.48
C ALA D 79 8.49 59.39 2.67
N TYR D 80 7.18 59.18 2.75
CA TYR D 80 6.20 59.96 2.01
C TYR D 80 5.46 60.91 2.94
N LEU D 81 5.43 62.18 2.57
CA LEU D 81 4.67 63.20 3.28
C LEU D 81 3.47 63.58 2.41
N GLN D 82 2.28 63.15 2.84
CA GLN D 82 1.05 63.48 2.13
C GLN D 82 0.53 64.81 2.67
N MET D 83 0.45 65.80 1.78
CA MET D 83 0.14 67.17 2.13
C MET D 83 -1.24 67.50 1.59
N ASN D 84 -2.15 67.92 2.48
CA ASN D 84 -3.55 68.16 2.14
C ASN D 84 -3.93 69.59 2.46
N SER D 85 -4.76 70.16 1.60
CA SER D 85 -5.35 71.49 1.78
C SER D 85 -4.29 72.53 2.14
N LEU D 86 -3.39 72.75 1.19
CA LEU D 86 -2.31 73.72 1.40
C LEU D 86 -2.86 75.15 1.33
N ARG D 87 -2.49 75.96 2.31
CA ARG D 87 -2.84 77.37 2.32
C ARG D 87 -1.67 78.20 1.82
N ALA D 88 -1.83 79.52 1.83
CA ALA D 88 -0.77 80.41 1.38
C ALA D 88 0.46 80.29 2.26
N GLU D 89 0.26 80.22 3.57
CA GLU D 89 1.38 80.10 4.51
C GLU D 89 1.90 78.67 4.66
N ASP D 90 1.23 77.69 4.04
CA ASP D 90 1.72 76.31 4.10
C ASP D 90 2.94 76.12 3.21
N THR D 91 2.95 76.74 2.04
CA THR D 91 4.02 76.51 1.08
C THR D 91 5.35 77.07 1.60
N ALA D 92 6.43 76.34 1.32
CA ALA D 92 7.76 76.73 1.75
C ALA D 92 8.78 75.90 0.96
N VAL D 93 10.03 75.94 1.41
CA VAL D 93 11.11 75.15 0.84
C VAL D 93 11.31 73.94 1.73
N TYR D 94 11.05 72.74 1.20
CA TYR D 94 10.95 71.54 2.01
C TYR D 94 12.21 70.70 1.89
N TYR D 95 12.82 70.38 3.04
CA TYR D 95 14.00 69.54 3.12
C TYR D 95 13.68 68.28 3.92
N CYS D 96 14.28 67.17 3.50
CA CYS D 96 14.18 65.90 4.21
C CYS D 96 15.45 65.67 5.00
N ALA D 97 15.28 65.19 6.23
CA ALA D 97 16.39 64.99 7.16
C ALA D 97 16.26 63.61 7.81
N ALA D 98 17.40 63.09 8.26
CA ALA D 98 17.45 61.79 8.92
C ALA D 98 18.42 61.85 10.09
N VAL D 99 18.14 61.05 11.11
CA VAL D 99 18.97 60.98 12.31
C VAL D 99 18.83 59.59 12.92
N GLY D 100 19.88 59.12 13.57
CA GLY D 100 19.85 57.84 14.19
C GLY D 100 19.00 57.84 15.45
N PRO D 101 18.87 56.67 16.07
CA PRO D 101 18.13 56.56 17.34
C PRO D 101 18.94 57.11 18.51
N LYS D 102 19.19 58.42 18.48
CA LYS D 102 20.07 59.05 19.45
C LYS D 102 19.55 60.37 19.97
N THR D 103 18.30 60.73 19.69
CA THR D 103 17.70 61.95 20.23
C THR D 103 16.19 61.86 20.11
N TRP D 104 15.50 62.44 21.10
CA TRP D 104 14.06 62.64 21.05
C TRP D 104 13.68 64.01 20.53
N ASP D 105 14.66 64.85 20.20
CA ASP D 105 14.40 66.24 19.79
C ASP D 105 14.15 66.27 18.27
N TYR D 106 13.01 65.71 17.89
CA TYR D 106 12.63 65.68 16.48
C TYR D 106 12.21 67.05 15.96
N GLY D 107 11.78 67.95 16.84
CA GLY D 107 11.44 69.29 16.43
C GLY D 107 12.62 70.22 16.24
N LEU D 108 13.82 69.77 16.61
CA LEU D 108 15.03 70.57 16.47
C LEU D 108 15.82 70.07 15.26
N ALA D 109 16.11 70.97 14.33
CA ALA D 109 16.81 70.58 13.11
C ALA D 109 18.27 70.28 13.35
N SER D 110 18.87 70.91 14.37
CA SER D 110 20.29 70.71 14.63
C SER D 110 20.62 69.28 15.03
N GLU D 111 19.64 68.52 15.51
CA GLU D 111 19.90 67.15 15.94
C GLU D 111 20.12 66.22 14.76
N TYR D 112 19.47 66.49 13.63
CA TYR D 112 19.53 65.57 12.50
C TYR D 112 20.90 65.63 11.83
N ASP D 113 21.33 64.49 11.29
CA ASP D 113 22.66 64.34 10.72
C ASP D 113 22.67 64.38 9.19
N TYR D 114 21.65 63.82 8.54
CA TYR D 114 21.62 63.72 7.08
C TYR D 114 20.67 64.78 6.55
N TRP D 115 21.21 65.73 5.79
CA TRP D 115 20.43 66.84 5.23
C TRP D 115 20.50 66.79 3.71
N GLY D 116 19.35 66.96 3.07
CA GLY D 116 19.25 66.92 1.62
C GLY D 116 19.03 68.30 1.01
N GLN D 117 19.06 68.30 -0.33
CA GLN D 117 18.94 69.56 -1.06
C GLN D 117 17.51 70.08 -1.05
N GLY D 118 16.52 69.20 -1.06
CA GLY D 118 15.13 69.60 -1.01
C GLY D 118 14.54 69.94 -2.36
N THR D 119 13.22 70.13 -2.37
CA THR D 119 12.48 70.55 -3.55
C THR D 119 11.61 71.75 -3.21
N GLN D 120 11.25 72.50 -4.25
CA GLN D 120 10.47 73.72 -4.10
C GLN D 120 9.00 73.45 -4.39
N VAL D 121 8.13 73.89 -3.48
CA VAL D 121 6.69 73.89 -3.69
C VAL D 121 6.23 75.35 -3.63
N THR D 122 5.23 75.68 -4.43
CA THR D 122 4.75 77.05 -4.54
C THR D 122 3.23 77.06 -4.47
N VAL D 123 2.68 77.97 -3.66
CA VAL D 123 1.25 78.21 -3.59
C VAL D 123 1.01 79.69 -3.90
N SER D 124 0.28 79.95 -4.98
CA SER D 124 -0.05 81.31 -5.40
C SER D 124 -1.41 81.27 -6.09
N SER D 125 -2.28 82.20 -5.72
CA SER D 125 -3.61 82.27 -6.31
C SER D 125 -3.56 82.80 -7.74
N GLU E 1 59.04 3.85 21.57
CA GLU E 1 59.43 4.60 20.38
C GLU E 1 59.44 3.69 19.14
N VAL E 2 59.80 4.27 18.00
CA VAL E 2 59.81 3.53 16.74
C VAL E 2 61.12 2.76 16.62
N GLN E 3 61.00 1.47 16.33
CA GLN E 3 62.16 0.61 16.09
C GLN E 3 62.11 0.12 14.66
N LEU E 4 63.24 0.19 13.96
CA LEU E 4 63.29 -0.03 12.52
C LEU E 4 64.06 -1.31 12.20
N LEU E 5 63.58 -2.02 11.16
CA LEU E 5 64.22 -3.23 10.66
C LEU E 5 64.32 -3.17 9.15
N GLU E 6 65.31 -3.87 8.60
CA GLU E 6 65.53 -3.91 7.16
C GLU E 6 65.44 -5.33 6.65
N SER E 7 64.95 -5.48 5.42
CA SER E 7 64.86 -6.78 4.78
C SER E 7 64.98 -6.61 3.27
N GLY E 8 65.38 -7.69 2.61
CA GLY E 8 65.53 -7.71 1.17
C GLY E 8 66.94 -7.53 0.65
N GLY E 9 67.89 -7.18 1.52
CA GLY E 9 69.26 -6.98 1.07
C GLY E 9 69.95 -8.29 0.75
N GLY E 10 70.91 -8.21 -0.16
CA GLY E 10 71.66 -9.39 -0.58
C GLY E 10 72.61 -9.05 -1.70
N LEU E 11 73.42 -10.03 -2.07
CA LEU E 11 74.40 -9.85 -3.13
C LEU E 11 73.69 -9.74 -4.47
N VAL E 12 74.03 -8.71 -5.24
CA VAL E 12 73.39 -8.45 -6.52
C VAL E 12 74.42 -8.37 -7.64
N GLN E 13 73.97 -8.14 -8.86
CA GLN E 13 74.81 -8.06 -10.04
C GLN E 13 74.57 -6.73 -10.73
N PRO E 14 75.56 -6.24 -11.50
CA PRO E 14 75.37 -4.98 -12.24
C PRO E 14 74.18 -5.07 -13.19
N GLY E 15 73.44 -3.97 -13.28
CA GLY E 15 72.28 -3.91 -14.14
C GLY E 15 71.05 -4.61 -13.61
N GLY E 16 71.07 -5.08 -12.37
CA GLY E 16 69.94 -5.76 -11.79
C GLY E 16 68.96 -4.82 -11.10
N SER E 17 68.07 -5.40 -10.32
CA SER E 17 67.07 -4.64 -9.60
C SER E 17 66.80 -5.30 -8.25
N LEU E 18 66.34 -4.49 -7.29
CA LEU E 18 66.06 -4.99 -5.96
C LEU E 18 65.09 -4.04 -5.27
N ARG E 19 64.50 -4.50 -4.18
CA ARG E 19 63.65 -3.66 -3.34
C ARG E 19 63.98 -3.91 -1.88
N LEU E 20 64.39 -2.86 -1.18
CA LEU E 20 64.61 -2.93 0.27
C LEU E 20 63.33 -2.54 0.99
N SER E 21 63.04 -3.27 2.07
CA SER E 21 61.88 -2.99 2.90
C SER E 21 62.34 -2.57 4.29
N CYS E 22 61.83 -1.43 4.75
CA CYS E 22 62.12 -0.90 6.08
C CYS E 22 60.81 -0.95 6.88
N ALA E 23 60.79 -1.80 7.90
CA ALA E 23 59.61 -2.02 8.71
C ALA E 23 59.75 -1.29 10.04
N ALA E 24 58.71 -0.56 10.44
CA ALA E 24 58.72 0.22 11.66
C ALA E 24 57.74 -0.36 12.67
N SER E 25 58.19 -0.47 13.91
CA SER E 25 57.37 -0.93 15.02
C SER E 25 57.18 0.19 16.03
N GLY E 26 55.96 0.34 16.51
CA GLY E 26 55.63 1.41 17.43
C GLY E 26 54.45 2.24 16.98
N ARG E 27 54.51 3.55 17.19
CA ARG E 27 53.44 4.46 16.82
C ARG E 27 54.01 5.67 16.11
N GLY E 28 53.17 6.32 15.30
CA GLY E 28 53.57 7.55 14.65
C GLY E 28 54.41 7.40 13.41
N PHE E 29 54.28 6.29 12.69
CA PHE E 29 55.03 6.13 11.44
C PHE E 29 54.60 7.17 10.41
N SER E 30 53.30 7.45 10.33
CA SER E 30 52.79 8.42 9.38
C SER E 30 53.23 9.86 9.70
N MET E 31 53.79 10.09 10.88
CA MET E 31 54.33 11.39 11.27
C MET E 31 55.86 11.42 11.19
N LEU E 32 56.44 10.58 10.34
CA LEU E 32 57.89 10.42 10.26
C LEU E 32 58.39 10.65 8.84
N ASN E 33 59.43 11.46 8.71
CA ASN E 33 60.26 11.46 7.52
C ASN E 33 61.17 10.24 7.58
N VAL E 34 61.16 9.43 6.53
CA VAL E 34 61.86 8.15 6.52
C VAL E 34 62.83 8.13 5.35
N GLY E 35 64.10 7.82 5.62
CA GLY E 35 65.12 7.84 4.61
C GLY E 35 66.14 6.72 4.80
N TRP E 36 67.11 6.70 3.89
CA TRP E 36 68.17 5.70 3.88
C TRP E 36 69.53 6.39 3.87
N PHE E 37 70.50 5.78 4.53
CA PHE E 37 71.87 6.28 4.56
C PHE E 37 72.83 5.11 4.39
N ARG E 38 73.73 5.22 3.42
CA ARG E 38 74.63 4.11 3.08
C ARG E 38 76.07 4.48 3.41
N GLN E 39 76.75 3.58 4.11
CA GLN E 39 78.16 3.72 4.45
C GLN E 39 78.98 2.80 3.57
N ALA E 40 79.88 3.38 2.77
CA ALA E 40 80.78 2.60 1.94
C ALA E 40 81.89 1.98 2.79
N PRO E 41 82.46 0.85 2.36
CA PRO E 41 83.55 0.24 3.12
C PRO E 41 84.77 1.14 3.15
N GLY E 42 85.28 1.40 4.35
CA GLY E 42 86.40 2.32 4.50
C GLY E 42 86.06 3.74 4.11
N LYS E 43 84.81 4.17 4.34
CA LYS E 43 84.36 5.49 3.95
C LYS E 43 83.14 5.82 4.79
N GLY E 44 82.87 7.12 4.92
CA GLY E 44 81.81 7.59 5.78
C GLY E 44 80.42 7.29 5.24
N ARG E 45 79.43 7.66 6.04
CA ARG E 45 78.03 7.47 5.67
C ARG E 45 77.55 8.63 4.82
N GLU E 46 76.72 8.33 3.82
CA GLU E 46 76.21 9.33 2.90
C GLU E 46 74.71 9.17 2.70
N PHE E 47 74.06 10.28 2.36
CA PHE E 47 72.62 10.29 2.16
C PHE E 47 72.23 9.50 0.91
N VAL E 48 71.04 8.92 0.93
CA VAL E 48 70.56 8.13 -0.20
C VAL E 48 69.26 8.70 -0.75
N ALA E 49 68.20 8.66 0.06
CA ALA E 49 66.88 9.09 -0.37
C ALA E 49 65.95 9.12 0.84
N THR E 50 65.07 10.11 0.89
CA THR E 50 64.16 10.29 2.01
C THR E 50 62.80 10.75 1.53
N ILE E 51 61.75 10.07 1.99
CA ILE E 51 60.38 10.50 1.75
C ILE E 51 59.87 11.23 2.99
N SER E 52 59.10 12.29 2.76
CA SER E 52 58.67 13.19 3.82
C SER E 52 57.56 12.54 4.64
N TRP E 53 57.23 13.21 5.76
CA TRP E 53 56.27 12.64 6.71
C TRP E 53 54.85 12.58 6.13
N THR E 54 54.49 13.54 5.28
CA THR E 54 53.20 13.47 4.59
C THR E 54 53.27 12.59 3.35
N GLY E 55 54.46 12.20 2.91
CA GLY E 55 54.60 11.37 1.73
C GLY E 55 54.39 12.09 0.42
N GLU E 56 54.52 13.41 0.40
CA GLU E 56 54.28 14.20 -0.81
C GLU E 56 55.55 14.73 -1.46
N ARG E 57 56.69 14.64 -0.79
CA ARG E 57 57.97 15.00 -1.37
C ARG E 57 58.96 13.85 -1.20
N THR E 58 59.90 13.76 -2.14
CA THR E 58 60.86 12.66 -2.18
C THR E 58 62.23 13.25 -2.52
N TYR E 59 63.04 13.48 -1.50
CA TYR E 59 64.35 14.08 -1.67
C TYR E 59 65.38 12.98 -1.96
N TYR E 60 66.31 13.29 -2.87
CA TYR E 60 67.28 12.33 -3.35
C TYR E 60 68.68 12.89 -3.17
N GLY E 61 69.66 11.99 -3.07
CA GLY E 61 71.03 12.41 -3.02
C GLY E 61 71.50 13.00 -4.33
N ASP E 62 72.55 13.83 -4.24
CA ASP E 62 73.06 14.51 -5.44
C ASP E 62 73.74 13.54 -6.38
N SER E 63 74.32 12.45 -5.86
CA SER E 63 75.10 11.53 -6.68
C SER E 63 74.25 10.51 -7.42
N VAL E 64 72.98 10.35 -7.06
CA VAL E 64 72.10 9.38 -7.70
C VAL E 64 70.84 10.09 -8.18
N LYS E 65 70.39 9.74 -9.38
CA LYS E 65 69.17 10.29 -9.96
C LYS E 65 68.49 9.22 -10.80
N GLY E 66 67.25 8.89 -10.44
CA GLY E 66 66.46 7.93 -11.19
C GLY E 66 66.72 6.48 -10.85
N ARG E 67 67.90 6.15 -10.32
CA ARG E 67 68.21 4.75 -10.00
C ARG E 67 67.35 4.26 -8.84
N PHE E 68 67.28 5.04 -7.77
CA PHE E 68 66.59 4.65 -6.55
C PHE E 68 65.30 5.47 -6.39
N THR E 69 64.25 4.81 -5.93
CA THR E 69 62.96 5.45 -5.72
C THR E 69 62.40 4.97 -4.39
N ILE E 70 62.13 5.89 -3.48
CA ILE E 70 61.58 5.55 -2.16
C ILE E 70 60.09 5.82 -2.16
N SER E 71 59.34 4.95 -1.50
CA SER E 71 57.90 5.06 -1.38
C SER E 71 57.49 4.57 -0.01
N ARG E 72 56.28 4.91 0.40
CA ARG E 72 55.80 4.60 1.74
C ARG E 72 54.48 3.87 1.70
N ASP E 73 54.32 2.88 2.58
CA ASP E 73 53.07 2.17 2.78
C ASP E 73 52.74 2.27 4.26
N ASN E 74 51.81 3.16 4.61
CA ASN E 74 51.45 3.36 6.00
C ASN E 74 50.65 2.19 6.56
N SER E 75 49.95 1.45 5.71
CA SER E 75 49.19 0.30 6.19
C SER E 75 50.11 -0.77 6.78
N LYS E 76 51.26 -0.99 6.17
CA LYS E 76 52.26 -1.89 6.70
C LYS E 76 53.30 -1.19 7.58
N ASN E 77 53.21 0.14 7.73
CA ASN E 77 54.20 0.93 8.45
C ASN E 77 55.60 0.67 7.90
N THR E 78 55.72 0.77 6.57
CA THR E 78 56.94 0.39 5.89
C THR E 78 57.34 1.43 4.85
N ALA E 79 58.64 1.44 4.55
CA ALA E 79 59.20 2.25 3.47
C ALA E 79 59.94 1.33 2.52
N TYR E 80 59.58 1.39 1.25
CA TYR E 80 60.17 0.55 0.22
C TYR E 80 61.09 1.36 -0.67
N LEU E 81 62.33 0.91 -0.81
CA LEU E 81 63.33 1.55 -1.66
C LEU E 81 63.59 0.65 -2.85
N GLN E 82 63.07 1.03 -4.02
CA GLN E 82 63.30 0.30 -5.26
C GLN E 82 64.60 0.77 -5.87
N MET E 83 65.55 -0.15 -6.03
CA MET E 83 66.90 0.15 -6.47
C MET E 83 67.13 -0.50 -7.83
N ASN E 84 67.62 0.29 -8.79
CA ASN E 84 67.80 -0.17 -10.17
C ASN E 84 69.18 0.21 -10.66
N SER E 85 69.72 -0.62 -11.55
CA SER E 85 71.00 -0.40 -12.21
C SER E 85 72.09 -0.05 -11.21
N LEU E 86 72.37 -1.00 -10.32
CA LEU E 86 73.35 -0.80 -9.28
C LEU E 86 74.76 -0.72 -9.86
N ARG E 87 75.64 -0.05 -9.12
CA ARG E 87 77.01 0.19 -9.58
C ARG E 87 77.98 -0.11 -8.45
N ALA E 88 79.24 -0.38 -8.84
CA ALA E 88 80.27 -0.71 -7.87
C ALA E 88 80.54 0.47 -6.94
N GLU E 89 80.54 1.69 -7.49
CA GLU E 89 80.72 2.87 -6.65
C GLU E 89 79.51 3.15 -5.78
N ASP E 90 78.37 2.53 -6.05
CA ASP E 90 77.16 2.75 -5.27
C ASP E 90 77.04 1.80 -4.08
N THR E 91 77.60 0.60 -4.17
CA THR E 91 77.37 -0.40 -3.14
C THR E 91 77.94 0.03 -1.80
N ALA E 92 77.19 -0.24 -0.74
CA ALA E 92 77.54 0.15 0.62
C ALA E 92 76.68 -0.67 1.58
N VAL E 93 76.67 -0.26 2.85
CA VAL E 93 75.79 -0.83 3.86
C VAL E 93 74.70 0.18 4.16
N TYR E 94 73.45 -0.24 4.02
CA TYR E 94 72.31 0.67 4.04
C TYR E 94 71.61 0.62 5.40
N TYR E 95 71.30 1.79 5.94
CA TYR E 95 70.57 1.94 7.19
C TYR E 95 69.30 2.73 6.94
N CYS E 96 68.24 2.36 7.66
CA CYS E 96 66.98 3.09 7.64
C CYS E 96 66.96 4.08 8.79
N ALA E 97 66.55 5.32 8.50
CA ALA E 97 66.50 6.38 9.49
C ALA E 97 65.14 7.04 9.45
N ALA E 98 64.69 7.52 10.62
CA ALA E 98 63.41 8.20 10.73
C ALA E 98 63.57 9.41 11.64
N VAL E 99 62.81 10.46 11.34
CA VAL E 99 62.84 11.68 12.13
C VAL E 99 61.47 12.32 12.10
N GLY E 100 61.11 12.99 13.20
CA GLY E 100 59.84 13.66 13.28
C GLY E 100 59.78 14.87 12.36
N PRO E 101 58.61 15.51 12.31
CA PRO E 101 58.46 16.73 11.49
C PRO E 101 59.10 17.94 12.16
N LYS E 102 60.43 17.89 12.29
CA LYS E 102 61.15 18.89 13.05
C LYS E 102 62.44 19.35 12.37
N THR E 103 62.66 18.98 11.11
CA THR E 103 63.84 19.44 10.38
C THR E 103 63.59 19.26 8.88
N TRP E 104 64.16 20.18 8.10
CA TRP E 104 64.20 20.05 6.65
C TRP E 104 65.52 19.49 6.15
N ASP E 105 66.47 19.18 7.05
CA ASP E 105 67.79 18.70 6.67
C ASP E 105 67.75 17.18 6.48
N TYR E 106 67.00 16.76 5.46
CA TYR E 106 66.87 15.34 5.16
C TYR E 106 68.19 14.76 4.65
N GLY E 107 68.97 15.55 3.92
CA GLY E 107 70.26 15.06 3.45
C GLY E 107 71.22 14.78 4.58
N LEU E 108 71.26 15.66 5.58
CA LEU E 108 72.17 15.49 6.70
C LEU E 108 71.73 14.32 7.58
N ALA E 109 72.70 13.62 8.16
CA ALA E 109 72.45 12.35 8.82
C ALA E 109 72.08 12.47 10.29
N SER E 110 72.79 13.31 11.05
CA SER E 110 72.59 13.36 12.49
C SER E 110 71.24 13.94 12.89
N GLU E 111 70.51 14.55 11.95
CA GLU E 111 69.17 15.04 12.26
C GLU E 111 68.23 13.91 12.63
N TYR E 112 68.34 12.77 11.95
CA TYR E 112 67.43 11.66 12.17
C TYR E 112 67.61 11.07 13.56
N ASP E 113 66.49 10.70 14.18
CA ASP E 113 66.48 10.18 15.54
C ASP E 113 66.55 8.66 15.57
N TYR E 114 65.74 7.99 14.76
CA TYR E 114 65.60 6.54 14.79
C TYR E 114 66.61 5.92 13.83
N TRP E 115 67.55 5.16 14.36
CA TRP E 115 68.60 4.53 13.58
C TRP E 115 68.50 3.01 13.74
N GLY E 116 68.55 2.29 12.63
CA GLY E 116 68.41 0.85 12.63
C GLY E 116 69.74 0.12 12.52
N GLN E 117 69.64 -1.21 12.55
CA GLN E 117 70.85 -2.05 12.53
C GLN E 117 71.54 -1.98 11.17
N GLY E 118 70.76 -1.90 10.09
CA GLY E 118 71.32 -1.86 8.75
C GLY E 118 71.25 -3.21 8.05
N THR E 119 71.53 -3.17 6.76
CA THR E 119 71.53 -4.36 5.92
C THR E 119 72.73 -4.34 4.99
N GLN E 120 73.17 -5.51 4.57
CA GLN E 120 74.35 -5.66 3.73
C GLN E 120 73.94 -5.93 2.29
N VAL E 121 74.44 -5.10 1.38
CA VAL E 121 74.30 -5.31 -0.06
C VAL E 121 75.66 -5.11 -0.71
N THR E 122 75.99 -5.98 -1.66
CA THR E 122 77.25 -5.88 -2.37
C THR E 122 77.04 -6.33 -3.81
N VAL E 123 77.58 -5.56 -4.74
CA VAL E 123 77.52 -5.87 -6.17
C VAL E 123 78.90 -6.27 -6.64
N SER E 124 78.95 -7.22 -7.58
CA SER E 124 80.21 -7.73 -8.09
C SER E 124 79.97 -8.38 -9.44
N SER E 125 81.05 -8.51 -10.21
CA SER E 125 80.98 -9.15 -11.52
C SER E 125 81.47 -10.59 -11.45
N GLU F 1 10.25 25.31 57.36
CA GLU F 1 10.96 24.09 57.73
C GLU F 1 10.03 22.88 57.68
N VAL F 2 10.56 21.73 58.07
CA VAL F 2 9.80 20.49 58.11
C VAL F 2 9.13 20.36 59.47
N GLN F 3 7.81 20.15 59.46
CA GLN F 3 7.04 19.97 60.69
C GLN F 3 6.48 18.56 60.73
N LEU F 4 6.67 17.89 61.85
CA LEU F 4 6.38 16.47 61.97
C LEU F 4 5.20 16.22 62.91
N LEU F 5 4.38 15.24 62.57
CA LEU F 5 3.24 14.83 63.37
C LEU F 5 3.28 13.32 63.57
N GLU F 6 2.72 12.86 64.68
CA GLU F 6 2.69 11.44 65.01
C GLU F 6 1.26 10.96 65.16
N SER F 7 1.03 9.71 64.75
CA SER F 7 -0.29 9.10 64.83
C SER F 7 -0.15 7.60 65.05
N GLY F 8 -1.14 7.02 65.73
CA GLY F 8 -1.19 5.59 65.95
C GLY F 8 -0.96 5.16 67.40
N GLY F 9 -0.48 6.04 68.26
CA GLY F 9 -0.24 5.66 69.64
C GLY F 9 -1.54 5.38 70.39
N GLY F 10 -1.46 4.44 71.33
CA GLY F 10 -2.64 4.06 72.08
C GLY F 10 -2.32 2.97 73.07
N LEU F 11 -3.37 2.50 73.74
CA LEU F 11 -3.25 1.45 74.75
C LEU F 11 -3.12 0.09 74.06
N VAL F 12 -2.04 -0.62 74.34
CA VAL F 12 -1.76 -1.91 73.72
C VAL F 12 -1.30 -2.89 74.80
N GLN F 13 -1.81 -4.12 74.74
CA GLN F 13 -1.49 -5.15 75.71
C GLN F 13 -0.13 -5.78 75.41
N PRO F 14 0.47 -6.48 76.37
CA PRO F 14 1.77 -7.11 76.11
C PRO F 14 1.68 -8.10 74.96
N GLY F 15 2.74 -8.12 74.14
CA GLY F 15 2.77 -9.01 72.99
C GLY F 15 1.95 -8.55 71.81
N GLY F 16 1.42 -7.33 71.83
CA GLY F 16 0.63 -6.82 70.73
C GLY F 16 1.51 -6.23 69.63
N SER F 17 0.83 -5.70 68.61
CA SER F 17 1.49 -5.09 67.46
C SER F 17 0.85 -3.75 67.16
N LEU F 18 1.68 -2.81 66.70
CA LEU F 18 1.20 -1.47 66.40
C LEU F 18 2.05 -0.88 65.29
N ARG F 19 1.50 0.13 64.60
CA ARG F 19 2.22 0.84 63.56
C ARG F 19 2.07 2.34 63.80
N LEU F 20 3.17 2.99 64.15
CA LEU F 20 3.18 4.44 64.33
C LEU F 20 3.54 5.12 63.02
N SER F 21 2.90 6.26 62.75
CA SER F 21 3.13 7.03 61.54
C SER F 21 3.65 8.42 61.90
N CYS F 22 4.76 8.80 61.28
CA CYS F 22 5.33 10.14 61.41
C CYS F 22 5.18 10.83 60.07
N ALA F 23 4.28 11.80 60.00
CA ALA F 23 3.97 12.52 58.78
C ALA F 23 4.70 13.86 58.76
N ALA F 24 5.36 14.17 57.65
CA ALA F 24 6.16 15.37 57.51
C ALA F 24 5.44 16.37 56.60
N SER F 25 5.60 17.65 56.93
CA SER F 25 5.06 18.74 56.12
C SER F 25 6.18 19.72 55.80
N GLY F 26 6.17 20.24 54.59
CA GLY F 26 7.21 21.12 54.10
C GLY F 26 7.84 20.59 52.82
N ARG F 27 9.17 20.66 52.75
CA ARG F 27 9.90 20.19 51.60
C ARG F 27 11.17 19.47 52.05
N GLY F 28 11.69 18.63 51.17
CA GLY F 28 12.95 17.95 51.44
C GLY F 28 12.87 16.78 52.38
N PHE F 29 11.74 16.06 52.39
CA PHE F 29 11.66 14.85 53.22
C PHE F 29 12.67 13.80 52.78
N SER F 30 12.81 13.59 51.47
CA SER F 30 13.68 12.55 50.96
C SER F 30 15.15 12.81 51.25
N MET F 31 15.51 14.01 51.70
CA MET F 31 16.87 14.34 52.09
C MET F 31 17.02 14.41 53.61
N LEU F 32 16.25 13.61 54.34
CA LEU F 32 16.16 13.73 55.79
C LEU F 32 16.28 12.35 56.44
N ASN F 33 17.33 12.16 57.24
CA ASN F 33 17.34 11.06 58.20
C ASN F 33 16.20 11.26 59.19
N VAL F 34 15.39 10.22 59.37
CA VAL F 34 14.18 10.30 60.20
C VAL F 34 14.22 9.18 61.23
N GLY F 35 14.05 9.54 62.50
CA GLY F 35 14.14 8.57 63.57
C GLY F 35 13.13 8.84 64.67
N TRP F 36 13.17 7.98 65.68
CA TRP F 36 12.31 8.08 66.86
C TRP F 36 13.17 8.09 68.11
N PHE F 37 12.70 8.82 69.13
CA PHE F 37 13.36 8.87 70.42
C PHE F 37 12.31 8.75 71.52
N ARG F 38 12.51 7.81 72.44
CA ARG F 38 11.55 7.56 73.50
C ARG F 38 12.15 7.95 74.85
N GLN F 39 11.37 8.69 75.62
CA GLN F 39 11.75 9.15 76.96
C GLN F 39 10.84 8.49 77.98
N ALA F 40 11.44 7.76 78.91
CA ALA F 40 10.67 7.08 79.95
C ALA F 40 10.12 8.08 80.96
N PRO F 41 8.99 7.78 81.60
CA PRO F 41 8.46 8.68 82.62
C PRO F 41 9.42 8.78 83.81
N GLY F 42 9.67 10.02 84.24
CA GLY F 42 10.66 10.24 85.28
C GLY F 42 12.05 9.82 84.87
N LYS F 43 12.39 10.00 83.60
CA LYS F 43 13.66 9.53 83.06
C LYS F 43 13.92 10.29 81.77
N GLY F 44 15.19 10.36 81.37
CA GLY F 44 15.58 11.08 80.19
C GLY F 44 15.11 10.43 78.90
N ARG F 45 15.67 10.92 77.80
CA ARG F 45 15.33 10.46 76.46
C ARG F 45 16.40 9.52 75.94
N GLU F 46 15.99 8.50 75.20
CA GLU F 46 16.90 7.51 74.65
C GLU F 46 16.56 7.23 73.19
N PHE F 47 17.58 6.79 72.45
CA PHE F 47 17.44 6.52 71.02
C PHE F 47 16.64 5.25 70.79
N VAL F 48 15.91 5.21 69.67
CA VAL F 48 15.08 4.06 69.34
C VAL F 48 15.54 3.46 68.01
N ALA F 49 15.38 4.22 66.93
CA ALA F 49 15.66 3.74 65.59
C ALA F 49 15.70 4.95 64.66
N THR F 50 16.36 4.78 63.51
CA THR F 50 16.44 5.86 62.53
C THR F 50 16.71 5.27 61.15
N ILE F 51 15.90 5.69 60.19
CA ILE F 51 16.12 5.41 58.77
C ILE F 51 16.95 6.57 58.19
N SER F 52 17.88 6.21 57.31
CA SER F 52 18.77 7.19 56.72
C SER F 52 18.05 7.99 55.63
N TRP F 53 18.71 9.07 55.19
CA TRP F 53 18.10 9.96 54.20
C TRP F 53 17.92 9.27 52.86
N THR F 54 18.86 8.40 52.48
CA THR F 54 18.69 7.62 51.26
C THR F 54 17.70 6.47 51.44
N GLY F 55 17.39 6.10 52.69
CA GLY F 55 16.49 4.99 52.96
C GLY F 55 17.14 3.62 52.90
N GLU F 56 18.46 3.57 52.73
CA GLU F 56 19.17 2.30 52.61
C GLU F 56 19.84 1.85 53.89
N ARG F 57 19.73 2.62 54.97
CA ARG F 57 20.37 2.28 56.24
C ARG F 57 19.36 2.42 57.37
N THR F 58 19.35 1.44 58.26
CA THR F 58 18.38 1.38 59.36
C THR F 58 19.16 1.12 60.65
N TYR F 59 19.46 2.19 61.38
CA TYR F 59 20.19 2.05 62.64
C TYR F 59 19.22 1.92 63.80
N TYR F 60 19.62 1.11 64.79
CA TYR F 60 18.76 0.76 65.90
C TYR F 60 19.48 1.04 67.22
N GLY F 61 18.70 1.10 68.29
CA GLY F 61 19.27 1.27 69.61
C GLY F 61 19.96 0.01 70.11
N ASP F 62 20.72 0.18 71.18
CA ASP F 62 21.47 -0.93 71.76
C ASP F 62 20.59 -1.85 72.60
N SER F 63 19.35 -1.47 72.87
CA SER F 63 18.48 -2.24 73.75
C SER F 63 17.40 -3.04 73.01
N VAL F 64 17.16 -2.73 71.74
CA VAL F 64 16.05 -3.36 71.00
C VAL F 64 16.57 -3.91 69.68
N LYS F 65 16.20 -5.15 69.38
CA LYS F 65 16.45 -5.78 68.08
C LYS F 65 15.30 -6.71 67.77
N GLY F 66 14.88 -6.72 66.51
CA GLY F 66 13.82 -7.59 66.07
C GLY F 66 12.45 -7.24 66.59
N ARG F 67 12.30 -6.10 67.25
CA ARG F 67 11.01 -5.63 67.77
C ARG F 67 10.50 -4.40 67.04
N PHE F 68 11.37 -3.44 66.76
CA PHE F 68 10.99 -2.17 66.15
C PHE F 68 11.59 -2.11 64.75
N THR F 69 10.77 -1.78 63.76
CA THR F 69 11.21 -1.68 62.38
C THR F 69 10.80 -0.33 61.83
N ILE F 70 11.78 0.50 61.49
CA ILE F 70 11.51 1.81 60.89
C ILE F 70 11.65 1.69 59.38
N SER F 71 10.66 2.19 58.66
CA SER F 71 10.63 2.12 57.20
C SER F 71 9.94 3.36 56.67
N ARG F 72 10.55 4.00 55.67
CA ARG F 72 10.10 5.29 55.20
C ARG F 72 9.40 5.18 53.86
N ASP F 73 8.34 5.95 53.69
CA ASP F 73 7.59 6.05 52.44
C ASP F 73 7.68 7.50 51.97
N ASN F 74 8.44 7.74 50.92
CA ASN F 74 8.63 9.10 50.41
C ASN F 74 7.41 9.60 49.65
N SER F 75 6.62 8.70 49.07
CA SER F 75 5.42 9.11 48.35
C SER F 75 4.44 9.82 49.26
N LYS F 76 4.26 9.29 50.47
CA LYS F 76 3.39 9.91 51.48
C LYS F 76 4.16 10.83 52.42
N ASN F 77 5.48 10.93 52.25
CA ASN F 77 6.33 11.77 53.11
C ASN F 77 6.19 11.37 54.58
N THR F 78 6.24 10.06 54.84
CA THR F 78 6.02 9.54 56.18
C THR F 78 7.07 8.50 56.53
N ALA F 79 7.17 8.23 57.84
CA ALA F 79 8.02 7.17 58.37
C ALA F 79 7.18 6.30 59.29
N TYR F 80 7.19 5.00 59.06
CA TYR F 80 6.39 4.04 59.82
C TYR F 80 7.29 3.27 60.77
N LEU F 81 6.88 3.20 62.02
CA LEU F 81 7.54 2.39 63.05
C LEU F 81 6.63 1.21 63.37
N GLN F 82 7.01 0.03 62.91
CA GLN F 82 6.29 -1.20 63.20
C GLN F 82 6.82 -1.77 64.50
N MET F 83 5.96 -1.82 65.51
CA MET F 83 6.33 -2.19 66.87
C MET F 83 5.66 -3.52 67.20
N ASN F 84 6.48 -4.51 67.58
CA ASN F 84 6.01 -5.86 67.84
C ASN F 84 6.42 -6.32 69.23
N SER F 85 5.54 -7.10 69.87
CA SER F 85 5.80 -7.76 71.14
C SER F 85 6.36 -6.78 72.18
N LEU F 86 5.53 -5.79 72.51
CA LEU F 86 5.94 -4.78 73.47
C LEU F 86 6.02 -5.35 74.87
N ARG F 87 7.10 -5.04 75.57
CA ARG F 87 7.28 -5.41 76.96
C ARG F 87 6.90 -4.24 77.87
N ALA F 88 6.96 -4.48 79.17
CA ALA F 88 6.66 -3.41 80.13
C ALA F 88 7.66 -2.26 80.01
N GLU F 89 8.93 -2.60 79.82
CA GLU F 89 9.97 -1.58 79.67
C GLU F 89 10.03 -0.98 78.27
N ASP F 90 9.26 -1.51 77.32
CA ASP F 90 9.26 -0.95 75.97
C ASP F 90 8.52 0.38 75.93
N THR F 91 7.45 0.52 76.70
CA THR F 91 6.62 1.72 76.63
C THR F 91 7.39 2.94 77.12
N ALA F 92 7.15 4.07 76.46
CA ALA F 92 7.80 5.34 76.79
C ALA F 92 7.07 6.44 76.04
N VAL F 93 7.64 7.64 76.06
CA VAL F 93 7.09 8.81 75.37
C VAL F 93 7.86 8.98 74.07
N TYR F 94 7.19 8.76 72.94
CA TYR F 94 7.85 8.67 71.65
C TYR F 94 7.72 9.98 70.88
N TYR F 95 8.87 10.51 70.45
CA TYR F 95 8.93 11.66 69.57
C TYR F 95 9.57 11.26 68.25
N CYS F 96 9.17 11.94 67.19
CA CYS F 96 9.75 11.76 65.87
C CYS F 96 10.69 12.93 65.56
N ALA F 97 11.88 12.60 65.07
CA ALA F 97 12.92 13.60 64.81
C ALA F 97 13.44 13.43 63.40
N ALA F 98 13.92 14.54 62.84
CA ALA F 98 14.50 14.54 61.50
C ALA F 98 15.74 15.42 61.48
N VAL F 99 16.69 15.07 60.61
CA VAL F 99 17.92 15.84 60.45
C VAL F 99 18.43 15.65 59.04
N GLY F 100 19.10 16.67 58.51
CA GLY F 100 19.64 16.60 57.18
C GLY F 100 20.83 15.65 57.11
N PRO F 101 21.39 15.50 55.90
CA PRO F 101 22.57 14.63 55.72
C PRO F 101 23.84 15.32 56.19
N LYS F 102 23.92 15.56 57.50
CA LYS F 102 25.02 16.34 58.05
C LYS F 102 25.61 15.73 59.32
N THR F 103 25.24 14.49 59.66
CA THR F 103 25.81 13.82 60.83
C THR F 103 25.56 12.33 60.73
N TRP F 104 26.52 11.55 61.21
CA TRP F 104 26.35 10.10 61.37
C TRP F 104 25.92 9.72 62.78
N ASP F 105 25.77 10.70 63.67
CA ASP F 105 25.42 10.43 65.08
C ASP F 105 23.90 10.31 65.21
N TYR F 106 23.37 9.24 64.60
CA TYR F 106 21.93 9.01 64.65
C TYR F 106 21.46 8.64 66.04
N GLY F 107 22.32 7.98 66.84
CA GLY F 107 21.93 7.65 68.20
C GLY F 107 21.76 8.87 69.09
N LEU F 108 22.59 9.89 68.89
CA LEU F 108 22.52 11.08 69.71
C LEU F 108 21.29 11.91 69.36
N ALA F 109 20.55 12.32 70.39
CA ALA F 109 19.34 13.11 70.17
C ALA F 109 19.65 14.57 69.82
N SER F 110 20.75 15.11 70.35
CA SER F 110 21.06 16.52 70.13
C SER F 110 21.40 16.83 68.68
N GLU F 111 21.70 15.81 67.87
CA GLU F 111 22.07 16.06 66.48
C GLU F 111 20.87 16.43 65.61
N TYR F 112 19.68 15.93 65.94
CA TYR F 112 18.52 16.13 65.10
C TYR F 112 17.99 17.56 65.22
N ASP F 113 17.46 18.08 64.11
CA ASP F 113 16.99 19.46 64.04
C ASP F 113 15.48 19.60 64.21
N TYR F 114 14.70 18.75 63.55
CA TYR F 114 13.25 18.85 63.55
C TYR F 114 12.69 17.94 64.64
N TRP F 115 11.99 18.52 65.60
CA TRP F 115 11.43 17.80 66.73
C TRP F 115 9.92 17.99 66.76
N GLY F 116 9.18 16.90 66.95
CA GLY F 116 7.74 16.94 66.98
C GLY F 116 7.16 16.90 68.40
N GLN F 117 5.83 17.00 68.46
CA GLN F 117 5.16 17.05 69.76
C GLN F 117 5.24 15.70 70.48
N GLY F 118 5.19 14.60 69.73
CA GLY F 118 5.23 13.29 70.32
C GLY F 118 3.85 12.65 70.43
N THR F 119 3.85 11.40 70.88
CA THR F 119 2.64 10.61 71.03
C THR F 119 2.70 9.81 72.32
N GLN F 120 1.54 9.37 72.78
CA GLN F 120 1.41 8.61 74.01
C GLN F 120 1.13 7.16 73.72
N VAL F 121 1.95 6.28 74.29
CA VAL F 121 1.74 4.83 74.26
C VAL F 121 1.95 4.31 75.67
N THR F 122 1.15 3.31 76.06
CA THR F 122 1.22 2.78 77.42
C THR F 122 1.15 1.25 77.37
N VAL F 123 2.07 0.61 78.09
CA VAL F 123 2.04 -0.83 78.31
C VAL F 123 1.71 -1.06 79.78
N SER F 124 0.62 -1.79 80.03
CA SER F 124 0.15 -2.09 81.37
C SER F 124 -0.61 -3.40 81.34
N SER F 125 -0.48 -4.19 82.41
CA SER F 125 -1.15 -5.47 82.50
C SER F 125 -2.58 -5.31 83.00
#